data_9Q9H
#
_entry.id   9Q9H
#
_cell.length_a   1.00
_cell.length_b   1.00
_cell.length_c   1.00
_cell.angle_alpha   90.00
_cell.angle_beta   90.00
_cell.angle_gamma   90.00
#
_symmetry.space_group_name_H-M   'P 1'
#
loop_
_entity.id
_entity.type
_entity.pdbx_description
1 polymer 'DNA repair protein RAD50'
2 polymer 'Double-strand break repair protein MRE11'
3 polymer 'DNA (50-MER)'
4 polymer 'DNA (50-MER)'
5 non-polymer 'MAGNESIUM ION'
6 non-polymer "ADENOSINE-5'-DIPHOSPHATE"
7 non-polymer 'BERYLLIUM TRIFLUORIDE ION'
8 non-polymer 'MANGANESE (II) ION'
9 water water
#
loop_
_entity_poly.entity_id
_entity_poly.type
_entity_poly.pdbx_seq_one_letter_code
_entity_poly.pdbx_strand_id
1 'polypeptide(L)'
;MSRIEKMSILGVRSFGIEDKDKQIITFFSPLTILVGPNGAGKTTIIECLKYICTGDFPPGTKGNTFVHDPKVAQETDVRA
QIRLQFRDVNGELIAVQRSMVCTQKSKKTEFKTLEGVITRTKHGEKVSLSSKCAEIDREMISSLGVSKAVLNNVIFCHQE
DSNWPLSEGKALKQKFDEIFSATRYIKALETLRQVRQTQGQKVKEYQMELKYLKQYKEKACEIRDQITSKEAQLTSSKEI
VKSYENELDPLKNRLKEIEHNLSKIMKLDNEIKALDSRKKQMEKDNSELEEKMEKVFQGTDEQLNDLYHNHQRTVREKER
KLVDCHRELEKLNKESRLLNQEKSELLVEQGRLQLQADRHQEHIRARDSLIQSLATQLELDGFERGPFSERQIKNFHKLV
RERQEGEAKTANQLMNDFAEKETLKQKQIDEIRDKKTGLGRIIELKSEILSKKQNELKNVKYELQQLEGSSDRILELDQE
LIKAERELSKAEKNSNVETLKMEVISLQNEKADLDRTLRKLDQEMEQLNHHTTTRTQMEMLTKDKADKDEQIRKIKSRHS
DELTSLLGYFPNKKQLEDWLHSKSKEINQTRDRLAKLNKELASSEQNKNHINNELKRKEEQLSSYEDKLFDVCGSQDFES
DLDRLKEEIEKSSKQRAMLAGATAVYSQFITQLTDENQSCCPVCQRVFQTEAELQEVISDLQSKLRLAPDKLKSTESELK
KKEKRRDEMLGLVPMRQSIIDLKEKEIPELRNKLQNVNRDIQRLKNDIEEQETLLGTIMPEEESAKVCLTDVTIMERFQM
ELKDVERKIAQQAAKLQGIDLDRTVQQVNQEKQEKQHKLDTVSSKIELNRKLIQDQQEQIQHLKSTTNELKSEKLQISTN
LQRRQQLEEQTVELSTEVQSLYREIKDAKEQVSPLETTLEKFQQEKEELINKKNTSNKIAQDKLNDIKEKVKNIHGYMKD
IENYIQDGKDDYKKQKETELNKVIAQLSECEKHKEKINEDMRLMRQDIDTQKIQERWLQDNLTLRKRNEELKEVEEERKQ
HLKEMGQMQVLQMKSEHQKLEENIDNIKRNHNLALGRQKGYEEEIIHFKKELREPQFRDAEEKYREMMIVMRTTELVNKD
LDIYYKTLDQAIMKFHSMKMEEINKIIRDLWRSTYRGQDIEYIEIRSDADENVSASDKRRNYNYRVVMLKGDTALDMRGR
CSAGQKVLASLIIRLALAETFCLNCGIIALDEPTTNLDRENIESLAHALVEIIKSRSQQRNFQLLVITHDEDFVELLGRS
EYVEKFYRIKKNIDQCSEIVKCSVSSLGFNVH
;
A,B
2 'polypeptide(L)'
;MSTADALDDENTFKILVATDIHLGFMEKDAVRGNDTFVTLDEILRLAQENEVDFILLGGDLFHENKPSRKTLHTCLELLR
KYCMGDRPVQFEILSDQSVNFGFSKFPWVNYQDGNLNISIPVFSIHGNHDDPTGADALCALDILSCAGFVNHFGRSMSVE
KIDISPVLLQKGSTKIALYGLGSIPDERLYRMFVNKKVTMLRPKEDENSWFNLFVIHQNRSKHGSTNFIPEQFLDDFIDL
VIWGHEHECKIAPTKNEQQLFYISQPGSSVVTSLSPGEAVKKHVGLLRIKGRKMNMHKIPLHTVRQFFMEDIVLANHPDI
FNPDNPKVTQAIQSFCLEKIEEMLENAERERLGNSHQPEKPLVRLRVDYSGGFEPFSVLRFSQKFVDRVANPKDIIHFFR
HREQKEKTGEEINFGKLITKPSEGTTLRVEDLVKQYFQTAEKNVQLSLLTERGMGEAVQEFVDKEEKDAIEELVKYQLEK
TQRFLKERHIDALEDKIDEEVRRFRETRQKNTNEEDDEVREAMTRARALRSQSEESASAFSADDLMSIDLAEQMANDSDD
SISAATNKGRGRGRGRRGGRGQNSASRGGSQRGRADTGLETSTRSRNSKTAVSASRNMSIIDAFKSTRQQPSRNVTTKNY
SEVIEVDESDVEEDIFPTTSKTDQRWSSTSSSKIMSQSQVSKGVDFESSEDDDDDPFMNTSSLRRNRRSGGSLEVLFQGP
DYKDDDDKGTDYKDDDDK
;
D,E
3 'polydeoxyribonucleotide'
;(DT)(DT)(DT)(DT)(DT)(DT)(DT)(DT)(DT)(DT)(DT)(DT)(DT)(DT)(DT)(DT)(DT)(DT)(DT)(DT)
(DT)(DT)(DT)(DT)(DT)(DT)(DT)(DT)(DT)(DT)(DT)(DT)(DT)(DT)(DT)(DT)(DT)(DT)(DT)(DT)
(DT)(DT)(DT)(DT)(DT)(DT)(DT)(DT)(DT)(DT)
;
P
4 'polydeoxyribonucleotide'
;(DA)(DA)(DA)(DA)(DA)(DA)(DA)(DA)(DA)(DA)(DA)(DA)(DA)(DA)(DA)(DA)(DA)(DA)(DA)(DA)
(DA)(DA)(DA)(DA)(DA)(DA)(DA)(DA)(DA)(DA)(DA)(DA)(DA)(DA)(DA)(DA)(DA)(DA)(DA)(DA)
(DA)(DA)(DA)(DA)(DA)(DA)(DA)(DA)(DA)(DA)
;
T
#
# COMPACT_ATOMS: atom_id res chain seq x y z
N MET A 1 20.21 4.98 24.89
CA MET A 1 20.36 3.53 24.65
C MET A 1 19.05 2.85 24.98
N SER A 2 17.93 3.51 24.75
CA SER A 2 16.70 2.83 25.16
C SER A 2 16.59 1.55 24.34
N ARG A 3 16.30 0.45 24.99
CA ARG A 3 16.14 -0.82 24.28
C ARG A 3 14.84 -1.44 24.74
N ILE A 4 13.87 -1.63 23.86
CA ILE A 4 12.67 -2.38 24.28
C ILE A 4 13.20 -3.78 24.61
N GLU A 5 12.48 -4.60 25.35
CA GLU A 5 12.99 -5.92 25.77
C GLU A 5 11.91 -6.95 25.57
N LYS A 6 10.83 -6.92 26.33
CA LYS A 6 9.69 -7.79 26.12
C LYS A 6 8.41 -7.00 26.33
N MET A 7 7.31 -7.51 25.80
CA MET A 7 6.03 -6.84 25.93
C MET A 7 4.90 -7.86 25.78
N SER A 8 3.89 -7.72 26.63
CA SER A 8 2.76 -8.65 26.67
C SER A 8 1.49 -7.93 26.26
N ILE A 9 0.67 -8.60 25.45
CA ILE A 9 -0.56 -8.03 24.93
C ILE A 9 -1.72 -8.87 25.45
N LEU A 10 -2.73 -8.21 26.01
CA LEU A 10 -3.92 -8.90 26.47
C LEU A 10 -5.14 -8.06 26.14
N GLY A 11 -6.12 -8.65 25.46
CA GLY A 11 -7.38 -7.98 25.22
C GLY A 11 -7.33 -6.85 24.22
N VAL A 12 -6.26 -6.72 23.45
CA VAL A 12 -6.11 -5.64 22.48
C VAL A 12 -6.32 -6.22 21.08
N ARG A 13 -7.18 -5.57 20.29
CA ARG A 13 -7.53 -6.01 18.93
C ARG A 13 -8.09 -7.42 19.06
N SER A 14 -7.44 -8.44 18.50
CA SER A 14 -7.88 -9.82 18.64
C SER A 14 -6.78 -10.56 19.40
N PHE A 15 -6.85 -10.52 20.73
CA PHE A 15 -5.81 -11.13 21.54
C PHE A 15 -6.33 -11.85 22.78
N GLY A 16 -7.65 -12.10 22.87
CA GLY A 16 -8.19 -12.84 23.99
C GLY A 16 -8.39 -12.01 25.24
N ILE A 17 -9.46 -12.29 25.97
CA ILE A 17 -9.86 -11.51 27.12
C ILE A 17 -9.27 -12.07 28.41
N GLU A 18 -9.31 -13.39 28.58
CA GLU A 18 -8.85 -14.00 29.82
C GLU A 18 -7.33 -13.93 29.94
N ASP A 19 -6.85 -14.02 31.17
CA ASP A 19 -5.42 -13.93 31.45
C ASP A 19 -4.76 -15.29 31.24
N LYS A 20 -5.01 -15.90 30.08
CA LYS A 20 -4.37 -17.15 29.69
C LYS A 20 -3.82 -16.99 28.29
N ASP A 21 -4.45 -16.12 27.50
CA ASP A 21 -4.00 -15.77 26.17
C ASP A 21 -3.13 -14.52 26.16
N LYS A 22 -2.44 -14.25 27.26
CA LYS A 22 -1.54 -13.10 27.36
C LYS A 22 -0.27 -13.43 26.59
N GLN A 23 -0.26 -13.07 25.31
CA GLN A 23 0.90 -13.36 24.46
C GLN A 23 2.06 -12.44 24.83
N ILE A 24 3.26 -13.01 24.84
CA ILE A 24 4.47 -12.29 25.20
C ILE A 24 5.43 -12.35 24.01
N ILE A 25 5.96 -11.19 23.63
CA ILE A 25 6.92 -11.07 22.54
C ILE A 25 8.18 -10.42 23.08
N THR A 26 9.32 -11.07 22.89
CA THR A 26 10.61 -10.59 23.35
C THR A 26 11.39 -10.06 22.15
N PHE A 27 11.59 -8.74 22.11
CA PHE A 27 12.23 -8.12 20.96
C PHE A 27 13.72 -8.40 20.95
N PHE A 28 14.21 -8.93 19.84
CA PHE A 28 15.63 -9.21 19.67
C PHE A 28 16.34 -7.95 19.18
N SER A 29 17.67 -8.04 19.09
CA SER A 29 18.48 -6.97 18.55
C SER A 29 19.54 -7.57 17.64
N PRO A 30 19.88 -6.91 16.53
CA PRO A 30 19.31 -5.66 16.02
C PRO A 30 18.17 -5.87 15.03
N LEU A 31 17.72 -7.10 14.82
CA LEU A 31 16.67 -7.40 13.85
C LEU A 31 15.61 -8.28 14.50
N THR A 32 14.35 -7.88 14.35
CA THR A 32 13.21 -8.61 14.91
C THR A 32 12.16 -8.72 13.81
N ILE A 33 12.19 -9.84 13.08
CA ILE A 33 11.29 -10.06 11.95
C ILE A 33 9.97 -10.62 12.48
N LEU A 34 8.87 -9.96 12.10
CA LEU A 34 7.53 -10.42 12.43
C LEU A 34 6.84 -10.82 11.14
N VAL A 35 6.34 -12.05 11.08
CA VAL A 35 5.65 -12.56 9.90
C VAL A 35 4.37 -13.26 10.35
N GLY A 36 3.45 -13.43 9.41
CA GLY A 36 2.21 -14.11 9.68
C GLY A 36 1.16 -13.84 8.63
N PRO A 37 0.02 -14.51 8.71
CA PRO A 37 -1.04 -14.33 7.73
C PRO A 37 -1.66 -12.94 7.85
N ASN A 38 -2.56 -12.66 6.93
CA ASN A 38 -3.36 -11.43 7.01
C ASN A 38 -4.28 -11.50 8.21
N GLY A 39 -4.38 -10.40 8.91
CA GLY A 39 -4.99 -10.43 10.25
C GLY A 39 -3.92 -10.66 11.30
N ALA A 40 -4.10 -11.71 12.10
CA ALA A 40 -3.13 -12.10 13.12
C ALA A 40 -2.90 -10.90 14.04
N GLY A 41 -1.67 -10.52 14.35
CA GLY A 41 -1.43 -9.39 15.23
C GLY A 41 -0.19 -8.59 14.92
N LYS A 42 0.32 -8.68 13.69
CA LYS A 42 1.62 -8.09 13.36
C LYS A 42 1.61 -6.58 13.58
N THR A 43 0.65 -5.88 12.98
CA THR A 43 0.56 -4.44 13.18
C THR A 43 -0.02 -4.10 14.56
N THR A 44 -0.80 -5.01 15.14
CA THR A 44 -1.32 -4.78 16.48
C THR A 44 -0.20 -4.68 17.49
N ILE A 45 0.90 -5.41 17.28
CA ILE A 45 2.04 -5.32 18.19
C ILE A 45 2.65 -3.92 18.16
N ILE A 46 2.81 -3.35 16.96
CA ILE A 46 3.34 -2.00 16.86
C ILE A 46 2.34 -0.99 17.44
N GLU A 47 1.04 -1.24 17.25
CA GLU A 47 0.03 -0.38 17.85
C GLU A 47 0.14 -0.38 19.37
N CYS A 48 0.31 -1.57 19.96
CA CYS A 48 0.47 -1.67 21.40
C CYS A 48 1.75 -1.00 21.87
N LEU A 49 2.84 -1.14 21.11
CA LEU A 49 4.09 -0.47 21.47
C LEU A 49 3.91 1.03 21.49
N LYS A 50 3.26 1.58 20.47
CA LYS A 50 3.03 3.02 20.41
C LYS A 50 2.10 3.47 21.53
N TYR A 51 1.06 2.68 21.83
CA TYR A 51 0.15 3.04 22.90
C TYR A 51 0.86 3.05 24.26
N ILE A 52 1.74 2.09 24.48
CA ILE A 52 2.50 2.08 25.73
C ILE A 52 3.46 3.26 25.79
N CYS A 53 4.14 3.55 24.69
CA CYS A 53 5.16 4.59 24.72
C CYS A 53 4.54 5.98 24.85
N THR A 54 3.44 6.23 24.13
CA THR A 54 2.85 7.56 24.06
C THR A 54 1.42 7.65 24.58
N GLY A 55 0.62 6.61 24.41
CA GLY A 55 -0.79 6.66 24.73
C GLY A 55 -1.70 7.00 23.58
N ASP A 56 -1.16 7.09 22.37
CA ASP A 56 -1.93 7.47 21.19
C ASP A 56 -2.42 6.23 20.46
N PHE A 57 -3.71 6.19 20.17
CA PHE A 57 -4.31 5.07 19.48
C PHE A 57 -4.00 5.12 17.99
N PRO A 58 -4.13 3.99 17.29
CA PRO A 58 -3.86 3.98 15.86
C PRO A 58 -4.80 4.94 15.14
N PRO A 59 -4.37 5.49 14.00
CA PRO A 59 -5.20 6.45 13.29
C PRO A 59 -6.50 5.82 12.79
N GLY A 60 -7.53 6.65 12.70
CA GLY A 60 -8.84 6.20 12.28
C GLY A 60 -9.61 5.42 13.32
N THR A 61 -9.01 5.17 14.47
CA THR A 61 -9.64 4.38 15.53
C THR A 61 -9.44 5.11 16.85
N LYS A 62 -10.53 5.25 17.61
CA LYS A 62 -10.47 5.73 18.98
C LYS A 62 -10.21 4.54 19.89
N GLY A 63 -10.37 4.72 21.20
CA GLY A 63 -10.21 3.61 22.11
C GLY A 63 -11.31 2.58 22.02
N ASN A 64 -12.43 2.92 21.37
CA ASN A 64 -13.56 1.99 21.27
C ASN A 64 -13.21 0.75 20.47
N THR A 65 -12.49 0.91 19.36
CA THR A 65 -12.15 -0.23 18.51
C THR A 65 -10.79 -0.83 18.80
N PHE A 66 -9.92 -0.11 19.52
CA PHE A 66 -8.61 -0.66 19.86
C PHE A 66 -8.76 -1.88 20.76
N VAL A 67 -9.65 -1.81 21.75
CA VAL A 67 -9.84 -2.94 22.66
C VAL A 67 -10.58 -4.06 21.94
N HIS A 68 -10.43 -5.28 22.47
CA HIS A 68 -11.20 -6.41 21.98
C HIS A 68 -12.68 -6.12 22.11
N ASP A 69 -13.43 -6.34 21.04
CA ASP A 69 -14.83 -5.96 21.00
C ASP A 69 -15.62 -6.78 22.02
N PRO A 70 -16.38 -6.14 22.90
CA PRO A 70 -17.19 -6.93 23.86
C PRO A 70 -18.21 -7.83 23.18
N LYS A 71 -18.77 -7.43 22.05
CA LYS A 71 -19.72 -8.29 21.36
C LYS A 71 -19.05 -9.56 20.84
N VAL A 72 -17.87 -9.43 20.23
CA VAL A 72 -17.16 -10.60 19.74
C VAL A 72 -16.74 -11.49 20.89
N ALA A 73 -16.26 -10.91 21.98
CA ALA A 73 -15.88 -11.67 23.16
C ALA A 73 -17.10 -12.22 23.92
N GLN A 74 -18.31 -11.81 23.53
CA GLN A 74 -19.53 -12.23 24.21
C GLN A 74 -19.50 -11.88 25.70
N GLU A 75 -19.01 -10.68 26.00
CA GLU A 75 -18.92 -10.20 27.38
C GLU A 75 -19.50 -8.79 27.45
N THR A 76 -19.96 -8.43 28.64
CA THR A 76 -20.47 -7.07 28.86
C THR A 76 -19.34 -6.06 28.85
N ASP A 77 -18.18 -6.43 29.38
CA ASP A 77 -17.01 -5.55 29.42
C ASP A 77 -15.77 -6.36 29.10
N VAL A 78 -14.78 -5.69 28.52
CA VAL A 78 -13.50 -6.30 28.17
C VAL A 78 -12.38 -5.49 28.80
N ARG A 79 -11.52 -6.16 29.54
CA ARG A 79 -10.37 -5.52 30.18
C ARG A 79 -9.11 -5.87 29.40
N ALA A 80 -8.42 -4.85 28.91
CA ALA A 80 -7.20 -5.03 28.14
C ALA A 80 -6.03 -4.42 28.88
N GLN A 81 -4.85 -4.99 28.68
CA GLN A 81 -3.64 -4.47 29.31
C GLN A 81 -2.45 -4.79 28.42
N ILE A 82 -1.51 -3.84 28.35
CA ILE A 82 -0.25 -4.01 27.66
C ILE A 82 0.87 -3.69 28.64
N ARG A 83 1.81 -4.60 28.80
CA ARG A 83 2.92 -4.42 29.71
C ARG A 83 4.22 -4.48 28.91
N LEU A 84 4.93 -3.37 28.84
CA LEU A 84 6.20 -3.29 28.15
C LEU A 84 7.33 -3.20 29.17
N GLN A 85 8.34 -4.05 29.01
CA GLN A 85 9.54 -4.01 29.82
C GLN A 85 10.69 -3.56 28.93
N PHE A 86 11.39 -2.52 29.35
CA PHE A 86 12.40 -1.89 28.51
C PHE A 86 13.48 -1.28 29.40
N ARG A 87 14.51 -0.73 28.76
CA ARG A 87 15.58 -0.01 29.43
C ARG A 87 15.60 1.43 28.94
N ASP A 88 15.84 2.35 29.85
CA ASP A 88 15.90 3.76 29.50
C ASP A 88 17.32 4.17 29.12
N VAL A 89 17.52 5.47 28.87
CA VAL A 89 18.78 5.96 28.32
C VAL A 89 19.94 5.68 29.24
N ASN A 90 19.69 5.61 30.55
CA ASN A 90 20.72 5.33 31.54
C ASN A 90 20.88 3.83 31.80
N GLY A 91 20.21 2.99 31.02
CA GLY A 91 20.35 1.55 31.15
C GLY A 91 19.81 0.97 32.43
N GLU A 92 18.66 1.45 32.89
CA GLU A 92 17.98 0.91 34.06
C GLU A 92 16.65 0.29 33.64
N LEU A 93 16.30 -0.84 34.27
CA LEU A 93 15.14 -1.60 33.85
C LEU A 93 13.85 -0.93 34.33
N ILE A 94 12.94 -0.68 33.39
CA ILE A 94 11.63 -0.11 33.67
C ILE A 94 10.57 -0.98 33.02
N ALA A 95 9.43 -1.12 33.71
CA ALA A 95 8.31 -1.89 33.21
C ALA A 95 7.04 -1.09 33.41
N VAL A 96 6.33 -0.80 32.31
CA VAL A 96 5.12 0.02 32.35
C VAL A 96 3.97 -0.82 31.82
N GLN A 97 2.88 -0.86 32.58
CA GLN A 97 1.70 -1.65 32.25
C GLN A 97 0.48 -0.75 32.22
N ARG A 98 -0.05 -0.51 31.03
CA ARG A 98 -1.26 0.27 30.86
C ARG A 98 -2.47 -0.64 30.81
N SER A 99 -3.63 -0.08 31.15
CA SER A 99 -4.87 -0.84 31.19
C SER A 99 -5.99 -0.03 30.57
N MET A 100 -7.04 -0.73 30.15
CA MET A 100 -8.21 -0.08 29.58
C MET A 100 -9.40 -1.02 29.70
N VAL A 101 -10.60 -0.45 29.71
CA VAL A 101 -11.84 -1.21 29.81
C VAL A 101 -12.82 -0.68 28.77
N CYS A 102 -13.32 -1.57 27.92
CA CYS A 102 -14.30 -1.16 26.92
C CYS A 102 -15.67 -0.92 27.54
N THR A 103 -16.09 -1.81 28.45
CA THR A 103 -17.36 -1.72 29.20
C THR A 103 -18.50 -1.21 28.32
N GLN A 104 -18.81 -1.97 27.28
CA GLN A 104 -19.90 -1.62 26.39
C GLN A 104 -21.22 -1.53 27.15
N LYS A 105 -21.95 -0.44 26.93
CA LYS A 105 -23.26 -0.22 27.53
C LYS A 105 -24.29 -0.03 26.42
N SER A 106 -25.39 -0.77 26.51
CA SER A 106 -26.50 -0.66 25.56
C SER A 106 -25.98 -0.98 24.16
N LYS A 107 -26.10 -0.07 23.19
CA LYS A 107 -25.65 -0.33 21.83
C LYS A 107 -24.27 0.26 21.56
N LYS A 108 -23.96 1.41 22.17
CA LYS A 108 -22.71 2.10 21.91
C LYS A 108 -21.68 1.74 22.97
N THR A 109 -20.54 1.22 22.55
CA THR A 109 -19.47 0.86 23.47
C THR A 109 -18.80 2.12 24.01
N GLU A 110 -18.08 1.94 25.12
CA GLU A 110 -17.40 3.04 25.80
C GLU A 110 -15.91 2.71 25.92
N PHE A 111 -15.21 3.50 26.71
CA PHE A 111 -13.79 3.30 26.92
C PHE A 111 -13.35 4.04 28.17
N LYS A 112 -12.33 3.52 28.83
CA LYS A 112 -11.81 4.12 30.05
C LYS A 112 -10.40 3.63 30.28
N THR A 113 -9.47 4.57 30.45
CA THR A 113 -8.07 4.24 30.67
C THR A 113 -7.85 4.06 32.18
N LEU A 114 -7.61 2.82 32.60
CA LEU A 114 -7.30 2.56 33.99
C LEU A 114 -5.88 3.04 34.31
N GLU A 115 -5.58 3.12 35.60
CA GLU A 115 -4.28 3.60 36.04
C GLU A 115 -3.18 2.63 35.63
N GLY A 116 -2.07 3.18 35.16
CA GLY A 116 -0.93 2.39 34.75
C GLY A 116 -0.02 2.04 35.92
N VAL A 117 1.08 1.37 35.59
CA VAL A 117 2.07 0.94 36.56
C VAL A 117 3.46 1.31 36.04
N ILE A 118 4.34 1.76 36.94
CA ILE A 118 5.69 2.18 36.58
C ILE A 118 6.67 1.32 37.35
N THR A 119 6.35 0.03 37.50
CA THR A 119 7.23 -0.93 38.16
C THR A 119 8.67 -0.75 37.70
N ARG A 120 9.56 -0.49 38.65
CA ARG A 120 10.95 -0.17 38.33
C ARG A 120 11.83 -0.56 39.50
N THR A 121 12.97 -1.17 39.20
CA THR A 121 13.87 -1.66 40.22
C THR A 121 14.69 -0.52 40.83
N LYS A 122 14.71 -0.46 42.16
CA LYS A 122 15.53 0.50 42.91
C LYS A 122 16.07 -0.25 44.12
N HIS A 123 17.27 -0.83 43.98
CA HIS A 123 17.83 -1.73 44.98
C HIS A 123 16.87 -2.86 45.30
N GLY A 124 16.24 -3.40 44.25
CA GLY A 124 15.24 -4.43 44.43
C GLY A 124 13.90 -3.94 44.92
N GLU A 125 13.59 -2.65 44.71
CA GLU A 125 12.32 -2.11 45.19
C GLU A 125 11.14 -2.73 44.43
N LYS A 126 11.21 -2.73 43.10
CA LYS A 126 10.12 -3.21 42.26
C LYS A 126 8.80 -2.52 42.62
N VAL A 127 8.87 -1.21 42.82
CA VAL A 127 7.71 -0.45 43.27
C VAL A 127 6.69 -0.34 42.13
N SER A 128 5.54 -0.96 42.31
CA SER A 128 4.48 -0.94 41.31
C SER A 128 3.51 0.23 41.55
N LEU A 129 4.05 1.44 41.64
CA LEU A 129 3.22 2.60 41.90
C LEU A 129 2.28 2.88 40.74
N SER A 130 1.03 3.20 41.06
CA SER A 130 0.02 3.50 40.05
C SER A 130 0.09 4.96 39.65
N SER A 131 -0.01 5.21 38.35
CA SER A 131 0.15 6.55 37.81
C SER A 131 -0.99 6.87 36.85
N LYS A 132 -1.30 8.15 36.72
CA LYS A 132 -2.31 8.61 35.78
C LYS A 132 -1.74 8.59 34.37
N CYS A 133 -2.60 8.88 33.38
CA CYS A 133 -2.18 8.86 31.99
C CYS A 133 -1.09 9.88 31.73
N ALA A 134 -1.24 11.10 32.25
CA ALA A 134 -0.26 12.15 32.02
C ALA A 134 1.09 11.80 32.63
N GLU A 135 1.08 11.28 33.86
CA GLU A 135 2.33 10.89 34.49
C GLU A 135 3.00 9.76 33.72
N ILE A 136 2.22 8.78 33.27
CA ILE A 136 2.75 7.67 32.49
C ILE A 136 3.42 8.20 31.23
N ASP A 137 2.73 9.09 30.50
CA ASP A 137 3.27 9.62 29.26
C ASP A 137 4.54 10.41 29.49
N ARG A 138 4.54 11.30 30.49
CA ARG A 138 5.72 12.12 30.75
C ARG A 138 6.90 11.25 31.19
N GLU A 139 6.64 10.23 31.99
CA GLU A 139 7.72 9.35 32.43
C GLU A 139 8.29 8.56 31.25
N MET A 140 7.42 8.03 30.39
CA MET A 140 7.90 7.30 29.22
C MET A 140 8.71 8.19 28.29
N ILE A 141 8.24 9.41 28.06
CA ILE A 141 8.97 10.33 27.19
C ILE A 141 10.33 10.67 27.79
N SER A 142 10.37 10.93 29.10
CA SER A 142 11.63 11.26 29.75
C SER A 142 12.62 10.09 29.70
N SER A 143 12.11 8.87 29.91
CA SER A 143 13.00 7.72 29.98
C SER A 143 13.51 7.31 28.60
N LEU A 144 12.64 7.33 27.59
CA LEU A 144 13.05 6.94 26.25
C LEU A 144 13.94 7.99 25.58
N GLY A 145 13.86 9.23 26.03
CA GLY A 145 14.69 10.29 25.46
C GLY A 145 14.19 10.85 24.15
N VAL A 146 13.01 10.44 23.68
CA VAL A 146 12.45 10.94 22.45
C VAL A 146 11.05 11.46 22.72
N SER A 147 10.69 12.54 22.03
CA SER A 147 9.42 13.21 22.26
C SER A 147 8.26 12.34 21.76
N LYS A 148 7.04 12.76 22.12
CA LYS A 148 5.86 12.02 21.71
C LYS A 148 5.70 12.00 20.20
N ALA A 149 5.99 13.13 19.55
CA ALA A 149 5.82 13.20 18.11
C ALA A 149 6.77 12.26 17.38
N VAL A 150 8.03 12.19 17.83
CA VAL A 150 8.99 11.29 17.21
C VAL A 150 8.53 9.85 17.37
N LEU A 151 8.13 9.48 18.59
CA LEU A 151 7.64 8.13 18.84
C LEU A 151 6.42 7.80 17.97
N ASN A 152 5.55 8.78 17.76
CA ASN A 152 4.32 8.53 17.01
C ASN A 152 4.57 8.44 15.51
N ASN A 153 5.50 9.22 14.97
CA ASN A 153 5.68 9.32 13.53
C ASN A 153 6.91 8.59 13.01
N VAL A 154 8.08 8.81 13.62
CA VAL A 154 9.31 8.24 13.09
C VAL A 154 9.50 6.80 13.56
N ILE A 155 9.41 6.57 14.87
CA ILE A 155 9.73 5.25 15.41
C ILE A 155 8.61 4.26 15.15
N PHE A 156 7.43 4.50 15.72
CA PHE A 156 6.31 3.59 15.61
C PHE A 156 5.26 4.26 14.72
N CYS A 157 5.41 4.08 13.41
CA CYS A 157 4.48 4.63 12.43
C CYS A 157 3.49 3.54 12.04
N HIS A 158 2.20 3.85 12.15
CA HIS A 158 1.17 2.90 11.77
C HIS A 158 1.21 2.66 10.26
N GLN A 159 0.79 1.45 9.87
CA GLN A 159 0.75 1.12 8.45
C GLN A 159 -0.18 2.06 7.69
N GLU A 160 -1.36 2.32 8.24
CA GLU A 160 -2.29 3.25 7.60
C GLU A 160 -1.73 4.66 7.60
N ASP A 161 -1.11 5.09 8.70
CA ASP A 161 -0.53 6.42 8.79
C ASP A 161 0.93 6.43 8.36
N SER A 162 1.20 5.85 7.20
CA SER A 162 2.48 5.97 6.54
C SER A 162 2.32 6.88 5.34
N ASN A 163 3.45 7.22 4.72
CA ASN A 163 3.49 8.22 3.66
C ASN A 163 2.94 9.56 4.14
N TRP A 164 3.08 9.82 5.44
CA TRP A 164 2.69 11.10 6.02
C TRP A 164 3.59 12.24 5.56
N PRO A 165 4.85 12.02 5.16
CA PRO A 165 5.57 13.11 4.48
C PRO A 165 4.90 13.55 3.20
N LEU A 166 4.24 12.63 2.50
CA LEU A 166 3.50 12.96 1.28
C LEU A 166 2.04 13.30 1.59
N SER A 167 1.86 14.22 2.52
CA SER A 167 0.54 14.67 2.96
C SER A 167 0.35 16.14 2.57
N GLU A 168 -0.81 16.67 2.94
CA GLU A 168 -1.13 18.05 2.61
C GLU A 168 -0.22 19.01 3.38
N GLY A 169 -0.28 20.28 2.99
CA GLY A 169 0.62 21.26 3.59
C GLY A 169 0.38 21.45 5.07
N LYS A 170 -0.88 21.57 5.48
CA LYS A 170 -1.19 21.77 6.89
C LYS A 170 -0.83 20.53 7.72
N ALA A 171 -1.12 19.34 7.20
CA ALA A 171 -0.81 18.12 7.94
C ALA A 171 0.69 17.97 8.15
N LEU A 172 1.47 18.18 7.07
CA LEU A 172 2.92 18.09 7.19
C LEU A 172 3.47 19.18 8.10
N LYS A 173 2.91 20.38 8.02
CA LYS A 173 3.34 21.46 8.90
C LYS A 173 3.10 21.10 10.36
N GLN A 174 2.06 20.40 10.68
CA GLN A 174 1.75 20.19 12.09
C GLN A 174 2.32 18.88 12.52
N LYS A 175 3.18 18.30 11.70
CA LYS A 175 3.83 17.05 12.09
C LYS A 175 5.28 17.39 12.24
N PHE A 176 5.70 18.52 11.71
CA PHE A 176 7.08 18.95 11.85
C PHE A 176 7.08 20.19 12.71
N ASP A 177 6.12 20.35 13.59
CA ASP A 177 6.11 21.47 14.54
C ASP A 177 5.89 20.76 15.83
N GLU A 178 5.65 19.47 15.71
CA GLU A 178 5.50 18.62 16.90
C GLU A 178 6.77 17.79 16.95
N ILE A 179 7.42 17.53 15.81
CA ILE A 179 8.74 16.84 15.76
C ILE A 179 9.78 17.88 16.17
N PHE A 180 9.60 19.13 15.78
CA PHE A 180 10.54 20.22 16.12
C PHE A 180 10.13 20.92 17.41
N SER A 181 9.16 20.39 18.16
CA SER A 181 8.80 20.90 19.48
C SER A 181 8.58 22.41 19.45
N ALA A 182 7.70 22.83 18.54
CA ALA A 182 7.26 24.22 18.45
C ALA A 182 5.75 24.33 18.53
N THR A 183 5.09 23.35 19.17
CA THR A 183 3.63 23.34 19.21
C THR A 183 3.09 24.47 20.08
N ARG A 184 3.81 24.84 21.14
CA ARG A 184 3.33 25.90 22.02
C ARG A 184 3.27 27.24 21.30
N TYR A 185 4.28 27.55 20.50
CA TYR A 185 4.31 28.81 19.78
C TYR A 185 3.20 28.88 18.72
N ILE A 186 2.89 27.77 18.07
CA ILE A 186 1.79 27.76 17.11
C ILE A 186 0.42 27.71 17.78
N LYS A 187 0.36 27.24 19.02
CA LYS A 187 -0.89 27.32 19.79
C LYS A 187 -1.07 28.77 20.13
N ALA A 188 -0.01 29.49 20.45
CA ALA A 188 -0.09 30.94 20.65
C ALA A 188 -0.47 31.67 19.37
N LEU A 189 0.03 31.20 18.23
CA LEU A 189 -0.38 31.78 16.94
C LEU A 189 -1.87 31.63 16.72
N GLU A 190 -2.41 30.44 16.97
CA GLU A 190 -3.85 30.23 16.84
C GLU A 190 -4.63 31.06 17.84
N THR A 191 -4.09 31.25 19.06
CA THR A 191 -4.74 32.12 20.02
C THR A 191 -4.80 33.55 19.52
N LEU A 192 -3.70 34.04 18.94
CA LEU A 192 -3.69 35.38 18.36
C LEU A 192 -4.71 35.50 17.23
N ARG A 193 -4.78 34.51 16.36
CA ARG A 193 -5.74 34.55 15.26
C ARG A 193 -7.18 34.53 15.79
N GLN A 194 -7.45 33.70 16.79
CA GLN A 194 -8.79 33.64 17.35
C GLN A 194 -9.18 34.95 18.02
N VAL A 195 -8.24 35.57 18.75
CA VAL A 195 -8.52 36.85 19.38
C VAL A 195 -8.81 37.90 18.31
N ARG A 196 -7.99 37.94 17.24
CA ARG A 196 -8.21 38.92 16.19
C ARG A 196 -9.57 38.72 15.54
N GLN A 197 -9.94 37.47 15.25
CA GLN A 197 -11.23 37.22 14.62
C GLN A 197 -12.39 37.57 15.56
N THR A 198 -12.24 37.32 16.86
CA THR A 198 -13.28 37.70 17.80
C THR A 198 -13.46 39.21 17.85
N GLN A 199 -12.34 39.95 17.87
CA GLN A 199 -12.46 41.41 17.89
C GLN A 199 -13.01 41.95 16.58
N GLY A 200 -12.70 41.30 15.45
CA GLY A 200 -13.32 41.68 14.20
C GLY A 200 -14.82 41.44 14.20
N GLN A 201 -15.34 40.45 14.81
CA GLN A 201 -16.80 40.19 14.86
C GLN A 201 -17.44 41.13 15.87
N LYS A 202 -16.68 41.53 16.91
CA LYS A 202 -17.21 42.61 17.75
C LYS A 202 -17.30 43.91 17.00
N VAL A 203 -16.29 44.23 16.18
CA VAL A 203 -16.31 45.46 15.40
C VAL A 203 -17.46 45.44 14.38
N LYS A 204 -17.68 44.28 13.76
CA LYS A 204 -18.78 44.18 12.80
C LYS A 204 -20.12 44.40 13.48
N GLU A 205 -20.29 43.86 14.70
CA GLU A 205 -21.51 44.16 15.45
C GLU A 205 -21.59 45.64 15.82
N TYR A 206 -20.46 46.22 16.22
CA TYR A 206 -20.41 47.63 16.57
C TYR A 206 -20.73 48.54 15.39
N GLN A 207 -20.57 48.06 14.16
CA GLN A 207 -20.98 48.88 13.02
C GLN A 207 -22.45 49.25 13.10
N MET A 208 -23.33 48.25 13.21
CA MET A 208 -24.75 48.53 13.31
C MET A 208 -25.12 49.15 14.66
N GLU A 209 -24.43 48.77 15.74
CA GLU A 209 -24.66 49.43 17.00
C GLU A 209 -24.38 50.93 16.90
N LEU A 210 -23.30 51.30 16.24
CA LEU A 210 -22.95 52.70 16.03
C LEU A 210 -23.95 53.39 15.12
N LYS A 211 -24.43 52.71 14.09
CA LYS A 211 -25.45 53.31 13.23
C LYS A 211 -26.69 53.69 14.03
N TYR A 212 -27.19 52.76 14.84
CA TYR A 212 -28.40 53.04 15.61
C TYR A 212 -28.15 54.06 16.71
N LEU A 213 -26.98 54.03 17.34
CA LEU A 213 -26.64 55.05 18.33
C LEU A 213 -26.52 56.42 17.70
N LYS A 214 -26.00 56.50 16.48
CA LYS A 214 -25.94 57.76 15.76
C LYS A 214 -27.33 58.29 15.46
N GLN A 215 -28.24 57.41 15.02
CA GLN A 215 -29.62 57.84 14.80
C GLN A 215 -30.25 58.38 16.08
N TYR A 216 -30.05 57.68 17.20
CA TYR A 216 -30.56 58.16 18.47
C TYR A 216 -29.95 59.50 18.85
N LYS A 217 -28.65 59.69 18.57
CA LYS A 217 -27.99 60.94 18.90
C LYS A 217 -28.56 62.10 18.08
N GLU A 218 -28.79 61.89 16.78
CA GLU A 218 -29.41 62.94 15.98
C GLU A 218 -30.79 63.29 16.51
N LYS A 219 -31.59 62.27 16.83
CA LYS A 219 -32.93 62.56 17.37
C LYS A 219 -32.83 63.35 18.67
N ALA A 220 -31.94 62.93 19.58
CA ALA A 220 -31.83 63.60 20.86
C ALA A 220 -31.35 65.04 20.71
N CYS A 221 -30.38 65.27 19.82
CA CYS A 221 -29.91 66.63 19.61
C CYS A 221 -30.98 67.51 18.97
N GLU A 222 -31.77 66.95 18.05
CA GLU A 222 -32.86 67.72 17.46
C GLU A 222 -33.89 68.12 18.51
N ILE A 223 -34.28 67.17 19.36
CA ILE A 223 -35.27 67.52 20.38
C ILE A 223 -34.68 68.46 21.43
N ARG A 224 -33.39 68.36 21.73
CA ARG A 224 -32.79 69.35 22.67
C ARG A 224 -32.85 70.74 22.02
N ASP A 225 -32.38 70.87 20.78
CA ASP A 225 -32.41 72.18 20.13
C ASP A 225 -33.82 72.75 20.12
N GLN A 226 -34.81 71.90 19.82
CA GLN A 226 -36.20 72.35 19.82
C GLN A 226 -36.73 72.64 21.23
N ILE A 227 -36.13 72.05 22.26
CA ILE A 227 -36.43 72.41 23.63
C ILE A 227 -35.90 73.80 23.95
N THR A 228 -34.63 74.04 23.60
CA THR A 228 -34.02 75.33 23.92
C THR A 228 -34.71 76.47 23.17
N SER A 229 -35.04 76.26 21.89
CA SER A 229 -35.72 77.30 21.14
C SER A 229 -37.10 77.59 21.73
N LYS A 230 -37.83 76.54 22.14
CA LYS A 230 -39.15 76.74 22.72
C LYS A 230 -39.05 77.48 24.05
N GLU A 231 -38.07 77.13 24.88
CA GLU A 231 -37.89 77.84 26.14
C GLU A 231 -37.55 79.31 25.91
N ALA A 232 -36.68 79.59 24.94
CA ALA A 232 -36.34 80.97 24.62
C ALA A 232 -37.58 81.74 24.15
N GLN A 233 -38.40 81.12 23.30
CA GLN A 233 -39.63 81.76 22.86
C GLN A 233 -40.56 82.04 24.03
N LEU A 234 -40.69 81.07 24.94
CA LEU A 234 -41.56 81.23 26.10
C LEU A 234 -41.13 82.42 26.95
N THR A 235 -39.84 82.47 27.31
CA THR A 235 -39.39 83.55 28.18
C THR A 235 -39.42 84.91 27.48
N SER A 236 -39.06 84.95 26.18
CA SER A 236 -39.10 86.21 25.45
C SER A 236 -40.53 86.75 25.36
N SER A 237 -41.49 85.90 25.00
CA SER A 237 -42.88 86.33 24.98
C SER A 237 -43.37 86.74 26.35
N LYS A 238 -42.97 86.01 27.40
CA LYS A 238 -43.38 86.37 28.75
C LYS A 238 -42.95 87.77 29.10
N GLU A 239 -41.66 88.06 28.96
CA GLU A 239 -41.15 89.36 29.37
C GLU A 239 -41.40 90.45 28.34
N ILE A 240 -41.93 90.10 27.16
CA ILE A 240 -42.30 91.11 26.19
C ILE A 240 -43.74 91.56 26.40
N VAL A 241 -44.67 90.60 26.54
CA VAL A 241 -46.08 90.96 26.57
C VAL A 241 -46.60 91.16 27.98
N LYS A 242 -45.97 90.54 28.99
CA LYS A 242 -46.39 90.78 30.36
C LYS A 242 -46.13 92.22 30.78
N SER A 243 -45.13 92.88 30.17
CA SER A 243 -44.85 94.27 30.47
C SER A 243 -45.80 95.22 29.73
N ARG A 1069 -58.39 91.00 25.00
CA ARG A 1069 -57.16 91.76 25.06
C ARG A 1069 -55.94 90.86 24.90
N ASN A 1070 -54.82 91.45 24.50
CA ASN A 1070 -53.60 90.68 24.29
C ASN A 1070 -53.01 90.15 25.59
N HIS A 1071 -53.41 90.72 26.74
CA HIS A 1071 -52.83 90.30 28.00
C HIS A 1071 -53.15 88.83 28.32
N ASN A 1072 -54.40 88.42 28.07
CA ASN A 1072 -54.79 87.04 28.36
C ASN A 1072 -54.42 86.09 27.23
N LEU A 1073 -54.41 86.59 25.98
CA LEU A 1073 -53.83 85.82 24.89
C LEU A 1073 -52.38 85.46 25.19
N ALA A 1074 -51.65 86.40 25.82
CA ALA A 1074 -50.29 86.12 26.24
C ALA A 1074 -50.25 84.94 27.20
N LEU A 1075 -51.14 84.94 28.21
CA LEU A 1075 -51.13 83.87 29.21
C LEU A 1075 -51.48 82.52 28.58
N GLY A 1076 -52.43 82.51 27.65
CA GLY A 1076 -52.72 81.29 26.93
C GLY A 1076 -51.51 80.78 26.15
N ARG A 1077 -50.79 81.69 25.49
CA ARG A 1077 -49.56 81.31 24.82
C ARG A 1077 -48.52 80.79 25.80
N GLN A 1078 -48.46 81.38 27.01
CA GLN A 1078 -47.55 80.90 28.04
C GLN A 1078 -47.84 79.46 28.39
N LYS A 1079 -49.12 79.15 28.62
CA LYS A 1079 -49.47 77.79 28.99
C LYS A 1079 -49.20 76.81 27.86
N GLY A 1080 -49.44 77.24 26.61
CA GLY A 1080 -49.10 76.39 25.48
C GLY A 1080 -47.61 76.10 25.40
N TYR A 1081 -46.78 77.14 25.55
CA TYR A 1081 -45.33 76.93 25.54
C TYR A 1081 -44.89 76.06 26.71
N GLU A 1082 -45.52 76.23 27.87
CA GLU A 1082 -45.15 75.43 29.05
C GLU A 1082 -45.48 73.97 28.84
N GLU A 1083 -46.67 73.66 28.30
CA GLU A 1083 -46.99 72.27 28.03
C GLU A 1083 -46.08 71.67 26.96
N GLU A 1084 -45.73 72.46 25.94
CA GLU A 1084 -44.76 72.00 24.95
C GLU A 1084 -43.43 71.68 25.62
N ILE A 1085 -42.95 72.56 26.50
CA ILE A 1085 -41.67 72.37 27.15
C ILE A 1085 -41.68 71.11 28.02
N ILE A 1086 -42.74 70.93 28.80
CA ILE A 1086 -42.77 69.80 29.72
C ILE A 1086 -42.88 68.47 28.96
N HIS A 1087 -43.69 68.44 27.89
CA HIS A 1087 -43.78 67.22 27.10
C HIS A 1087 -42.46 66.92 26.41
N PHE A 1088 -41.78 67.96 25.89
CA PHE A 1088 -40.50 67.75 25.25
C PHE A 1088 -39.47 67.20 26.24
N LYS A 1089 -39.45 67.77 27.45
CA LYS A 1089 -38.52 67.30 28.47
C LYS A 1089 -38.81 65.86 28.88
N LYS A 1090 -40.09 65.50 28.97
CA LYS A 1090 -40.43 64.11 29.29
C LYS A 1090 -40.08 63.16 28.15
N GLU A 1091 -40.15 63.65 26.90
CA GLU A 1091 -39.66 62.87 25.78
C GLU A 1091 -38.15 62.69 25.84
N LEU A 1092 -37.44 63.68 26.36
CA LEU A 1092 -35.99 63.59 26.50
C LEU A 1092 -35.61 62.48 27.47
N ARG A 1093 -36.37 62.30 28.55
CA ARG A 1093 -35.99 61.36 29.62
C ARG A 1093 -36.21 59.89 29.24
N GLU A 1094 -36.61 59.61 28.00
CA GLU A 1094 -36.63 58.23 27.55
C GLU A 1094 -35.20 57.71 27.37
N PRO A 1095 -34.94 56.44 27.64
CA PRO A 1095 -33.55 55.94 27.60
C PRO A 1095 -32.86 56.13 26.26
N GLN A 1096 -33.60 56.06 25.15
CA GLN A 1096 -32.97 56.15 23.84
C GLN A 1096 -32.42 57.55 23.58
N PHE A 1097 -32.81 58.54 24.37
CA PHE A 1097 -32.32 59.88 24.06
C PHE A 1097 -31.82 60.57 25.34
N ARG A 1098 -31.92 59.91 26.49
CA ARG A 1098 -31.56 60.56 27.74
C ARG A 1098 -30.15 61.16 27.67
N ASP A 1099 -29.19 60.36 27.22
CA ASP A 1099 -27.85 60.86 26.91
C ASP A 1099 -27.30 59.97 25.79
N ALA A 1100 -27.51 60.42 24.56
CA ALA A 1100 -27.06 59.64 23.40
C ALA A 1100 -25.70 60.09 22.90
N GLU A 1101 -25.31 61.34 23.17
CA GLU A 1101 -23.97 61.79 22.78
C GLU A 1101 -22.90 60.98 23.49
N GLU A 1102 -23.08 60.76 24.80
CA GLU A 1102 -22.08 60.00 25.55
C GLU A 1102 -22.00 58.55 25.08
N LYS A 1103 -23.15 57.92 24.84
CA LYS A 1103 -23.15 56.54 24.37
C LYS A 1103 -22.53 56.43 22.99
N TYR A 1104 -22.87 57.35 22.08
CA TYR A 1104 -22.28 57.35 20.74
C TYR A 1104 -20.77 57.52 20.83
N ARG A 1105 -20.31 58.42 21.69
CA ARG A 1105 -18.86 58.69 21.81
C ARG A 1105 -18.22 57.41 22.33
N GLU A 1106 -18.75 56.85 23.40
CA GLU A 1106 -18.15 55.67 24.00
C GLU A 1106 -18.08 54.52 23.01
N MET A 1107 -19.15 54.29 22.26
CA MET A 1107 -19.14 53.20 21.28
C MET A 1107 -18.15 53.48 20.16
N MET A 1108 -18.03 54.73 19.72
CA MET A 1108 -17.01 55.08 18.74
C MET A 1108 -15.62 54.85 19.29
N ILE A 1109 -15.40 55.20 20.55
CA ILE A 1109 -14.09 54.98 21.18
C ILE A 1109 -13.76 53.49 21.20
N VAL A 1110 -14.73 52.66 21.60
CA VAL A 1110 -14.50 51.22 21.66
C VAL A 1110 -14.22 50.68 20.26
N MET A 1111 -14.98 51.13 19.27
CA MET A 1111 -14.80 50.65 17.89
C MET A 1111 -13.42 51.00 17.36
N ARG A 1112 -13.00 52.26 17.51
CA ARG A 1112 -11.70 52.67 17.01
C ARG A 1112 -10.57 51.96 17.74
N THR A 1113 -10.70 51.82 19.06
CA THR A 1113 -9.68 51.13 19.84
C THR A 1113 -9.55 49.68 19.40
N THR A 1114 -10.67 49.01 19.21
CA THR A 1114 -10.63 47.61 18.78
C THR A 1114 -10.08 47.48 17.37
N GLU A 1115 -10.38 48.43 16.48
CA GLU A 1115 -9.83 48.37 15.14
C GLU A 1115 -8.32 48.53 15.15
N LEU A 1116 -7.80 49.47 15.95
CA LEU A 1116 -6.35 49.64 16.04
C LEU A 1116 -5.70 48.40 16.65
N VAL A 1117 -6.32 47.82 17.67
CA VAL A 1117 -5.80 46.59 18.26
C VAL A 1117 -5.81 45.47 17.24
N ASN A 1118 -6.83 45.44 16.37
CA ASN A 1118 -6.87 44.45 15.31
C ASN A 1118 -5.72 44.62 14.34
N LYS A 1119 -5.39 45.86 13.98
CA LYS A 1119 -4.25 46.10 13.11
C LYS A 1119 -2.96 45.59 13.77
N ASP A 1120 -2.78 45.90 15.05
CA ASP A 1120 -1.58 45.45 15.76
C ASP A 1120 -1.52 43.93 15.85
N LEU A 1121 -2.67 43.30 16.13
CA LEU A 1121 -2.73 41.85 16.20
C LEU A 1121 -2.39 41.21 14.86
N ASP A 1122 -2.87 41.80 13.76
CA ASP A 1122 -2.53 41.30 12.44
C ASP A 1122 -1.04 41.38 12.19
N ILE A 1123 -0.43 42.51 12.53
CA ILE A 1123 1.01 42.67 12.35
C ILE A 1123 1.78 41.63 13.17
N TYR A 1124 1.39 41.45 14.43
CA TYR A 1124 2.09 40.50 15.30
C TYR A 1124 1.88 39.07 14.83
N TYR A 1125 0.68 38.74 14.36
CA TYR A 1125 0.44 37.40 13.82
C TYR A 1125 1.30 37.14 12.61
N LYS A 1126 1.41 38.13 11.71
CA LYS A 1126 2.24 37.95 10.52
C LYS A 1126 3.70 37.72 10.91
N THR A 1127 4.22 38.53 11.84
CA THR A 1127 5.64 38.38 12.17
C THR A 1127 5.91 37.09 12.94
N LEU A 1128 4.98 36.65 13.80
CA LEU A 1128 5.19 35.38 14.50
C LEU A 1128 5.09 34.20 13.53
N ASP A 1129 4.18 34.27 12.56
CA ASP A 1129 4.12 33.22 11.55
C ASP A 1129 5.41 33.16 10.75
N GLN A 1130 5.96 34.33 10.38
CA GLN A 1130 7.23 34.34 9.68
C GLN A 1130 8.35 33.76 10.52
N ALA A 1131 8.37 34.08 11.81
CA ALA A 1131 9.40 33.52 12.70
C ALA A 1131 9.28 32.00 12.80
N ILE A 1132 8.06 31.49 12.92
CA ILE A 1132 7.86 30.04 13.01
C ILE A 1132 8.31 29.37 11.73
N MET A 1133 7.97 29.93 10.57
CA MET A 1133 8.40 29.35 9.31
C MET A 1133 9.92 29.41 9.16
N LYS A 1134 10.55 30.48 9.63
CA LYS A 1134 12.00 30.57 9.58
C LYS A 1134 12.66 29.50 10.44
N PHE A 1135 12.12 29.26 11.64
CA PHE A 1135 12.64 28.19 12.48
C PHE A 1135 12.47 26.83 11.83
N HIS A 1136 11.32 26.61 11.20
CA HIS A 1136 11.08 25.37 10.49
C HIS A 1136 12.11 25.17 9.38
N SER A 1137 12.39 26.22 8.62
CA SER A 1137 13.41 26.12 7.57
C SER A 1137 14.79 25.87 8.16
N MET A 1138 15.09 26.49 9.30
CA MET A 1138 16.41 26.32 9.92
C MET A 1138 16.64 24.87 10.34
N LYS A 1139 15.61 24.20 10.84
CA LYS A 1139 15.77 22.77 11.14
C LYS A 1139 15.72 21.92 9.87
N MET A 1140 14.88 22.32 8.92
CA MET A 1140 14.67 21.53 7.72
C MET A 1140 15.91 21.51 6.84
N GLU A 1141 16.76 22.53 6.89
CA GLU A 1141 17.96 22.50 6.06
C GLU A 1141 18.87 21.34 6.45
N GLU A 1142 19.06 21.10 7.75
CA GLU A 1142 19.87 19.97 8.18
C GLU A 1142 19.16 18.64 7.91
N ILE A 1143 17.86 18.58 8.20
CA ILE A 1143 17.16 17.32 7.94
C ILE A 1143 17.23 16.98 6.45
N ASN A 1144 17.14 17.99 5.58
CA ASN A 1144 17.26 17.78 4.15
C ASN A 1144 18.68 17.42 3.74
N LYS A 1145 19.68 17.96 4.44
CA LYS A 1145 21.05 17.55 4.17
C LYS A 1145 21.22 16.05 4.38
N ILE A 1146 20.52 15.51 5.39
CA ILE A 1146 20.54 14.05 5.57
C ILE A 1146 19.69 13.35 4.51
N ILE A 1147 18.52 13.93 4.20
CA ILE A 1147 17.58 13.29 3.28
C ILE A 1147 18.19 13.15 1.89
N ARG A 1148 18.91 14.17 1.44
CA ARG A 1148 19.51 14.13 0.10
C ARG A 1148 20.48 12.96 -0.02
N ASP A 1149 21.36 12.80 0.97
CA ASP A 1149 22.31 11.70 0.95
C ASP A 1149 21.59 10.35 0.99
N LEU A 1150 20.58 10.23 1.85
CA LEU A 1150 19.87 8.97 1.96
C LEU A 1150 19.18 8.60 0.65
N TRP A 1151 18.54 9.57 0.01
CA TRP A 1151 17.85 9.30 -1.24
C TRP A 1151 18.83 8.98 -2.36
N ARG A 1152 19.94 9.72 -2.46
CA ARG A 1152 20.90 9.45 -3.51
C ARG A 1152 21.61 8.13 -3.29
N SER A 1153 21.66 7.63 -2.06
CA SER A 1153 22.25 6.32 -1.81
C SER A 1153 21.26 5.19 -1.94
N THR A 1154 19.96 5.45 -1.79
CA THR A 1154 18.95 4.39 -1.77
C THR A 1154 18.17 4.27 -3.06
N TYR A 1155 17.71 5.38 -3.65
CA TYR A 1155 16.86 5.33 -4.82
C TYR A 1155 17.63 4.76 -6.02
N ARG A 1156 17.12 3.68 -6.59
CA ARG A 1156 17.73 3.05 -7.76
C ARG A 1156 16.99 3.49 -9.03
N GLY A 1157 17.16 4.76 -9.36
CA GLY A 1157 16.56 5.31 -10.56
C GLY A 1157 17.08 6.70 -10.89
N GLN A 1158 17.49 6.91 -12.14
CA GLN A 1158 18.07 8.19 -12.54
C GLN A 1158 17.03 9.12 -13.14
N ASP A 1159 15.92 9.34 -12.43
CA ASP A 1159 14.90 10.28 -12.85
C ASP A 1159 14.61 11.37 -11.83
N ILE A 1160 14.81 11.08 -10.55
CA ILE A 1160 14.75 12.10 -9.50
C ILE A 1160 16.15 12.23 -8.92
N GLU A 1161 16.73 13.43 -9.01
CA GLU A 1161 18.11 13.61 -8.59
C GLU A 1161 18.23 13.53 -7.08
N TYR A 1162 17.32 14.18 -6.36
CA TYR A 1162 17.14 13.97 -4.93
C TYR A 1162 15.81 14.59 -4.52
N ILE A 1163 15.50 14.49 -3.23
CA ILE A 1163 14.29 15.06 -2.66
C ILE A 1163 14.66 15.86 -1.41
N GLU A 1164 13.77 16.76 -1.04
CA GLU A 1164 13.93 17.57 0.17
C GLU A 1164 12.56 18.13 0.54
N ILE A 1165 12.48 18.67 1.75
CA ILE A 1165 11.24 19.24 2.26
C ILE A 1165 11.39 20.75 2.31
N ARG A 1166 10.58 21.45 1.52
CA ARG A 1166 10.65 22.90 1.40
C ARG A 1166 9.39 23.53 1.96
N SER A 1167 9.56 24.63 2.69
CA SER A 1167 8.45 25.38 3.25
C SER A 1167 8.75 26.87 3.14
N ASP A 1168 7.69 27.66 2.98
CA ASP A 1168 7.84 29.11 2.93
C ASP A 1168 6.51 29.75 3.33
N ALA A 1169 6.60 30.83 4.08
CA ALA A 1169 5.40 31.50 4.57
C ALA A 1169 4.69 32.23 3.44
N ASP A 1170 3.37 32.29 3.53
CA ASP A 1170 2.58 33.02 2.54
C ASP A 1170 2.88 34.51 2.65
N GLU A 1171 3.03 35.16 1.50
CA GLU A 1171 3.37 36.58 1.49
C GLU A 1171 2.25 37.43 2.07
N ASN A 1172 1.03 37.24 1.58
CA ASN A 1172 -0.13 38.00 2.06
C ASN A 1172 -0.89 37.13 3.07
N VAL A 1173 -0.35 37.06 4.29
CA VAL A 1173 -0.95 36.30 5.38
C VAL A 1173 -1.53 37.30 6.37
N SER A 1174 -2.79 37.07 6.75
CA SER A 1174 -3.47 37.94 7.70
C SER A 1174 -4.22 37.08 8.71
N ALA A 1175 -4.41 37.65 9.91
CA ALA A 1175 -5.16 36.94 10.94
C ALA A 1175 -6.65 36.87 10.63
N SER A 1176 -7.13 37.70 9.72
CA SER A 1176 -8.55 37.72 9.38
C SER A 1176 -8.91 36.77 8.25
N ASP A 1177 -7.92 36.10 7.64
CA ASP A 1177 -8.20 35.19 6.55
C ASP A 1177 -9.02 34.00 7.02
N LYS A 1178 -10.02 33.63 6.21
CA LYS A 1178 -10.81 32.45 6.52
C LYS A 1178 -10.02 31.18 6.29
N ARG A 1179 -9.32 31.11 5.15
CA ARG A 1179 -8.47 29.97 4.82
C ARG A 1179 -7.05 30.46 4.63
N ARG A 1180 -6.11 29.87 5.36
CA ARG A 1180 -4.69 30.15 5.22
C ARG A 1180 -4.05 28.96 4.53
N ASN A 1181 -3.40 29.21 3.40
CA ASN A 1181 -2.81 28.14 2.60
C ASN A 1181 -1.39 27.87 3.07
N TYR A 1182 -1.13 26.61 3.41
CA TYR A 1182 0.21 26.19 3.83
C TYR A 1182 0.97 25.65 2.63
N ASN A 1183 2.27 25.94 2.59
CA ASN A 1183 3.15 25.52 1.51
C ASN A 1183 4.25 24.61 2.03
N TYR A 1184 3.96 23.70 2.92
CA TYR A 1184 4.95 22.73 3.37
C TYR A 1184 4.78 21.56 2.53
N ARG A 1185 5.82 21.15 1.82
CA ARG A 1185 5.76 20.08 0.84
C ARG A 1185 7.13 19.42 0.71
N VAL A 1186 7.13 18.20 0.21
CA VAL A 1186 8.33 17.49 -0.19
C VAL A 1186 8.49 17.67 -1.70
N VAL A 1187 9.64 18.18 -2.12
CA VAL A 1187 9.86 18.53 -3.52
C VAL A 1187 10.83 17.53 -4.13
N MET A 1188 10.43 16.94 -5.26
CA MET A 1188 11.32 16.14 -6.08
C MET A 1188 12.09 17.06 -7.02
N LEU A 1189 13.40 16.88 -7.08
CA LEU A 1189 14.24 17.66 -7.98
C LEU A 1189 14.53 16.85 -9.23
N LYS A 1190 13.53 16.79 -10.10
CA LYS A 1190 13.65 16.08 -11.37
C LYS A 1190 14.40 16.95 -12.36
N GLY A 1191 15.63 16.57 -12.68
CA GLY A 1191 16.46 17.37 -13.56
C GLY A 1191 17.03 18.59 -12.86
N ASP A 1192 16.56 19.77 -13.25
CA ASP A 1192 16.99 21.01 -12.62
C ASP A 1192 15.83 21.79 -12.01
N THR A 1193 14.61 21.28 -12.09
CA THR A 1193 13.44 21.93 -11.54
C THR A 1193 12.98 21.23 -10.27
N ALA A 1194 12.37 21.98 -9.38
CA ALA A 1194 11.88 21.44 -8.11
C ALA A 1194 10.38 21.25 -8.18
N LEU A 1195 9.97 20.12 -8.75
CA LEU A 1195 8.58 19.72 -8.73
C LEU A 1195 8.19 19.30 -7.31
N ASP A 1196 6.89 19.22 -7.06
CA ASP A 1196 6.38 18.76 -5.77
C ASP A 1196 6.07 17.28 -5.85
N MET A 1197 6.59 16.50 -4.89
CA MET A 1197 6.38 15.07 -4.91
C MET A 1197 4.91 14.70 -4.81
N ARG A 1198 4.17 15.39 -3.92
CA ARG A 1198 2.77 15.04 -3.72
C ARG A 1198 1.96 15.32 -4.98
N GLY A 1199 1.20 14.33 -5.41
CA GLY A 1199 0.33 14.46 -6.56
C GLY A 1199 0.92 14.03 -7.88
N ARG A 1200 2.26 13.95 -7.98
CA ARG A 1200 2.88 13.51 -9.22
C ARG A 1200 4.04 12.55 -8.97
N CYS A 1201 3.93 11.73 -7.94
CA CYS A 1201 4.89 10.67 -7.67
C CYS A 1201 4.19 9.32 -7.71
N SER A 1202 4.93 8.30 -8.11
CA SER A 1202 4.38 6.95 -8.09
C SER A 1202 4.23 6.43 -6.67
N ALA A 1203 3.53 5.30 -6.55
CA ALA A 1203 3.40 4.66 -5.24
C ALA A 1203 4.74 4.22 -4.71
N GLY A 1204 5.60 3.65 -5.57
CA GLY A 1204 6.90 3.21 -5.11
C GLY A 1204 7.81 4.35 -4.69
N GLN A 1205 7.84 5.43 -5.48
CA GLN A 1205 8.64 6.59 -5.10
C GLN A 1205 8.09 7.23 -3.83
N LYS A 1206 6.77 7.27 -3.69
CA LYS A 1206 6.18 7.82 -2.47
C LYS A 1206 6.57 6.99 -1.25
N VAL A 1207 6.49 5.67 -1.37
CA VAL A 1207 6.86 4.79 -0.26
C VAL A 1207 8.33 4.98 0.09
N LEU A 1208 9.20 5.01 -0.91
CA LEU A 1208 10.63 5.14 -0.66
C LEU A 1208 10.95 6.51 -0.05
N ALA A 1209 10.32 7.57 -0.56
CA ALA A 1209 10.57 8.91 -0.01
C ALA A 1209 10.10 9.01 1.43
N SER A 1210 8.93 8.45 1.74
CA SER A 1210 8.45 8.49 3.11
C SER A 1210 9.35 7.70 4.04
N LEU A 1211 9.81 6.52 3.59
CA LEU A 1211 10.72 5.73 4.41
C LEU A 1211 12.04 6.47 4.63
N ILE A 1212 12.55 7.12 3.59
CA ILE A 1212 13.82 7.82 3.70
C ILE A 1212 13.70 9.03 4.61
N ILE A 1213 12.56 9.75 4.53
CA ILE A 1213 12.35 10.88 5.42
C ILE A 1213 12.24 10.42 6.86
N ARG A 1214 11.55 9.30 7.10
CA ARG A 1214 11.48 8.75 8.45
C ARG A 1214 12.86 8.35 8.95
N LEU A 1215 13.68 7.74 8.08
CA LEU A 1215 15.03 7.34 8.47
C LEU A 1215 15.88 8.56 8.80
N ALA A 1216 15.75 9.64 8.02
CA ALA A 1216 16.49 10.86 8.29
C ALA A 1216 16.08 11.49 9.61
N LEU A 1217 14.77 11.52 9.89
CA LEU A 1217 14.30 12.04 11.16
C LEU A 1217 14.77 11.17 12.32
N ALA A 1218 14.86 9.86 12.10
CA ALA A 1218 15.42 8.97 13.11
C ALA A 1218 16.89 9.26 13.35
N GLU A 1219 17.69 9.61 12.36
CA GLU A 1219 19.11 9.87 12.65
C GLU A 1219 19.24 11.17 13.40
N THR A 1220 18.50 12.19 12.99
CA THR A 1220 18.59 13.53 13.60
C THR A 1220 18.03 13.53 15.01
N PHE A 1221 16.78 13.19 15.19
CA PHE A 1221 16.10 13.25 16.49
C PHE A 1221 16.25 11.95 17.30
N CYS A 1222 16.15 10.77 16.74
CA CYS A 1222 16.24 9.56 17.56
C CYS A 1222 17.67 9.06 17.71
N LEU A 1223 18.48 9.66 18.58
CA LEU A 1223 19.86 9.18 18.86
C LEU A 1223 19.92 8.53 20.25
N ASN A 1224 18.87 8.67 21.06
CA ASN A 1224 18.84 8.01 22.38
C ASN A 1224 17.81 6.90 22.31
N CYS A 1225 17.12 6.75 21.20
CA CYS A 1225 16.19 5.61 21.05
C CYS A 1225 16.52 5.01 19.69
N GLY A 1226 17.00 3.77 19.62
CA GLY A 1226 17.25 3.21 18.29
C GLY A 1226 16.18 2.24 17.88
N ILE A 1227 14.96 2.42 18.33
CA ILE A 1227 13.94 1.48 17.84
C ILE A 1227 13.41 2.14 16.58
N ILE A 1228 13.10 1.37 15.55
CA ILE A 1228 12.51 1.93 14.32
C ILE A 1228 11.66 0.82 13.73
N ALA A 1229 10.36 0.95 13.86
CA ALA A 1229 9.53 -0.17 13.42
C ALA A 1229 9.10 0.09 11.97
N LEU A 1230 9.58 -0.76 11.06
CA LEU A 1230 9.20 -0.68 9.65
C LEU A 1230 8.11 -1.72 9.39
N ASP A 1231 6.88 -1.25 9.21
CA ASP A 1231 5.74 -2.14 9.01
C ASP A 1231 5.50 -2.28 7.51
N GLU A 1232 5.96 -3.39 6.94
CA GLU A 1232 5.88 -3.70 5.52
C GLU A 1232 6.53 -2.59 4.71
N PRO A 1233 7.86 -2.44 4.79
CA PRO A 1233 8.51 -1.35 4.04
C PRO A 1233 8.52 -1.58 2.55
N THR A 1234 8.55 -2.84 2.10
CA THR A 1234 8.68 -3.15 0.68
C THR A 1234 7.31 -3.30 0.02
N THR A 1235 6.53 -2.23 0.11
CA THR A 1235 5.20 -2.17 -0.47
C THR A 1235 5.23 -1.30 -1.72
N ASN A 1236 4.73 -1.84 -2.82
CA ASN A 1236 4.77 -1.18 -4.14
C ASN A 1236 6.21 -0.83 -4.56
N LEU A 1237 7.19 -1.60 -4.08
CA LEU A 1237 8.59 -1.38 -4.42
C LEU A 1237 9.05 -2.49 -5.36
N ASP A 1238 9.73 -2.10 -6.43
CA ASP A 1238 10.21 -3.07 -7.41
C ASP A 1238 11.47 -3.76 -6.88
N ARG A 1239 12.02 -4.67 -7.68
CA ARG A 1239 13.12 -5.52 -7.22
C ARG A 1239 14.35 -4.70 -6.87
N GLU A 1240 14.78 -3.83 -7.79
CA GLU A 1240 16.01 -3.08 -7.59
C GLU A 1240 15.91 -2.17 -6.37
N ASN A 1241 14.78 -1.48 -6.23
CA ASN A 1241 14.59 -0.61 -5.06
C ASN A 1241 14.53 -1.42 -3.77
N ILE A 1242 13.98 -2.63 -3.81
CA ILE A 1242 13.93 -3.46 -2.62
C ILE A 1242 15.32 -3.88 -2.20
N GLU A 1243 16.14 -4.32 -3.17
CA GLU A 1243 17.52 -4.67 -2.84
C GLU A 1243 18.29 -3.46 -2.30
N SER A 1244 18.09 -2.29 -2.90
CA SER A 1244 18.77 -1.10 -2.42
C SER A 1244 18.31 -0.70 -1.03
N LEU A 1245 17.01 -0.84 -0.75
CA LEU A 1245 16.50 -0.55 0.59
C LEU A 1245 17.04 -1.53 1.62
N ALA A 1246 17.15 -2.82 1.25
CA ALA A 1246 17.76 -3.79 2.14
C ALA A 1246 19.21 -3.43 2.43
N HIS A 1247 19.95 -3.02 1.40
CA HIS A 1247 21.33 -2.60 1.60
C HIS A 1247 21.41 -1.38 2.51
N ALA A 1248 20.53 -0.40 2.30
CA ALA A 1248 20.53 0.80 3.13
C ALA A 1248 20.21 0.47 4.58
N LEU A 1249 19.23 -0.40 4.80
CA LEU A 1249 18.88 -0.80 6.16
C LEU A 1249 20.02 -1.57 6.82
N VAL A 1250 20.70 -2.43 6.07
CA VAL A 1250 21.84 -3.16 6.63
C VAL A 1250 22.95 -2.20 7.01
N GLU A 1251 23.23 -1.21 6.15
CA GLU A 1251 24.24 -0.21 6.47
C GLU A 1251 23.85 0.60 7.70
N ILE A 1252 22.56 0.95 7.82
CA ILE A 1252 22.09 1.71 8.98
C ILE A 1252 22.27 0.90 10.25
N ILE A 1253 21.94 -0.39 10.20
CA ILE A 1253 22.12 -1.25 11.36
C ILE A 1253 23.60 -1.36 11.72
N LYS A 1254 24.46 -1.51 10.72
CA LYS A 1254 25.89 -1.64 10.98
C LYS A 1254 26.46 -0.37 11.59
N SER A 1255 26.03 0.80 11.09
CA SER A 1255 26.59 2.06 11.54
C SER A 1255 26.04 2.53 12.87
N ARG A 1256 24.79 2.19 13.20
CA ARG A 1256 24.15 2.69 14.41
C ARG A 1256 24.20 1.66 15.55
N SER A 1257 24.94 0.57 15.40
CA SER A 1257 25.05 -0.46 16.42
C SER A 1257 26.34 -0.36 17.22
N GLN A 1258 27.08 0.74 17.08
CA GLN A 1258 28.30 0.95 17.83
C GLN A 1258 28.01 1.89 19.00
N GLN A 1259 28.31 1.43 20.21
CA GLN A 1259 28.07 2.14 21.46
C GLN A 1259 26.59 2.38 21.74
N ARG A 1260 25.70 1.85 20.90
CA ARG A 1260 24.27 1.96 21.09
C ARG A 1260 23.65 0.60 20.81
N ASN A 1261 22.34 0.49 21.01
CA ASN A 1261 21.60 -0.74 20.74
C ASN A 1261 20.51 -0.41 19.73
N PHE A 1262 20.79 -0.68 18.45
CA PHE A 1262 19.80 -0.53 17.41
C PHE A 1262 18.83 -1.70 17.44
N GLN A 1263 17.59 -1.42 17.04
CA GLN A 1263 16.52 -2.41 17.06
C GLN A 1263 15.58 -2.12 15.90
N LEU A 1264 15.59 -2.99 14.90
CA LEU A 1264 14.67 -2.89 13.77
C LEU A 1264 13.52 -3.88 13.98
N LEU A 1265 12.33 -3.47 13.56
CA LEU A 1265 11.11 -4.25 13.79
C LEU A 1265 10.41 -4.50 12.46
N VAL A 1266 11.16 -4.99 11.48
CA VAL A 1266 10.60 -5.23 10.16
C VAL A 1266 9.47 -6.24 10.24
N ILE A 1267 8.32 -5.95 9.68
CA ILE A 1267 7.12 -6.82 9.71
C ILE A 1267 6.74 -7.05 8.27
N THR A 1268 7.28 -8.07 7.64
CA THR A 1268 7.10 -8.20 6.19
C THR A 1268 6.38 -9.46 5.76
N HIS A 1269 6.04 -9.51 4.49
CA HIS A 1269 5.37 -10.68 3.91
C HIS A 1269 6.21 -11.12 2.72
N ASP A 1270 7.41 -10.59 2.55
CA ASP A 1270 8.31 -10.91 1.43
C ASP A 1270 9.44 -11.78 1.93
N GLU A 1271 9.58 -12.96 1.33
CA GLU A 1271 10.71 -13.84 1.67
C GLU A 1271 12.03 -13.23 1.24
N ASP A 1272 12.05 -12.61 0.05
CA ASP A 1272 13.31 -12.09 -0.49
C ASP A 1272 13.87 -10.99 0.39
N PHE A 1273 13.03 -10.09 0.89
CA PHE A 1273 13.52 -9.00 1.72
C PHE A 1273 14.14 -9.51 3.01
N VAL A 1274 13.49 -10.48 3.66
CA VAL A 1274 14.04 -11.07 4.86
C VAL A 1274 15.35 -11.81 4.56
N GLU A 1275 15.42 -12.47 3.40
CA GLU A 1275 16.64 -13.18 3.06
C GLU A 1275 17.79 -12.22 2.77
N LEU A 1276 17.51 -11.04 2.19
CA LEU A 1276 18.57 -10.05 2.03
C LEU A 1276 18.97 -9.46 3.36
N LEU A 1277 18.01 -9.22 4.26
CA LEU A 1277 18.33 -8.67 5.57
C LEU A 1277 19.01 -9.67 6.49
N GLY A 1278 18.93 -10.96 6.19
CA GLY A 1278 19.56 -11.98 7.02
C GLY A 1278 20.99 -12.33 6.69
N ARG A 1279 21.50 -11.92 5.52
CA ARG A 1279 22.89 -12.21 5.20
C ARG A 1279 23.84 -11.47 6.12
N SER A 1280 23.55 -10.20 6.41
CA SER A 1280 24.29 -9.41 7.38
C SER A 1280 23.36 -9.03 8.51
N GLU A 1281 23.91 -8.94 9.72
CA GLU A 1281 23.11 -8.76 10.94
C GLU A 1281 22.09 -9.90 11.06
N TYR A 1282 22.63 -11.09 11.23
CA TYR A 1282 21.87 -12.33 11.09
C TYR A 1282 20.72 -12.40 12.08
N VAL A 1283 19.65 -13.07 11.64
CA VAL A 1283 18.50 -13.36 12.49
C VAL A 1283 18.60 -14.82 12.92
N GLU A 1284 18.50 -15.05 14.23
CA GLU A 1284 18.50 -16.40 14.77
C GLU A 1284 17.08 -16.89 15.07
N LYS A 1285 16.18 -15.97 15.40
CA LYS A 1285 14.80 -16.30 15.72
C LYS A 1285 13.89 -15.20 15.21
N PHE A 1286 12.72 -15.58 14.73
CA PHE A 1286 11.70 -14.63 14.29
C PHE A 1286 10.39 -14.99 14.95
N TYR A 1287 9.51 -14.00 15.05
CA TYR A 1287 8.20 -14.19 15.66
C TYR A 1287 7.15 -14.36 14.57
N ARG A 1288 6.40 -15.45 14.64
CA ARG A 1288 5.30 -15.72 13.72
C ARG A 1288 3.99 -15.54 14.49
N ILE A 1289 3.15 -14.63 14.02
CA ILE A 1289 1.86 -14.36 14.65
C ILE A 1289 0.78 -14.98 13.77
N LYS A 1290 -0.01 -15.87 14.37
CA LYS A 1290 -1.07 -16.56 13.66
C LYS A 1290 -2.22 -16.81 14.61
N LYS A 1291 -3.39 -17.05 14.04
CA LYS A 1291 -4.57 -17.34 14.84
C LYS A 1291 -4.54 -18.79 15.33
N ASN A 1292 -5.29 -19.04 16.39
CA ASN A 1292 -5.52 -20.38 16.91
C ASN A 1292 -6.96 -20.79 16.61
N ILE A 1293 -7.39 -21.90 17.21
CA ILE A 1293 -8.69 -22.48 16.90
C ILE A 1293 -9.81 -21.47 17.10
N ASP A 1294 -9.72 -20.64 18.14
CA ASP A 1294 -10.77 -19.67 18.45
C ASP A 1294 -10.39 -18.24 18.10
N GLN A 1295 -9.47 -18.05 17.14
CA GLN A 1295 -9.14 -16.75 16.57
C GLN A 1295 -8.66 -15.77 17.64
N CYS A 1296 -7.50 -16.09 18.20
CA CYS A 1296 -6.94 -15.32 19.30
C CYS A 1296 -5.61 -14.64 18.99
N SER A 1297 -5.03 -14.88 17.81
CA SER A 1297 -3.73 -14.31 17.42
C SER A 1297 -2.65 -14.65 18.45
N GLU A 1298 -2.36 -15.95 18.57
CA GLU A 1298 -1.26 -16.38 19.41
C GLU A 1298 0.06 -15.96 18.78
N ILE A 1299 0.99 -15.51 19.62
CA ILE A 1299 2.33 -15.12 19.18
C ILE A 1299 3.28 -16.27 19.55
N VAL A 1300 3.88 -16.88 18.54
CA VAL A 1300 4.77 -18.02 18.74
C VAL A 1300 6.15 -17.64 18.24
N LYS A 1301 7.18 -18.07 18.97
CA LYS A 1301 8.56 -17.77 18.64
C LYS A 1301 9.16 -18.97 17.92
N CYS A 1302 9.63 -18.74 16.69
CA CYS A 1302 10.19 -19.79 15.85
C CYS A 1302 11.63 -19.47 15.52
N SER A 1303 12.51 -20.44 15.68
CA SER A 1303 13.87 -20.30 15.17
C SER A 1303 13.84 -20.22 13.65
N VAL A 1304 15.00 -19.93 13.06
CA VAL A 1304 15.07 -19.76 11.60
C VAL A 1304 15.29 -21.16 11.02
N SER A 1305 14.19 -21.91 10.97
CA SER A 1305 14.12 -23.15 10.22
C SER A 1305 12.75 -23.36 9.60
N SER A 1306 11.83 -22.40 9.75
CA SER A 1306 10.49 -22.51 9.17
C SER A 1306 10.02 -21.15 8.67
N LEU A 1307 10.94 -20.30 8.24
CA LEU A 1307 10.58 -18.95 7.82
C LEU A 1307 9.69 -18.98 6.58
N GLY A 1308 10.00 -19.85 5.62
CA GLY A 1308 9.25 -19.91 4.37
C GLY A 1308 7.81 -20.35 4.52
N PHE A 1309 7.44 -20.90 5.68
CA PHE A 1309 6.06 -21.29 5.91
C PHE A 1309 5.11 -20.10 5.98
N ASN A 1310 5.64 -18.90 6.18
CA ASN A 1310 4.82 -17.71 6.41
C ASN A 1310 5.06 -16.58 5.42
N VAL A 1311 6.26 -16.45 4.89
CA VAL A 1311 6.55 -15.38 3.94
C VAL A 1311 6.12 -15.80 2.54
N HIS A 1312 5.86 -14.82 1.69
CA HIS A 1312 5.42 -15.06 0.33
C HIS A 1312 6.60 -14.99 -0.64
N MET B 1 -17.42 -7.86 -25.58
CA MET B 1 -18.04 -6.59 -25.91
C MET B 1 -17.31 -5.43 -25.23
N SER B 2 -17.23 -4.30 -25.92
CA SER B 2 -16.60 -3.09 -25.41
C SER B 2 -15.16 -3.37 -24.98
N ARG B 3 -14.35 -3.85 -25.92
CA ARG B 3 -12.96 -4.14 -25.65
C ARG B 3 -12.07 -3.01 -26.16
N ILE B 4 -11.13 -2.59 -25.31
CA ILE B 4 -10.13 -1.61 -25.69
C ILE B 4 -9.03 -2.32 -26.48
N GLU B 5 -8.49 -1.65 -27.48
CA GLU B 5 -7.52 -2.26 -28.39
C GLU B 5 -6.16 -1.58 -28.31
N LYS B 6 -6.09 -0.27 -28.54
CA LYS B 6 -4.80 0.40 -28.71
C LYS B 6 -4.82 1.72 -27.95
N MET B 7 -3.63 2.21 -27.61
CA MET B 7 -3.47 3.49 -26.96
C MET B 7 -2.23 4.18 -27.51
N SER B 8 -2.24 5.51 -27.43
CA SER B 8 -1.11 6.34 -27.87
C SER B 8 -0.94 7.46 -26.84
N ILE B 9 -0.07 7.22 -25.86
CA ILE B 9 0.17 8.19 -24.80
C ILE B 9 1.31 9.11 -25.20
N LEU B 10 1.07 10.42 -25.15
CA LEU B 10 2.07 11.40 -25.53
C LEU B 10 1.98 12.60 -24.58
N GLY B 11 3.11 12.96 -23.99
CA GLY B 11 3.18 14.15 -23.18
C GLY B 11 2.49 14.09 -21.83
N VAL B 12 2.10 12.90 -21.39
CA VAL B 12 1.37 12.74 -20.13
C VAL B 12 2.34 12.22 -19.09
N ARG B 13 2.47 12.95 -17.99
CA ARG B 13 3.38 12.61 -16.88
C ARG B 13 4.79 12.50 -17.46
N SER B 14 5.46 11.36 -17.31
CA SER B 14 6.85 11.23 -17.75
C SER B 14 6.98 10.89 -19.22
N PHE B 15 5.89 10.69 -19.94
CA PHE B 15 5.98 10.38 -21.36
C PHE B 15 6.47 11.60 -22.15
N GLY B 16 7.21 11.33 -23.21
CA GLY B 16 7.91 12.38 -23.93
C GLY B 16 6.97 13.32 -24.67
N ILE B 17 7.54 14.44 -25.10
CA ILE B 17 6.77 15.52 -25.71
C ILE B 17 6.65 15.35 -27.21
N GLU B 18 7.76 15.07 -27.88
CA GLU B 18 7.77 15.02 -29.34
C GLU B 18 7.13 13.73 -29.84
N ASP B 19 6.78 13.74 -31.13
CA ASP B 19 6.16 12.58 -31.76
C ASP B 19 7.06 11.36 -31.68
N LYS B 20 8.38 11.57 -31.68
CA LYS B 20 9.32 10.45 -31.59
C LYS B 20 9.14 9.66 -30.30
N ASP B 21 8.68 10.32 -29.24
CA ASP B 21 8.50 9.68 -27.95
C ASP B 21 7.05 9.26 -27.68
N LYS B 22 6.18 9.34 -28.69
CA LYS B 22 4.81 8.88 -28.52
C LYS B 22 4.78 7.36 -28.52
N GLN B 23 4.26 6.78 -27.45
CA GLN B 23 4.30 5.34 -27.23
C GLN B 23 2.94 4.71 -27.50
N ILE B 24 2.98 3.50 -28.04
CA ILE B 24 1.77 2.75 -28.41
C ILE B 24 1.74 1.47 -27.60
N ILE B 25 0.61 1.21 -26.95
CA ILE B 25 0.40 -0.02 -26.18
C ILE B 25 -0.87 -0.68 -26.68
N THR B 26 -0.77 -1.95 -27.04
CA THR B 26 -1.90 -2.74 -27.50
C THR B 26 -2.31 -3.70 -26.39
N PHE B 27 -3.59 -3.68 -26.03
CA PHE B 27 -4.09 -4.48 -24.92
C PHE B 27 -4.51 -5.86 -25.41
N PHE B 28 -4.03 -6.89 -24.75
CA PHE B 28 -4.30 -8.27 -25.12
C PHE B 28 -5.52 -8.80 -24.38
N SER B 29 -5.98 -9.97 -24.82
CA SER B 29 -7.07 -10.67 -24.18
C SER B 29 -6.63 -12.09 -23.84
N PRO B 30 -7.06 -12.62 -22.70
CA PRO B 30 -7.90 -11.99 -21.67
C PRO B 30 -7.09 -11.33 -20.58
N LEU B 31 -5.76 -11.34 -20.66
CA LEU B 31 -4.91 -10.86 -19.58
C LEU B 31 -3.74 -10.08 -20.16
N THR B 32 -3.67 -8.79 -19.83
CA THR B 32 -2.55 -7.94 -20.19
C THR B 32 -1.74 -7.67 -18.93
N ILE B 33 -0.42 -7.86 -19.01
CA ILE B 33 0.46 -7.73 -17.86
C ILE B 33 1.42 -6.58 -18.10
N LEU B 34 1.45 -5.63 -17.17
CA LEU B 34 2.30 -4.45 -17.24
C LEU B 34 3.33 -4.53 -16.12
N VAL B 35 4.61 -4.53 -16.48
CA VAL B 35 5.69 -4.62 -15.52
C VAL B 35 6.73 -3.55 -15.84
N GLY B 36 7.54 -3.22 -14.84
CA GLY B 36 8.56 -2.22 -14.98
C GLY B 36 9.06 -1.72 -13.64
N PRO B 37 10.06 -0.87 -13.65
CA PRO B 37 10.59 -0.33 -12.39
C PRO B 37 9.64 0.68 -11.77
N ASN B 38 9.99 1.11 -10.56
CA ASN B 38 9.20 2.14 -9.89
C ASN B 38 9.27 3.44 -10.66
N GLY B 39 8.17 4.17 -10.66
CA GLY B 39 8.02 5.24 -11.64
C GLY B 39 7.74 4.62 -12.99
N ALA B 40 8.37 5.17 -14.03
CA ALA B 40 8.43 4.64 -15.38
C ALA B 40 7.09 4.67 -16.12
N GLY B 41 6.00 5.04 -15.46
CA GLY B 41 4.73 5.20 -16.14
C GLY B 41 3.92 3.95 -16.40
N LYS B 42 3.83 3.04 -15.42
CA LYS B 42 2.89 1.93 -15.56
C LYS B 42 1.48 2.34 -15.15
N THR B 43 1.36 2.98 -13.99
CA THR B 43 0.07 3.52 -13.57
C THR B 43 -0.39 4.64 -14.49
N THR B 44 0.56 5.36 -15.10
CA THR B 44 0.19 6.43 -16.00
C THR B 44 -0.65 5.93 -17.17
N ILE B 45 -0.45 4.68 -17.60
CA ILE B 45 -1.28 4.12 -18.65
C ILE B 45 -2.73 3.98 -18.18
N ILE B 46 -2.93 3.50 -16.95
CA ILE B 46 -4.28 3.42 -16.41
C ILE B 46 -4.88 4.81 -16.25
N GLU B 47 -4.06 5.78 -15.85
CA GLU B 47 -4.53 7.16 -15.73
C GLU B 47 -5.00 7.67 -17.08
N CYS B 48 -4.23 7.41 -18.13
CA CYS B 48 -4.63 7.85 -19.47
C CYS B 48 -5.89 7.14 -19.94
N LEU B 49 -6.02 5.85 -19.63
CA LEU B 49 -7.25 5.13 -19.97
C LEU B 49 -8.45 5.77 -19.29
N LYS B 50 -8.33 6.06 -18.00
CA LYS B 50 -9.43 6.67 -17.27
C LYS B 50 -9.74 8.06 -17.80
N TYR B 51 -8.71 8.85 -18.12
CA TYR B 51 -8.92 10.20 -18.62
C TYR B 51 -9.57 10.19 -20.00
N ILE B 52 -9.19 9.26 -20.86
CA ILE B 52 -9.79 9.24 -22.18
C ILE B 52 -11.19 8.64 -22.13
N CYS B 53 -11.47 7.77 -21.16
CA CYS B 53 -12.81 7.20 -21.06
C CYS B 53 -13.79 8.17 -20.42
N THR B 54 -13.36 8.90 -19.40
CA THR B 54 -14.27 9.72 -18.60
C THR B 54 -13.93 11.20 -18.58
N GLY B 55 -12.66 11.56 -18.72
CA GLY B 55 -12.24 12.94 -18.59
C GLY B 55 -11.83 13.34 -17.19
N ASP B 56 -11.62 12.38 -16.30
CA ASP B 56 -11.31 12.64 -14.90
C ASP B 56 -9.84 12.35 -14.63
N PHE B 57 -9.17 13.28 -13.97
CA PHE B 57 -7.77 13.13 -13.61
C PHE B 57 -7.64 12.24 -12.38
N PRO B 58 -6.45 11.70 -12.13
CA PRO B 58 -6.26 10.86 -10.95
C PRO B 58 -6.59 11.63 -9.68
N PRO B 59 -7.11 10.95 -8.67
CA PRO B 59 -7.52 11.67 -7.44
C PRO B 59 -6.33 12.37 -6.79
N GLY B 60 -6.62 13.54 -6.22
CA GLY B 60 -5.60 14.36 -5.59
C GLY B 60 -4.79 15.20 -6.55
N THR B 61 -5.04 15.11 -7.86
CA THR B 61 -4.31 15.87 -8.85
C THR B 61 -5.27 16.48 -9.86
N LYS B 62 -4.84 17.58 -10.47
CA LYS B 62 -5.57 18.24 -11.54
C LYS B 62 -4.73 18.20 -12.81
N GLY B 63 -5.20 18.90 -13.84
CA GLY B 63 -4.51 18.88 -15.12
C GLY B 63 -3.15 19.54 -15.09
N ASN B 64 -2.85 20.31 -14.04
CA ASN B 64 -1.54 20.95 -13.94
C ASN B 64 -0.43 19.91 -13.78
N THR B 65 -0.67 18.87 -12.99
CA THR B 65 0.33 17.84 -12.74
C THR B 65 0.18 16.62 -13.63
N PHE B 66 -1.00 16.40 -14.21
CA PHE B 66 -1.18 15.25 -15.10
C PHE B 66 -0.32 15.38 -16.35
N VAL B 67 -0.27 16.55 -16.94
CA VAL B 67 0.51 16.79 -18.14
C VAL B 67 1.98 16.89 -17.77
N HIS B 68 2.84 16.54 -18.73
CA HIS B 68 4.28 16.69 -18.53
C HIS B 68 4.62 18.12 -18.18
N ASP B 69 5.43 18.30 -17.15
CA ASP B 69 5.72 19.64 -16.64
C ASP B 69 6.54 20.42 -17.65
N PRO B 70 6.09 21.59 -18.09
CA PRO B 70 6.90 22.38 -19.04
C PRO B 70 8.27 22.77 -18.50
N LYS B 71 8.40 22.96 -17.18
CA LYS B 71 9.70 23.27 -16.62
C LYS B 71 10.67 22.10 -16.78
N VAL B 72 10.20 20.87 -16.55
CA VAL B 72 11.03 19.70 -16.74
C VAL B 72 11.41 19.54 -18.20
N ALA B 73 10.45 19.72 -19.11
CA ALA B 73 10.69 19.62 -20.54
C ALA B 73 11.45 20.82 -21.10
N GLN B 74 11.69 21.85 -20.29
CA GLN B 74 12.41 23.04 -20.71
C GLN B 74 11.72 23.74 -21.89
N GLU B 75 10.39 23.68 -21.92
CA GLU B 75 9.62 24.32 -22.98
C GLU B 75 8.61 25.29 -22.36
N THR B 76 8.22 26.30 -23.14
CA THR B 76 7.27 27.27 -22.65
C THR B 76 5.89 26.66 -22.44
N ASP B 77 5.56 25.61 -23.18
CA ASP B 77 4.32 24.89 -22.98
C ASP B 77 4.50 23.44 -23.42
N VAL B 78 3.64 22.58 -22.90
CA VAL B 78 3.67 21.16 -23.19
C VAL B 78 2.29 20.74 -23.66
N ARG B 79 2.21 20.10 -24.82
CA ARG B 79 0.96 19.62 -25.38
C ARG B 79 0.92 18.10 -25.28
N ALA B 80 -0.06 17.59 -24.54
CA ALA B 80 -0.24 16.15 -24.37
C ALA B 80 -1.41 15.69 -25.22
N GLN B 81 -1.38 14.42 -25.61
CA GLN B 81 -2.41 13.87 -26.47
C GLN B 81 -2.50 12.37 -26.24
N ILE B 82 -3.63 11.93 -25.70
CA ILE B 82 -3.92 10.51 -25.53
C ILE B 82 -4.93 10.11 -26.60
N ARG B 83 -4.67 8.99 -27.27
CA ARG B 83 -5.59 8.47 -28.27
C ARG B 83 -5.87 7.01 -27.95
N LEU B 84 -7.14 6.65 -27.91
CA LEU B 84 -7.57 5.30 -27.57
C LEU B 84 -8.41 4.74 -28.71
N GLN B 85 -8.08 3.52 -29.14
CA GLN B 85 -8.82 2.81 -30.16
C GLN B 85 -9.49 1.61 -29.52
N PHE B 86 -10.80 1.50 -29.70
CA PHE B 86 -11.57 0.46 -29.02
C PHE B 86 -12.81 0.12 -29.84
N ARG B 87 -13.40 -1.02 -29.53
CA ARG B 87 -14.67 -1.44 -30.12
C ARG B 87 -15.79 -1.18 -29.12
N ASP B 88 -16.88 -0.62 -29.60
CA ASP B 88 -18.02 -0.31 -28.75
C ASP B 88 -18.84 -1.57 -28.50
N VAL B 89 -20.01 -1.41 -27.88
CA VAL B 89 -20.81 -2.57 -27.47
C VAL B 89 -21.25 -3.38 -28.67
N ASN B 90 -21.72 -2.70 -29.72
CA ASN B 90 -22.13 -3.40 -30.93
C ASN B 90 -20.93 -4.06 -31.62
N GLY B 91 -19.78 -3.39 -31.64
CA GLY B 91 -18.59 -3.95 -32.23
C GLY B 91 -17.87 -3.05 -33.19
N GLU B 92 -18.39 -1.83 -33.39
CA GLU B 92 -17.79 -0.89 -34.31
C GLU B 92 -16.51 -0.31 -33.73
N LEU B 93 -15.54 -0.03 -34.60
CA LEU B 93 -14.27 0.53 -34.18
C LEU B 93 -14.38 2.03 -34.02
N ILE B 94 -13.91 2.55 -32.88
CA ILE B 94 -13.88 3.98 -32.59
C ILE B 94 -12.49 4.35 -32.12
N ALA B 95 -12.05 5.54 -32.49
CA ALA B 95 -10.67 6.01 -32.27
C ALA B 95 -10.67 7.35 -31.56
N VAL B 96 -11.39 7.43 -30.44
CA VAL B 96 -11.44 8.66 -29.66
C VAL B 96 -10.04 9.16 -29.33
N GLN B 97 -9.90 10.48 -29.23
CA GLN B 97 -8.62 11.11 -28.90
C GLN B 97 -8.89 12.38 -28.11
N ARG B 98 -8.03 12.65 -27.14
CA ARG B 98 -8.13 13.83 -26.29
C ARG B 98 -6.80 14.55 -26.25
N SER B 99 -6.85 15.87 -26.28
CA SER B 99 -5.64 16.70 -26.29
C SER B 99 -5.73 17.73 -25.17
N MET B 100 -4.59 18.03 -24.56
CA MET B 100 -4.49 19.05 -23.53
C MET B 100 -3.19 19.82 -23.71
N VAL B 101 -3.13 21.00 -23.10
CA VAL B 101 -1.94 21.85 -23.13
C VAL B 101 -1.73 22.41 -21.73
N CYS B 102 -0.47 22.50 -21.31
CA CYS B 102 -0.10 23.03 -20.00
C CYS B 102 0.96 24.11 -20.23
N THR B 103 0.50 25.33 -20.47
CA THR B 103 1.40 26.45 -20.70
C THR B 103 2.00 26.95 -19.38
N GLN B 104 3.21 27.50 -19.48
CA GLN B 104 3.92 28.04 -18.32
C GLN B 104 3.65 29.53 -18.25
N LYS B 105 2.67 29.90 -17.43
CA LYS B 105 2.32 31.31 -17.21
C LYS B 105 3.02 31.78 -15.95
N SER B 106 4.16 32.46 -16.11
CA SER B 106 4.99 32.99 -15.02
C SER B 106 5.27 31.85 -14.04
N LYS B 107 5.02 32.02 -12.73
CA LYS B 107 5.32 30.97 -11.78
C LYS B 107 4.35 29.81 -11.89
N LYS B 108 3.05 30.10 -12.07
CA LYS B 108 2.04 29.05 -12.11
C LYS B 108 2.03 28.36 -13.47
N THR B 109 1.32 27.24 -13.52
CA THR B 109 1.17 26.44 -14.74
C THR B 109 -0.31 26.45 -15.14
N GLU B 110 -0.62 27.15 -16.24
CA GLU B 110 -1.98 27.19 -16.74
C GLU B 110 -2.27 25.95 -17.58
N PHE B 111 -3.47 25.40 -17.39
CA PHE B 111 -3.89 24.18 -18.07
C PHE B 111 -5.14 24.45 -18.89
N LYS B 112 -5.25 23.76 -20.03
CA LYS B 112 -6.37 23.95 -20.93
C LYS B 112 -6.53 22.70 -21.77
N THR B 113 -7.78 22.30 -22.01
CA THR B 113 -8.09 21.11 -22.78
C THR B 113 -8.51 21.51 -24.20
N LEU B 114 -7.83 20.96 -25.19
CA LEU B 114 -8.20 21.17 -26.58
C LEU B 114 -9.37 20.27 -26.95
N GLU B 115 -10.01 20.59 -28.08
CA GLU B 115 -11.14 19.81 -28.55
C GLU B 115 -10.65 18.46 -29.07
N GLY B 116 -11.21 17.38 -28.53
CA GLY B 116 -10.85 16.05 -28.98
C GLY B 116 -11.53 15.69 -30.28
N VAL B 117 -11.16 14.53 -30.81
CA VAL B 117 -11.70 14.04 -32.08
C VAL B 117 -12.28 12.65 -31.87
N ILE B 118 -13.41 12.40 -32.51
CA ILE B 118 -14.05 11.09 -32.53
C ILE B 118 -13.91 10.54 -33.95
N THR B 119 -13.41 9.32 -34.07
CA THR B 119 -13.15 8.70 -35.36
C THR B 119 -13.90 7.38 -35.43
N ARG B 120 -15.07 7.40 -36.06
CA ARG B 120 -15.89 6.20 -36.26
C ARG B 120 -15.73 5.76 -37.71
N THR B 121 -15.11 4.61 -37.92
CA THR B 121 -14.96 4.08 -39.27
C THR B 121 -16.32 3.65 -39.80
N LYS B 122 -16.64 4.09 -41.02
CA LYS B 122 -17.92 3.79 -41.64
C LYS B 122 -17.72 3.62 -43.13
N HIS B 123 -18.06 2.43 -43.64
CA HIS B 123 -17.96 2.08 -45.06
C HIS B 123 -16.63 2.52 -45.66
N GLY B 124 -15.55 2.22 -44.94
CA GLY B 124 -14.21 2.51 -45.41
C GLY B 124 -13.77 3.95 -45.29
N GLU B 125 -14.58 4.81 -44.68
CA GLU B 125 -14.25 6.21 -44.48
C GLU B 125 -14.07 6.48 -43.00
N LYS B 126 -12.96 7.11 -42.64
CA LYS B 126 -12.65 7.44 -41.24
C LYS B 126 -13.04 8.90 -41.00
N VAL B 127 -14.24 9.11 -40.48
CA VAL B 127 -14.67 10.46 -40.12
C VAL B 127 -13.87 10.94 -38.92
N SER B 128 -13.90 12.26 -38.70
CA SER B 128 -13.17 12.86 -37.58
C SER B 128 -13.89 14.15 -37.20
N LEU B 129 -14.67 14.09 -36.12
CA LEU B 129 -15.41 15.23 -35.63
C LEU B 129 -14.71 15.82 -34.41
N SER B 130 -14.41 17.12 -34.47
CA SER B 130 -13.71 17.79 -33.38
C SER B 130 -14.71 18.19 -32.30
N SER B 131 -15.16 17.19 -31.56
CA SER B 131 -16.14 17.39 -30.51
C SER B 131 -15.49 17.93 -29.24
N LYS B 132 -16.31 18.53 -28.39
CA LYS B 132 -15.84 19.08 -27.13
C LYS B 132 -15.87 18.00 -26.06
N CYS B 133 -15.55 18.40 -24.82
CA CYS B 133 -15.43 17.43 -23.73
C CYS B 133 -16.76 16.77 -23.40
N ALA B 134 -17.86 17.53 -23.40
CA ALA B 134 -19.15 16.96 -23.02
C ALA B 134 -19.59 15.89 -24.02
N GLU B 135 -19.53 16.20 -25.32
CA GLU B 135 -19.87 15.21 -26.33
C GLU B 135 -18.91 14.03 -26.30
N ILE B 136 -17.64 14.28 -26.02
CA ILE B 136 -16.66 13.21 -25.96
C ILE B 136 -17.01 12.23 -24.84
N ASP B 137 -17.34 12.78 -23.66
CA ASP B 137 -17.72 11.93 -22.54
C ASP B 137 -19.01 11.18 -22.83
N ARG B 138 -20.00 11.85 -23.41
CA ARG B 138 -21.26 11.19 -23.73
C ARG B 138 -21.05 10.04 -24.70
N GLU B 139 -20.23 10.25 -25.73
CA GLU B 139 -19.98 9.20 -26.72
C GLU B 139 -19.19 8.05 -26.10
N MET B 140 -18.23 8.35 -25.23
CA MET B 140 -17.48 7.29 -24.56
C MET B 140 -18.40 6.45 -23.68
N ILE B 141 -19.28 7.10 -22.93
CA ILE B 141 -20.21 6.37 -22.08
C ILE B 141 -21.16 5.52 -22.92
N SER B 142 -21.68 6.08 -24.01
CA SER B 142 -22.61 5.34 -24.85
C SER B 142 -21.94 4.20 -25.60
N SER B 143 -20.63 4.32 -25.85
CA SER B 143 -19.93 3.26 -26.58
C SER B 143 -19.49 2.15 -25.65
N LEU B 144 -18.81 2.49 -24.55
CA LEU B 144 -18.36 1.47 -23.63
C LEU B 144 -19.51 0.78 -22.91
N GLY B 145 -20.70 1.38 -22.91
CA GLY B 145 -21.86 0.77 -22.31
C GLY B 145 -21.90 0.80 -20.80
N VAL B 146 -21.04 1.58 -20.15
CA VAL B 146 -21.01 1.67 -18.70
C VAL B 146 -20.98 3.14 -18.30
N SER B 147 -21.38 3.39 -17.06
CA SER B 147 -21.47 4.75 -16.55
C SER B 147 -20.09 5.30 -16.22
N LYS B 148 -20.03 6.62 -16.09
CA LYS B 148 -18.77 7.28 -15.78
C LYS B 148 -18.26 6.90 -14.39
N ALA B 149 -19.16 6.78 -13.43
CA ALA B 149 -18.75 6.40 -12.08
C ALA B 149 -18.15 5.00 -12.05
N VAL B 150 -18.73 4.08 -12.83
CA VAL B 150 -18.18 2.73 -12.91
C VAL B 150 -16.76 2.78 -13.49
N LEU B 151 -16.59 3.49 -14.60
CA LEU B 151 -15.26 3.61 -15.19
C LEU B 151 -14.27 4.23 -14.21
N ASN B 152 -14.73 5.18 -13.40
CA ASN B 152 -13.84 5.86 -12.47
C ASN B 152 -13.42 4.94 -11.34
N ASN B 153 -14.37 4.23 -10.74
CA ASN B 153 -14.14 3.55 -9.47
C ASN B 153 -13.95 2.04 -9.59
N VAL B 154 -14.75 1.37 -10.40
CA VAL B 154 -14.72 -0.08 -10.49
C VAL B 154 -13.69 -0.56 -11.50
N ILE B 155 -13.63 0.06 -12.67
CA ILE B 155 -12.80 -0.43 -13.77
C ILE B 155 -11.40 0.15 -13.68
N PHE B 156 -11.29 1.47 -13.76
CA PHE B 156 -10.01 2.16 -13.84
C PHE B 156 -9.63 2.81 -12.52
N CYS B 157 -9.89 2.13 -11.41
CA CYS B 157 -9.57 2.68 -10.10
C CYS B 157 -8.09 3.01 -10.00
N HIS B 158 -7.79 4.20 -9.50
CA HIS B 158 -6.41 4.63 -9.33
C HIS B 158 -5.75 3.82 -8.22
N GLN B 159 -4.42 3.76 -8.27
CA GLN B 159 -3.68 3.01 -7.25
C GLN B 159 -3.88 3.63 -5.87
N GLU B 160 -3.86 4.95 -5.77
CA GLU B 160 -4.05 5.62 -4.50
C GLU B 160 -5.50 5.64 -4.06
N ASP B 161 -6.45 5.46 -4.98
CA ASP B 161 -7.87 5.45 -4.68
C ASP B 161 -8.44 4.03 -4.68
N SER B 162 -7.60 3.01 -4.66
CA SER B 162 -8.07 1.64 -4.78
C SER B 162 -8.85 1.17 -3.55
N ASN B 163 -8.64 1.81 -2.40
CA ASN B 163 -9.32 1.44 -1.17
C ASN B 163 -10.51 2.34 -0.86
N TRP B 164 -11.21 2.80 -1.89
CA TRP B 164 -12.39 3.64 -1.74
C TRP B 164 -13.58 2.95 -1.07
N PRO B 165 -13.75 1.62 -1.16
CA PRO B 165 -14.86 1.00 -0.41
C PRO B 165 -14.72 1.14 1.10
N LEU B 166 -13.53 1.45 1.61
CA LEU B 166 -13.29 1.60 3.04
C LEU B 166 -12.94 3.03 3.39
N SER B 167 -13.62 3.98 2.76
CA SER B 167 -13.46 5.39 3.09
C SER B 167 -14.52 5.78 4.12
N GLU B 168 -14.63 7.08 4.39
CA GLU B 168 -15.61 7.54 5.36
C GLU B 168 -17.02 7.41 4.81
N GLY B 169 -18.00 7.65 5.68
CA GLY B 169 -19.39 7.46 5.28
C GLY B 169 -19.83 8.38 4.16
N LYS B 170 -19.43 9.65 4.22
CA LYS B 170 -19.80 10.61 3.17
C LYS B 170 -19.19 10.21 1.83
N ALA B 171 -17.89 9.94 1.81
CA ALA B 171 -17.22 9.60 0.56
C ALA B 171 -17.75 8.29 -0.02
N LEU B 172 -17.93 7.28 0.82
CA LEU B 172 -18.46 6.00 0.35
C LEU B 172 -19.88 6.15 -0.17
N LYS B 173 -20.70 6.93 0.53
CA LYS B 173 -22.06 7.16 0.06
C LYS B 173 -22.06 7.89 -1.28
N GLN B 174 -21.20 8.88 -1.44
CA GLN B 174 -21.15 9.60 -2.72
C GLN B 174 -20.67 8.68 -3.84
N LYS B 175 -19.69 7.81 -3.55
CA LYS B 175 -19.21 6.89 -4.57
C LYS B 175 -20.30 5.92 -5.00
N PHE B 176 -20.93 5.26 -4.04
CA PHE B 176 -22.02 4.34 -4.38
C PHE B 176 -23.26 5.06 -4.85
N ASP B 177 -23.30 6.38 -4.70
CA ASP B 177 -24.39 7.21 -5.19
C ASP B 177 -24.24 7.47 -6.68
N GLU B 178 -23.06 7.97 -7.09
CA GLU B 178 -22.82 8.15 -8.51
C GLU B 178 -22.80 6.81 -9.24
N ILE B 179 -22.34 5.75 -8.56
CA ILE B 179 -22.37 4.43 -9.15
C ILE B 179 -23.80 3.96 -9.40
N PHE B 180 -24.69 4.19 -8.42
CA PHE B 180 -26.09 3.80 -8.54
C PHE B 180 -26.89 4.74 -9.43
N SER B 181 -26.24 5.72 -10.07
CA SER B 181 -26.89 6.66 -10.99
C SER B 181 -28.07 7.37 -10.33
N ALA B 182 -27.86 7.81 -9.08
CA ALA B 182 -28.88 8.53 -8.34
C ALA B 182 -28.34 9.85 -7.79
N THR B 183 -27.36 10.45 -8.48
CA THR B 183 -26.75 11.67 -8.00
C THR B 183 -27.62 12.91 -8.26
N ARG B 184 -28.55 12.84 -9.22
CA ARG B 184 -29.46 13.96 -9.42
C ARG B 184 -30.39 14.15 -8.23
N TYR B 185 -30.85 13.05 -7.63
CA TYR B 185 -31.72 13.17 -6.47
C TYR B 185 -31.00 13.68 -5.23
N ILE B 186 -29.73 13.34 -5.06
CA ILE B 186 -28.98 13.95 -3.97
C ILE B 186 -28.59 15.40 -4.28
N LYS B 187 -28.47 15.77 -5.55
CA LYS B 187 -28.36 17.18 -5.88
C LYS B 187 -29.64 17.93 -5.50
N ALA B 188 -30.79 17.30 -5.74
CA ALA B 188 -32.05 17.87 -5.29
C ALA B 188 -32.11 17.97 -3.77
N LEU B 189 -31.63 16.96 -3.06
CA LEU B 189 -31.53 17.03 -1.61
C LEU B 189 -30.64 18.18 -1.17
N GLU B 190 -29.50 18.36 -1.84
CA GLU B 190 -28.58 19.44 -1.51
C GLU B 190 -29.23 20.80 -1.72
N THR B 191 -29.92 21.00 -2.84
CA THR B 191 -30.54 22.31 -3.06
C THR B 191 -31.71 22.52 -2.10
N LEU B 192 -32.43 21.46 -1.72
CA LEU B 192 -33.44 21.60 -0.68
C LEU B 192 -32.83 22.10 0.62
N ARG B 193 -31.71 21.48 1.04
CA ARG B 193 -31.08 21.90 2.28
C ARG B 193 -30.54 23.32 2.18
N GLN B 194 -29.96 23.70 1.04
CA GLN B 194 -29.44 25.04 0.89
C GLN B 194 -30.55 26.08 0.91
N VAL B 195 -31.69 25.79 0.26
CA VAL B 195 -32.82 26.70 0.30
C VAL B 195 -33.31 26.85 1.73
N ARG B 196 -33.49 25.69 2.49
CA ARG B 196 -33.91 25.84 3.90
C ARG B 196 -32.86 26.69 4.61
N GLN B 197 -31.57 26.49 4.48
CA GLN B 197 -30.60 27.23 5.28
C GLN B 197 -30.65 28.72 4.97
N THR B 198 -30.74 29.08 3.68
CA THR B 198 -30.86 30.49 3.34
C THR B 198 -32.15 31.07 3.90
N GLN B 199 -33.24 30.31 3.85
CA GLN B 199 -34.50 30.78 4.42
C GLN B 199 -34.41 30.93 5.93
N GLY B 200 -33.68 30.05 6.60
CA GLY B 200 -33.48 30.20 8.04
C GLY B 200 -32.69 31.45 8.38
N GLN B 201 -31.65 31.73 7.60
CA GLN B 201 -30.90 32.97 7.81
C GLN B 201 -31.79 34.18 7.57
N LYS B 202 -32.60 34.15 6.51
CA LYS B 202 -33.52 35.25 6.24
C LYS B 202 -34.54 35.41 7.37
N VAL B 203 -35.00 34.29 7.93
CA VAL B 203 -35.93 34.34 9.06
C VAL B 203 -35.26 34.98 10.26
N LYS B 204 -34.00 34.65 10.51
CA LYS B 204 -33.27 35.28 11.62
C LYS B 204 -33.14 36.78 11.40
N GLU B 205 -32.91 37.21 10.17
CA GLU B 205 -32.74 38.66 9.88
C GLU B 205 -34.07 39.36 10.09
N TYR B 206 -35.10 38.80 9.51
CA TYR B 206 -36.43 39.38 9.70
C TYR B 206 -36.71 39.56 11.19
N GLN B 207 -36.24 38.70 12.06
CA GLN B 207 -36.66 38.87 13.48
C GLN B 207 -35.97 40.07 14.15
N MET B 208 -34.74 40.43 13.78
CA MET B 208 -34.13 41.66 14.36
C MET B 208 -34.80 42.89 13.76
N GLU B 209 -35.10 42.85 12.48
CA GLU B 209 -35.86 43.98 11.90
C GLU B 209 -37.19 44.03 12.63
N LEU B 210 -37.70 42.90 13.08
CA LEU B 210 -39.04 42.90 13.70
C LEU B 210 -38.87 43.61 15.02
N LYS B 211 -37.80 43.28 15.72
CA LYS B 211 -37.58 44.06 16.97
C LYS B 211 -37.61 45.53 16.59
N TYR B 212 -36.79 45.96 15.64
CA TYR B 212 -36.73 47.43 15.42
C TYR B 212 -38.09 48.00 15.01
N LEU B 213 -38.91 47.29 14.25
CA LEU B 213 -40.19 47.83 13.73
C LEU B 213 -41.27 47.81 14.81
N LYS B 214 -41.38 46.75 15.58
CA LYS B 214 -42.36 46.80 16.66
C LYS B 214 -42.19 48.07 17.49
N GLN B 215 -40.95 48.48 17.74
CA GLN B 215 -40.71 49.74 18.41
C GLN B 215 -41.26 50.92 17.61
N TYR B 216 -41.03 50.90 16.29
CA TYR B 216 -41.58 51.96 15.45
C TYR B 216 -43.10 51.96 15.43
N LYS B 217 -43.71 50.77 15.38
CA LYS B 217 -45.17 50.68 15.44
C LYS B 217 -45.71 51.24 16.75
N GLU B 218 -45.07 50.88 17.87
CA GLU B 218 -45.50 51.39 19.16
C GLU B 218 -45.37 52.90 19.25
N LYS B 219 -44.26 53.45 18.75
CA LYS B 219 -44.09 54.90 18.75
C LYS B 219 -45.16 55.58 17.90
N ALA B 220 -45.42 55.04 16.71
CA ALA B 220 -46.41 55.63 15.82
C ALA B 220 -47.80 55.59 16.45
N CYS B 221 -48.18 54.45 17.05
CA CYS B 221 -49.50 54.36 17.67
C CYS B 221 -49.60 55.27 18.90
N GLU B 222 -48.53 55.37 19.68
CA GLU B 222 -48.55 56.25 20.85
C GLU B 222 -48.73 57.70 20.44
N ILE B 223 -47.97 58.16 19.44
CA ILE B 223 -48.12 59.54 19.01
C ILE B 223 -49.44 59.79 18.28
N ARG B 224 -49.98 58.79 17.59
CA ARG B 224 -51.32 58.95 17.00
C ARG B 224 -52.38 59.10 18.07
N ASP B 225 -52.32 58.26 19.11
CA ASP B 225 -53.28 58.36 20.21
C ASP B 225 -53.15 59.70 20.93
N GLN B 226 -51.92 60.15 21.14
CA GLN B 226 -51.70 61.44 21.79
C GLN B 226 -52.20 62.58 20.91
N ILE B 227 -52.06 62.47 19.59
CA ILE B 227 -52.60 63.46 18.66
C ILE B 227 -54.11 63.52 18.78
N THR B 228 -54.75 62.34 18.83
CA THR B 228 -56.20 62.31 19.00
C THR B 228 -56.62 62.95 20.32
N SER B 229 -55.86 62.67 21.39
CA SER B 229 -56.18 63.27 22.68
C SER B 229 -56.04 64.79 22.65
N LYS B 230 -54.98 65.29 22.01
CA LYS B 230 -54.80 66.73 21.90
C LYS B 230 -55.88 67.37 21.04
N GLU B 231 -56.31 66.69 19.97
CA GLU B 231 -57.42 67.20 19.17
C GLU B 231 -58.71 67.26 19.98
N ALA B 232 -58.94 66.24 20.81
CA ALA B 232 -60.11 66.27 21.69
C ALA B 232 -60.05 67.42 22.68
N GLN B 233 -58.87 67.67 23.25
CA GLN B 233 -58.72 68.81 24.16
C GLN B 233 -58.90 70.13 23.42
N LEU B 234 -58.43 70.22 22.17
CA LEU B 234 -58.65 71.43 21.38
C LEU B 234 -60.13 71.66 21.13
N THR B 235 -60.87 70.60 20.81
CA THR B 235 -62.31 70.72 20.63
C THR B 235 -62.99 71.15 21.93
N SER B 236 -62.54 70.60 23.06
CA SER B 236 -63.10 71.00 24.34
C SER B 236 -62.83 72.48 24.64
N SER B 237 -61.62 72.95 24.33
CA SER B 237 -61.28 74.35 24.53
C SER B 237 -62.12 75.25 23.63
N LYS B 238 -62.35 74.82 22.39
CA LYS B 238 -63.22 75.58 21.50
C LYS B 238 -64.64 75.64 22.03
N GLU B 239 -65.13 74.53 22.58
CA GLU B 239 -66.47 74.51 23.17
C GLU B 239 -66.54 75.45 24.38
N ILE B 240 -65.49 75.47 25.20
CA ILE B 240 -65.46 76.39 26.34
C ILE B 240 -65.47 77.83 25.86
N VAL B 241 -64.71 78.13 24.80
CA VAL B 241 -64.70 79.48 24.24
C VAL B 241 -66.09 79.86 23.76
N LYS B 242 -66.78 78.93 23.08
CA LYS B 242 -68.15 79.20 22.67
C LYS B 242 -69.07 79.42 23.86
N SER B 243 -68.85 78.66 24.94
CA SER B 243 -69.67 78.83 26.13
C SER B 243 -69.48 80.21 26.74
N TYR B 244 -68.24 80.71 26.76
CA TYR B 244 -68.00 82.05 27.31
C TYR B 244 -68.74 83.11 26.51
N GLU B 245 -68.70 83.01 25.18
CA GLU B 245 -69.38 83.98 24.32
C GLU B 245 -70.89 83.72 24.31
N HIS B 1071 -61.99 84.76 28.13
CA HIS B 1071 -61.83 83.54 27.35
C HIS B 1071 -60.59 83.61 26.48
N ASN B 1072 -59.90 84.75 26.51
CA ASN B 1072 -58.69 84.91 25.72
C ASN B 1072 -57.59 83.95 26.18
N LEU B 1073 -57.58 83.62 27.47
CA LEU B 1073 -56.68 82.58 27.95
C LEU B 1073 -56.98 81.25 27.28
N ALA B 1074 -58.26 80.91 27.16
CA ALA B 1074 -58.65 79.71 26.43
C ALA B 1074 -58.31 79.83 24.94
N LEU B 1075 -58.35 81.04 24.39
CA LEU B 1075 -57.93 81.22 23.00
C LEU B 1075 -56.45 80.91 22.84
N GLY B 1076 -55.62 81.36 23.77
CA GLY B 1076 -54.21 81.01 23.73
C GLY B 1076 -53.99 79.53 23.93
N ARG B 1077 -54.79 78.89 24.79
CA ARG B 1077 -54.72 77.45 24.95
C ARG B 1077 -55.04 76.74 23.64
N GLN B 1078 -56.05 77.21 22.92
CA GLN B 1078 -56.40 76.64 21.63
C GLN B 1078 -55.29 76.84 20.61
N LYS B 1079 -54.66 78.02 20.64
CA LYS B 1079 -53.54 78.27 19.72
C LYS B 1079 -52.37 77.31 20.01
N GLY B 1080 -52.05 77.12 21.29
CA GLY B 1080 -51.00 76.17 21.64
C GLY B 1080 -51.36 74.76 21.25
N TYR B 1081 -52.64 74.39 21.40
CA TYR B 1081 -53.09 73.06 20.98
C TYR B 1081 -52.95 72.90 19.47
N GLU B 1082 -53.27 73.95 18.71
CA GLU B 1082 -53.08 73.90 17.26
C GLU B 1082 -51.61 73.72 16.89
N GLU B 1083 -50.73 74.43 17.60
CA GLU B 1083 -49.30 74.27 17.35
C GLU B 1083 -48.84 72.85 17.65
N GLU B 1084 -49.31 72.29 18.77
CA GLU B 1084 -49.00 70.90 19.09
C GLU B 1084 -49.49 69.96 18.00
N ILE B 1085 -50.72 70.18 17.53
CA ILE B 1085 -51.30 69.30 16.52
C ILE B 1085 -50.49 69.35 15.24
N ILE B 1086 -50.13 70.55 14.78
CA ILE B 1086 -49.40 70.65 13.52
C ILE B 1086 -47.99 70.08 13.65
N HIS B 1087 -47.33 70.32 14.80
CA HIS B 1087 -45.99 69.78 14.97
C HIS B 1087 -46.01 68.26 15.03
N PHE B 1088 -47.01 67.68 15.70
CA PHE B 1088 -47.05 66.22 15.80
C PHE B 1088 -47.53 65.59 14.49
N LYS B 1089 -48.33 66.31 13.70
CA LYS B 1089 -48.64 65.83 12.36
C LYS B 1089 -47.41 65.85 11.48
N LYS B 1090 -46.53 66.84 11.67
CA LYS B 1090 -45.24 66.81 11.00
C LYS B 1090 -44.42 65.61 11.47
N GLU B 1091 -44.44 65.32 12.76
CA GLU B 1091 -43.71 64.17 13.28
C GLU B 1091 -44.22 62.86 12.71
N LEU B 1092 -45.55 62.73 12.57
CA LEU B 1092 -46.13 61.55 11.95
C LEU B 1092 -45.67 61.38 10.50
N ARG B 1093 -45.41 62.49 9.83
CA ARG B 1093 -44.99 62.45 8.43
C ARG B 1093 -43.55 61.96 8.27
N GLU B 1094 -42.82 61.78 9.35
CA GLU B 1094 -41.44 61.32 9.26
C GLU B 1094 -41.40 59.92 8.64
N PRO B 1095 -40.56 59.70 7.62
CA PRO B 1095 -40.50 58.37 6.98
C PRO B 1095 -40.18 57.21 7.91
N GLN B 1096 -39.73 57.50 9.14
CA GLN B 1096 -39.42 56.42 10.08
C GLN B 1096 -40.68 55.61 10.40
N PHE B 1097 -41.81 56.27 10.62
CA PHE B 1097 -43.06 55.58 10.90
C PHE B 1097 -44.22 56.24 10.17
N ARG B 1098 -43.97 56.73 8.95
CA ARG B 1098 -45.04 57.31 8.16
C ARG B 1098 -46.00 56.24 7.65
N ASP B 1099 -45.50 55.03 7.40
CA ASP B 1099 -46.32 53.93 6.93
C ASP B 1099 -45.95 52.63 7.65
N ALA B 1100 -45.58 52.72 8.93
CA ALA B 1100 -45.13 51.55 9.67
C ALA B 1100 -46.25 50.52 9.87
N GLU B 1101 -47.51 50.95 9.84
CA GLU B 1101 -48.61 50.03 10.08
C GLU B 1101 -48.64 48.91 9.05
N GLU B 1102 -48.49 49.25 7.77
CA GLU B 1102 -48.47 48.22 6.74
C GLU B 1102 -47.13 47.53 6.65
N LYS B 1103 -46.03 48.27 6.84
CA LYS B 1103 -44.71 47.68 6.68
C LYS B 1103 -44.44 46.61 7.73
N TYR B 1104 -44.73 46.91 9.00
CA TYR B 1104 -44.50 45.93 10.06
C TYR B 1104 -45.36 44.70 9.87
N ARG B 1105 -46.63 44.89 9.52
CA ARG B 1105 -47.52 43.77 9.28
C ARG B 1105 -47.03 42.90 8.14
N GLU B 1106 -46.64 43.52 7.02
CA GLU B 1106 -46.20 42.76 5.86
C GLU B 1106 -44.89 42.01 6.16
N MET B 1107 -43.98 42.65 6.89
CA MET B 1107 -42.71 41.98 7.19
C MET B 1107 -42.91 40.84 8.19
N MET B 1108 -43.81 40.99 9.16
CA MET B 1108 -44.14 39.87 10.02
C MET B 1108 -44.79 38.74 9.24
N ILE B 1109 -45.67 39.08 8.29
CA ILE B 1109 -46.27 38.05 7.44
C ILE B 1109 -45.20 37.32 6.67
N VAL B 1110 -44.23 38.05 6.12
CA VAL B 1110 -43.15 37.42 5.36
C VAL B 1110 -42.32 36.50 6.25
N MET B 1111 -42.01 36.95 7.47
CA MET B 1111 -41.25 36.10 8.39
C MET B 1111 -42.01 34.82 8.71
N ARG B 1112 -43.30 34.94 9.02
CA ARG B 1112 -44.09 33.77 9.38
C ARG B 1112 -44.20 32.79 8.21
N THR B 1113 -44.45 33.31 7.00
CA THR B 1113 -44.61 32.43 5.86
C THR B 1113 -43.28 31.77 5.49
N THR B 1114 -42.16 32.49 5.65
CA THR B 1114 -40.86 31.87 5.38
C THR B 1114 -40.55 30.78 6.40
N GLU B 1115 -40.90 30.99 7.67
CA GLU B 1115 -40.64 29.93 8.65
C GLU B 1115 -41.56 28.73 8.45
N LEU B 1116 -42.80 28.95 8.01
CA LEU B 1116 -43.66 27.82 7.70
C LEU B 1116 -43.12 27.02 6.51
N VAL B 1117 -42.70 27.71 5.46
CA VAL B 1117 -42.08 27.04 4.33
C VAL B 1117 -40.80 26.32 4.76
N ASN B 1118 -40.08 26.90 5.73
CA ASN B 1118 -38.89 26.26 6.27
C ASN B 1118 -39.24 24.93 6.95
N LYS B 1119 -40.32 24.92 7.74
CA LYS B 1119 -40.75 23.67 8.37
C LYS B 1119 -41.12 22.62 7.33
N ASP B 1120 -41.85 23.05 6.30
CA ASP B 1120 -42.22 22.11 5.23
C ASP B 1120 -40.97 21.59 4.51
N LEU B 1121 -39.99 22.46 4.30
CA LEU B 1121 -38.73 22.04 3.68
C LEU B 1121 -38.01 21.02 4.55
N ASP B 1122 -38.04 21.21 5.87
CA ASP B 1122 -37.46 20.21 6.77
C ASP B 1122 -38.13 18.86 6.60
N ILE B 1123 -39.46 18.85 6.56
CA ILE B 1123 -40.20 17.59 6.45
C ILE B 1123 -39.88 16.91 5.12
N TYR B 1124 -39.91 17.68 4.03
CA TYR B 1124 -39.63 17.10 2.71
C TYR B 1124 -38.19 16.66 2.56
N TYR B 1125 -37.24 17.39 3.15
CA TYR B 1125 -35.84 16.98 3.13
C TYR B 1125 -35.67 15.65 3.86
N LYS B 1126 -36.31 15.50 5.02
CA LYS B 1126 -36.23 14.23 5.74
C LYS B 1126 -36.83 13.10 4.92
N THR B 1127 -37.98 13.34 4.28
CA THR B 1127 -38.61 12.29 3.49
C THR B 1127 -37.74 11.89 2.31
N LEU B 1128 -37.15 12.86 1.61
CA LEU B 1128 -36.30 12.55 0.47
C LEU B 1128 -35.04 11.82 0.91
N ASP B 1129 -34.47 12.19 2.07
CA ASP B 1129 -33.31 11.48 2.58
C ASP B 1129 -33.66 10.01 2.89
N GLN B 1130 -34.80 9.78 3.53
CA GLN B 1130 -35.21 8.41 3.80
C GLN B 1130 -35.42 7.63 2.51
N ALA B 1131 -36.04 8.25 1.50
CA ALA B 1131 -36.25 7.57 0.23
C ALA B 1131 -34.93 7.22 -0.44
N ILE B 1132 -33.98 8.15 -0.44
CA ILE B 1132 -32.69 7.90 -1.08
C ILE B 1132 -31.94 6.79 -0.35
N MET B 1133 -32.01 6.71 0.94
CA MET B 1133 -31.22 5.64 1.57
C MET B 1133 -31.96 4.34 1.36
N LYS B 1134 -33.27 4.34 1.41
CA LYS B 1134 -33.96 3.10 1.11
C LYS B 1134 -33.60 2.59 -0.26
N PHE B 1135 -33.51 3.48 -1.25
CA PHE B 1135 -33.08 3.08 -2.58
C PHE B 1135 -31.65 2.54 -2.57
N HIS B 1136 -30.76 3.18 -1.81
CA HIS B 1136 -29.40 2.70 -1.71
C HIS B 1136 -29.35 1.31 -1.12
N SER B 1137 -30.11 1.07 -0.05
CA SER B 1137 -30.12 -0.26 0.57
C SER B 1137 -30.71 -1.29 -0.38
N MET B 1138 -31.77 -0.95 -1.10
CA MET B 1138 -32.37 -1.89 -2.04
C MET B 1138 -31.39 -2.24 -3.16
N LYS B 1139 -30.66 -1.25 -3.67
CA LYS B 1139 -29.69 -1.53 -4.73
C LYS B 1139 -28.51 -2.33 -4.20
N MET B 1140 -28.09 -2.09 -2.97
CA MET B 1140 -26.97 -2.81 -2.39
C MET B 1140 -27.33 -4.24 -1.99
N GLU B 1141 -28.61 -4.53 -1.77
CA GLU B 1141 -29.01 -5.86 -1.35
C GLU B 1141 -28.60 -6.92 -2.36
N GLU B 1142 -28.66 -6.60 -3.65
CA GLU B 1142 -28.33 -7.58 -4.67
C GLU B 1142 -26.83 -7.85 -4.73
N ILE B 1143 -26.02 -6.79 -4.70
CA ILE B 1143 -24.58 -6.97 -4.81
C ILE B 1143 -23.96 -7.45 -3.51
N ASN B 1144 -24.69 -7.37 -2.40
CA ASN B 1144 -24.17 -7.88 -1.14
C ASN B 1144 -23.99 -9.39 -1.21
N LYS B 1145 -24.88 -10.09 -1.90
CA LYS B 1145 -24.73 -11.53 -2.06
C LYS B 1145 -23.46 -11.87 -2.84
N ILE B 1146 -23.17 -11.10 -3.89
CA ILE B 1146 -21.96 -11.33 -4.66
C ILE B 1146 -20.73 -11.07 -3.80
N ILE B 1147 -20.76 -9.99 -3.02
CA ILE B 1147 -19.66 -9.69 -2.12
C ILE B 1147 -19.45 -10.82 -1.12
N ARG B 1148 -20.54 -11.34 -0.56
CA ARG B 1148 -20.44 -12.42 0.42
C ARG B 1148 -19.85 -13.67 -0.21
N ASP B 1149 -20.33 -14.04 -1.40
CA ASP B 1149 -19.82 -15.23 -2.06
C ASP B 1149 -18.34 -15.09 -2.39
N LEU B 1150 -17.94 -13.92 -2.90
CA LEU B 1150 -16.54 -13.70 -3.22
C LEU B 1150 -15.67 -13.73 -1.97
N TRP B 1151 -16.13 -13.12 -0.89
CA TRP B 1151 -15.34 -13.14 0.34
C TRP B 1151 -15.20 -14.55 0.88
N ARG B 1152 -16.29 -15.34 0.84
CA ARG B 1152 -16.22 -16.71 1.31
C ARG B 1152 -15.25 -17.53 0.46
N SER B 1153 -15.26 -17.32 -0.86
CA SER B 1153 -14.43 -18.14 -1.74
C SER B 1153 -12.96 -17.75 -1.69
N THR B 1154 -12.64 -16.45 -1.62
CA THR B 1154 -11.28 -15.99 -1.84
C THR B 1154 -10.59 -15.47 -0.59
N TYR B 1155 -11.18 -15.63 0.59
CA TYR B 1155 -10.52 -15.25 1.83
C TYR B 1155 -10.08 -16.51 2.56
N ARG B 1156 -8.78 -16.72 2.67
CA ARG B 1156 -8.25 -17.92 3.29
C ARG B 1156 -8.25 -17.86 4.81
N GLY B 1157 -8.40 -16.67 5.39
CA GLY B 1157 -8.36 -16.56 6.82
C GLY B 1157 -9.66 -17.01 7.49
N GLN B 1158 -9.55 -17.30 8.78
CA GLN B 1158 -10.68 -17.72 9.58
C GLN B 1158 -11.20 -16.59 10.48
N ASP B 1159 -10.90 -15.35 10.13
CA ASP B 1159 -11.35 -14.21 10.94
C ASP B 1159 -12.81 -13.89 10.68
N ILE B 1160 -13.14 -13.52 9.45
CA ILE B 1160 -14.42 -12.93 9.09
C ILE B 1160 -15.20 -13.95 8.28
N GLU B 1161 -16.43 -14.23 8.70
CA GLU B 1161 -17.29 -15.13 7.94
C GLU B 1161 -17.60 -14.56 6.56
N TYR B 1162 -18.05 -13.30 6.52
CA TYR B 1162 -18.24 -12.60 5.26
C TYR B 1162 -18.34 -11.11 5.55
N ILE B 1163 -18.31 -10.31 4.49
CA ILE B 1163 -18.43 -8.86 4.59
C ILE B 1163 -19.58 -8.41 3.69
N GLU B 1164 -20.16 -7.26 4.06
CA GLU B 1164 -21.21 -6.66 3.25
C GLU B 1164 -21.26 -5.17 3.58
N ILE B 1165 -21.96 -4.42 2.74
CA ILE B 1165 -22.09 -2.98 2.90
C ILE B 1165 -23.46 -2.69 3.50
N ARG B 1166 -23.48 -2.00 4.63
CA ARG B 1166 -24.71 -1.66 5.33
C ARG B 1166 -24.88 -0.15 5.36
N SER B 1167 -26.03 0.33 4.89
CA SER B 1167 -26.36 1.74 4.88
C SER B 1167 -27.51 1.98 5.85
N ASP B 1168 -27.31 2.90 6.79
CA ASP B 1168 -28.31 3.23 7.79
C ASP B 1168 -28.69 4.69 7.65
N ALA B 1169 -29.98 4.95 7.46
CA ALA B 1169 -30.46 6.32 7.36
C ALA B 1169 -30.49 6.97 8.75
N ASP B 1170 -30.40 8.30 8.76
CA ASP B 1170 -30.48 9.06 10.00
C ASP B 1170 -31.92 9.43 10.29
N GLU B 1171 -32.43 8.97 11.43
CA GLU B 1171 -33.81 9.28 11.80
C GLU B 1171 -33.96 10.72 12.27
N ASN B 1172 -32.94 11.29 12.90
CA ASN B 1172 -32.99 12.65 13.40
C ASN B 1172 -32.44 13.67 12.42
N VAL B 1173 -32.35 13.32 11.14
CA VAL B 1173 -31.81 14.25 10.15
C VAL B 1173 -32.77 15.42 9.97
N SER B 1174 -32.19 16.58 9.66
CA SER B 1174 -32.97 17.78 9.43
C SER B 1174 -32.14 18.74 8.59
N ALA B 1175 -32.83 19.59 7.83
CA ALA B 1175 -32.13 20.55 6.99
C ALA B 1175 -31.47 21.66 7.79
N SER B 1176 -31.81 21.80 9.07
CA SER B 1176 -31.20 22.79 9.94
C SER B 1176 -29.92 22.29 10.62
N ASP B 1177 -29.55 21.03 10.38
CA ASP B 1177 -28.33 20.50 10.98
C ASP B 1177 -27.10 21.16 10.38
N LYS B 1178 -26.19 21.62 11.24
CA LYS B 1178 -24.94 22.20 10.75
C LYS B 1178 -24.04 21.14 10.13
N ARG B 1179 -24.04 19.93 10.67
CA ARG B 1179 -23.19 18.85 10.19
C ARG B 1179 -23.99 17.56 10.19
N ARG B 1180 -23.88 16.79 9.12
CA ARG B 1180 -24.66 15.58 8.95
C ARG B 1180 -23.89 14.36 9.43
N ASN B 1181 -24.62 13.26 9.60
CA ASN B 1181 -24.05 11.99 10.04
C ASN B 1181 -24.39 10.93 9.01
N TYR B 1182 -23.36 10.38 8.37
CA TYR B 1182 -23.53 9.35 7.35
C TYR B 1182 -23.09 8.00 7.91
N ASN B 1183 -23.93 6.99 7.73
CA ASN B 1183 -23.69 5.65 8.25
C ASN B 1183 -23.49 4.65 7.12
N TYR B 1184 -22.74 5.04 6.10
CA TYR B 1184 -22.38 4.14 5.01
C TYR B 1184 -21.06 3.45 5.36
N ARG B 1185 -21.07 2.13 5.35
CA ARG B 1185 -19.92 1.37 5.85
C ARG B 1185 -19.98 -0.04 5.32
N VAL B 1186 -18.83 -0.69 5.31
CA VAL B 1186 -18.74 -2.13 5.09
C VAL B 1186 -18.47 -2.77 6.44
N VAL B 1187 -19.02 -3.97 6.66
CA VAL B 1187 -19.01 -4.58 7.98
C VAL B 1187 -18.30 -5.93 7.90
N MET B 1188 -17.49 -6.22 8.88
CA MET B 1188 -16.86 -7.52 8.98
C MET B 1188 -17.75 -8.23 9.97
N LEU B 1189 -18.38 -9.31 9.61
CA LEU B 1189 -19.22 -10.15 10.45
C LEU B 1189 -18.38 -11.30 11.01
N LYS B 1190 -17.69 -11.02 12.11
CA LYS B 1190 -16.92 -12.04 12.82
C LYS B 1190 -17.88 -12.83 13.71
N GLY B 1191 -18.10 -14.09 13.37
CA GLY B 1191 -19.09 -14.89 14.07
C GLY B 1191 -20.51 -14.47 13.73
N ASP B 1192 -21.25 -14.00 14.72
CA ASP B 1192 -22.61 -13.51 14.50
C ASP B 1192 -22.76 -12.02 14.78
N THR B 1193 -21.72 -11.35 15.23
CA THR B 1193 -21.77 -9.92 15.52
C THR B 1193 -21.23 -9.13 14.34
N ALA B 1194 -21.95 -8.08 13.95
CA ALA B 1194 -21.56 -7.23 12.83
C ALA B 1194 -20.67 -6.12 13.33
N LEU B 1195 -19.38 -6.19 13.03
CA LEU B 1195 -18.42 -5.18 13.39
C LEU B 1195 -18.26 -4.18 12.25
N ASP B 1196 -17.60 -3.07 12.54
CA ASP B 1196 -17.31 -2.04 11.55
C ASP B 1196 -15.94 -2.35 10.97
N MET B 1197 -15.90 -2.76 9.70
CA MET B 1197 -14.64 -3.16 9.10
C MET B 1197 -13.67 -1.99 9.03
N ARG B 1198 -14.15 -0.81 8.66
CA ARG B 1198 -13.28 0.34 8.54
C ARG B 1198 -12.63 0.68 9.88
N GLY B 1199 -11.32 0.94 9.85
CA GLY B 1199 -10.61 1.29 11.06
C GLY B 1199 -9.96 0.11 11.75
N ARG B 1200 -10.73 -0.92 12.06
CA ARG B 1200 -10.24 -2.06 12.82
C ARG B 1200 -9.85 -3.24 11.93
N CYS B 1201 -9.86 -3.07 10.61
CA CYS B 1201 -9.43 -4.14 9.71
C CYS B 1201 -7.93 -4.09 9.49
N SER B 1202 -7.38 -5.23 9.09
CA SER B 1202 -5.98 -5.33 8.72
C SER B 1202 -5.73 -4.58 7.42
N ALA B 1203 -4.46 -4.28 7.15
CA ALA B 1203 -4.11 -3.65 5.87
C ALA B 1203 -4.36 -4.59 4.71
N GLY B 1204 -3.88 -5.83 4.82
CA GLY B 1204 -4.17 -6.82 3.78
C GLY B 1204 -5.65 -7.16 3.71
N GLN B 1205 -6.32 -7.19 4.86
CA GLN B 1205 -7.77 -7.40 4.87
C GLN B 1205 -8.48 -6.27 4.15
N LYS B 1206 -8.03 -5.03 4.38
CA LYS B 1206 -8.62 -3.89 3.69
C LYS B 1206 -8.39 -3.97 2.18
N VAL B 1207 -7.17 -4.35 1.77
CA VAL B 1207 -6.87 -4.48 0.35
C VAL B 1207 -7.76 -5.52 -0.29
N LEU B 1208 -7.87 -6.69 0.35
CA LEU B 1208 -8.70 -7.76 -0.19
C LEU B 1208 -10.17 -7.36 -0.21
N ALA B 1209 -10.64 -6.68 0.83
CA ALA B 1209 -12.02 -6.25 0.88
C ALA B 1209 -12.34 -5.28 -0.25
N SER B 1210 -11.47 -4.30 -0.47
CA SER B 1210 -11.68 -3.36 -1.57
C SER B 1210 -11.65 -4.06 -2.91
N LEU B 1211 -10.73 -5.01 -3.08
CA LEU B 1211 -10.67 -5.76 -4.34
C LEU B 1211 -11.95 -6.56 -4.56
N ILE B 1212 -12.47 -7.19 -3.51
CA ILE B 1212 -13.70 -7.97 -3.62
C ILE B 1212 -14.88 -7.06 -3.94
N ILE B 1213 -14.94 -5.89 -3.30
CA ILE B 1213 -16.02 -4.94 -3.59
C ILE B 1213 -15.97 -4.52 -5.04
N ARG B 1214 -14.77 -4.20 -5.54
CA ARG B 1214 -14.64 -3.79 -6.94
C ARG B 1214 -15.01 -4.91 -7.89
N LEU B 1215 -14.61 -6.15 -7.57
CA LEU B 1215 -14.95 -7.28 -8.43
C LEU B 1215 -16.46 -7.51 -8.46
N ALA B 1216 -17.13 -7.41 -7.30
CA ALA B 1216 -18.58 -7.58 -7.27
C ALA B 1216 -19.27 -6.44 -8.01
N LEU B 1217 -18.77 -5.22 -7.88
CA LEU B 1217 -19.35 -4.09 -8.59
C LEU B 1217 -19.20 -4.27 -10.10
N ALA B 1218 -18.06 -4.80 -10.55
CA ALA B 1218 -17.88 -5.10 -11.96
C ALA B 1218 -18.82 -6.21 -12.41
N GLU B 1219 -19.01 -7.23 -11.56
CA GLU B 1219 -19.89 -8.33 -11.90
C GLU B 1219 -21.34 -7.87 -12.06
N THR B 1220 -21.77 -6.94 -11.20
CA THR B 1220 -23.17 -6.51 -11.20
C THR B 1220 -23.46 -5.55 -12.34
N PHE B 1221 -22.80 -4.40 -12.36
CA PHE B 1221 -23.23 -3.30 -13.22
C PHE B 1221 -22.68 -3.42 -14.64
N CYS B 1222 -21.33 -3.51 -14.73
CA CYS B 1222 -20.54 -3.62 -15.99
C CYS B 1222 -20.57 -4.97 -16.67
N LEU B 1223 -21.55 -5.23 -17.53
CA LEU B 1223 -21.61 -6.52 -18.25
C LEU B 1223 -21.35 -6.24 -19.71
N ASN B 1224 -21.32 -4.97 -20.06
CA ASN B 1224 -21.03 -4.59 -21.45
C ASN B 1224 -19.62 -4.04 -21.53
N CYS B 1225 -18.86 -4.00 -20.44
CA CYS B 1225 -17.46 -3.53 -20.45
C CYS B 1225 -16.57 -4.58 -19.80
N GLY B 1226 -16.13 -5.60 -20.50
CA GLY B 1226 -15.29 -6.57 -19.81
C GLY B 1226 -14.08 -6.02 -19.09
N ILE B 1227 -13.52 -4.88 -19.48
CA ILE B 1227 -12.24 -4.42 -18.87
C ILE B 1227 -12.35 -4.36 -17.35
N ILE B 1228 -11.27 -4.59 -16.63
CA ILE B 1228 -11.16 -4.43 -15.16
C ILE B 1228 -9.68 -4.22 -15.13
N ALA B 1229 -9.14 -3.51 -14.17
CA ALA B 1229 -7.76 -3.08 -14.35
C ALA B 1229 -7.21 -3.04 -12.96
N LEU B 1230 -6.33 -3.96 -12.62
CA LEU B 1230 -5.88 -4.05 -11.24
C LEU B 1230 -4.48 -3.48 -11.13
N ASP B 1231 -4.31 -2.32 -10.48
CA ASP B 1231 -2.98 -1.72 -10.24
C ASP B 1231 -2.40 -2.30 -8.98
N GLU B 1232 -1.59 -3.30 -9.11
CA GLU B 1232 -0.91 -4.02 -8.04
C GLU B 1232 -1.93 -4.60 -7.06
N PRO B 1233 -2.71 -5.59 -7.48
CA PRO B 1233 -3.74 -6.14 -6.59
C PRO B 1233 -3.18 -6.77 -5.34
N THR B 1234 -2.00 -7.37 -5.40
CA THR B 1234 -1.42 -8.08 -4.25
C THR B 1234 -0.48 -7.16 -3.47
N THR B 1235 -1.05 -6.03 -3.02
CA THR B 1235 -0.24 -5.01 -2.37
C THR B 1235 0.20 -5.45 -0.98
N ASN B 1236 -0.75 -5.83 -0.12
CA ASN B 1236 -0.43 -6.26 1.24
C ASN B 1236 -0.86 -7.69 1.51
N LEU B 1237 -1.29 -8.43 0.48
CA LEU B 1237 -1.76 -9.79 0.68
C LEU B 1237 -0.61 -10.73 0.97
N ASP B 1238 -0.88 -11.75 1.79
CA ASP B 1238 0.11 -12.74 2.16
C ASP B 1238 0.15 -13.83 1.07
N ARG B 1239 0.85 -14.93 1.36
CA ARG B 1239 1.02 -15.98 0.34
C ARG B 1239 -0.30 -16.63 -0.02
N GLU B 1240 -1.06 -17.11 0.97
CA GLU B 1240 -2.27 -17.85 0.66
C GLU B 1240 -3.37 -16.93 0.13
N ASN B 1241 -3.43 -15.69 0.61
CA ASN B 1241 -4.40 -14.74 0.05
C ASN B 1241 -4.05 -14.39 -1.39
N ILE B 1242 -2.75 -14.27 -1.70
CA ILE B 1242 -2.35 -14.05 -3.08
C ILE B 1242 -2.76 -15.23 -3.96
N GLU B 1243 -2.53 -16.45 -3.47
CA GLU B 1243 -2.91 -17.64 -4.24
C GLU B 1243 -4.42 -17.69 -4.47
N SER B 1244 -5.21 -17.39 -3.43
CA SER B 1244 -6.65 -17.41 -3.56
C SER B 1244 -7.15 -16.31 -4.49
N LEU B 1245 -6.53 -15.13 -4.43
CA LEU B 1245 -6.91 -14.05 -5.34
C LEU B 1245 -6.60 -14.41 -6.78
N ALA B 1246 -5.44 -15.03 -7.02
CA ALA B 1246 -5.11 -15.48 -8.38
C ALA B 1246 -6.10 -16.53 -8.86
N HIS B 1247 -6.48 -17.46 -7.97
CA HIS B 1247 -7.47 -18.47 -8.34
C HIS B 1247 -8.81 -17.81 -8.68
N ALA B 1248 -9.22 -16.83 -7.88
CA ALA B 1248 -10.47 -16.12 -8.13
C ALA B 1248 -10.43 -15.38 -9.45
N LEU B 1249 -9.32 -14.71 -9.75
CA LEU B 1249 -9.19 -14.00 -11.02
C LEU B 1249 -9.21 -14.96 -12.20
N VAL B 1250 -8.59 -16.14 -12.04
CA VAL B 1250 -8.65 -17.15 -13.08
C VAL B 1250 -10.09 -17.60 -13.31
N GLU B 1251 -10.84 -17.82 -12.23
CA GLU B 1251 -12.24 -18.20 -12.37
C GLU B 1251 -13.06 -17.10 -13.04
N ILE B 1252 -12.79 -15.84 -12.69
CA ILE B 1252 -13.51 -14.73 -13.30
C ILE B 1252 -13.21 -14.67 -14.81
N ILE B 1253 -11.94 -14.83 -15.17
CA ILE B 1253 -11.57 -14.85 -16.58
C ILE B 1253 -12.29 -15.98 -17.31
N LYS B 1254 -12.30 -17.17 -16.71
CA LYS B 1254 -12.89 -18.33 -17.37
C LYS B 1254 -14.41 -18.17 -17.51
N SER B 1255 -15.07 -17.58 -16.52
CA SER B 1255 -16.52 -17.43 -16.57
C SER B 1255 -16.93 -16.31 -17.53
N ARG B 1256 -16.22 -15.19 -17.52
CA ARG B 1256 -16.65 -14.03 -18.30
C ARG B 1256 -16.16 -14.03 -19.74
N SER B 1257 -15.18 -14.86 -20.08
CA SER B 1257 -14.65 -14.89 -21.44
C SER B 1257 -15.30 -15.96 -22.30
N GLN B 1258 -16.28 -16.70 -21.78
CA GLN B 1258 -16.92 -17.74 -22.57
C GLN B 1258 -17.68 -17.15 -23.75
N GLN B 1259 -18.41 -16.05 -23.52
CA GLN B 1259 -19.23 -15.45 -24.57
C GLN B 1259 -18.69 -14.09 -25.02
N ARG B 1260 -18.42 -13.19 -24.10
CA ARG B 1260 -17.95 -11.85 -24.42
C ARG B 1260 -16.47 -11.69 -24.06
N ASN B 1261 -15.85 -10.70 -24.68
CA ASN B 1261 -14.45 -10.42 -24.41
C ASN B 1261 -14.26 -9.89 -23.00
N PHE B 1262 -13.21 -10.35 -22.33
CA PHE B 1262 -12.86 -9.89 -21.00
C PHE B 1262 -11.37 -9.57 -20.98
N GLN B 1263 -11.02 -8.39 -20.46
CA GLN B 1263 -9.63 -7.96 -20.35
C GLN B 1263 -9.33 -7.63 -18.90
N LEU B 1264 -8.14 -8.02 -18.45
CA LEU B 1264 -7.75 -7.97 -17.05
C LEU B 1264 -6.38 -7.35 -16.89
N LEU B 1265 -6.19 -6.16 -17.45
CA LEU B 1265 -4.96 -5.39 -17.28
C LEU B 1265 -4.47 -5.46 -15.84
N VAL B 1266 -3.25 -5.97 -15.63
CA VAL B 1266 -2.69 -6.17 -14.27
C VAL B 1266 -1.31 -5.55 -14.15
N ILE B 1267 -1.14 -4.34 -13.62
CA ILE B 1267 0.19 -3.75 -13.38
C ILE B 1267 0.70 -4.50 -12.18
N THR B 1268 1.92 -4.98 -12.14
CA THR B 1268 2.34 -5.80 -10.99
C THR B 1268 3.84 -5.80 -10.80
N HIS B 1269 4.29 -6.28 -9.64
CA HIS B 1269 5.73 -6.25 -9.28
C HIS B 1269 6.09 -7.55 -8.58
N ASP B 1270 5.26 -8.58 -8.68
CA ASP B 1270 5.52 -9.87 -8.00
C ASP B 1270 5.42 -10.95 -9.04
N GLU B 1271 6.31 -11.91 -9.02
CA GLU B 1271 6.32 -12.87 -10.13
C GLU B 1271 5.78 -14.22 -9.67
N ASP B 1272 5.14 -14.27 -8.51
CA ASP B 1272 4.48 -15.53 -8.10
C ASP B 1272 3.02 -15.32 -8.40
N PHE B 1273 2.55 -14.09 -8.43
CA PHE B 1273 1.21 -13.75 -8.88
C PHE B 1273 1.08 -13.88 -10.38
N VAL B 1274 2.10 -13.42 -11.12
CA VAL B 1274 2.07 -13.55 -12.57
C VAL B 1274 2.04 -15.01 -12.99
N GLU B 1275 2.84 -15.85 -12.33
CA GLU B 1275 2.86 -17.27 -12.67
C GLU B 1275 1.50 -17.91 -12.42
N LEU B 1276 0.91 -17.64 -11.24
CA LEU B 1276 -0.40 -18.21 -10.94
C LEU B 1276 -1.46 -17.73 -11.91
N LEU B 1277 -1.42 -16.45 -12.29
CA LEU B 1277 -2.39 -15.94 -13.25
C LEU B 1277 -2.19 -16.57 -14.62
N GLY B 1278 -0.94 -16.74 -15.04
CA GLY B 1278 -0.65 -17.26 -16.36
C GLY B 1278 -0.73 -18.76 -16.50
N ARG B 1279 -0.87 -19.50 -15.40
CA ARG B 1279 -1.05 -20.94 -15.53
C ARG B 1279 -2.32 -21.27 -16.32
N SER B 1280 -3.40 -20.55 -16.06
CA SER B 1280 -4.64 -20.70 -16.81
C SER B 1280 -4.88 -19.44 -17.65
N GLU B 1281 -5.35 -19.63 -18.88
CA GLU B 1281 -5.46 -18.56 -19.86
C GLU B 1281 -4.09 -17.90 -20.06
N TYR B 1282 -3.18 -18.71 -20.60
CA TYR B 1282 -1.76 -18.36 -20.63
C TYR B 1282 -1.54 -17.06 -21.38
N VAL B 1283 -0.67 -16.22 -20.82
CA VAL B 1283 -0.22 -15.01 -21.48
C VAL B 1283 1.03 -15.34 -22.27
N GLU B 1284 1.19 -14.69 -23.43
CA GLU B 1284 2.34 -14.91 -24.29
C GLU B 1284 3.22 -13.68 -24.46
N LYS B 1285 2.63 -12.49 -24.46
CA LYS B 1285 3.37 -11.25 -24.55
C LYS B 1285 2.92 -10.32 -23.44
N PHE B 1286 3.87 -9.72 -22.74
CA PHE B 1286 3.59 -8.69 -21.75
C PHE B 1286 4.24 -7.39 -22.21
N TYR B 1287 4.11 -6.35 -21.39
CA TYR B 1287 4.65 -5.03 -21.70
C TYR B 1287 5.62 -4.60 -20.62
N ARG B 1288 6.84 -4.25 -21.04
CA ARG B 1288 7.82 -3.65 -20.16
C ARG B 1288 7.79 -2.13 -20.35
N ILE B 1289 7.48 -1.42 -19.28
CA ILE B 1289 7.37 0.03 -19.32
C ILE B 1289 8.52 0.58 -18.49
N LYS B 1290 9.59 0.99 -19.17
CA LYS B 1290 10.79 1.46 -18.51
C LYS B 1290 11.24 2.77 -19.15
N LYS B 1291 11.90 3.61 -18.36
CA LYS B 1291 12.38 4.89 -18.85
C LYS B 1291 13.62 4.69 -19.73
N ASN B 1292 13.96 5.74 -20.47
CA ASN B 1292 15.08 5.71 -21.40
C ASN B 1292 16.12 6.74 -20.97
N ILE B 1293 17.12 6.95 -21.82
CA ILE B 1293 18.21 7.85 -21.49
C ILE B 1293 17.71 9.27 -21.29
N ASP B 1294 16.81 9.72 -22.16
CA ASP B 1294 16.24 11.07 -22.05
C ASP B 1294 15.21 11.20 -20.95
N GLN B 1295 15.02 10.16 -20.14
CA GLN B 1295 14.12 10.17 -18.98
C GLN B 1295 12.66 10.36 -19.38
N CYS B 1296 12.30 9.93 -20.58
CA CYS B 1296 10.90 9.76 -20.95
C CYS B 1296 10.48 8.36 -20.52
N SER B 1297 9.28 7.94 -20.91
CA SER B 1297 8.80 6.60 -20.62
C SER B 1297 8.60 5.83 -21.91
N GLU B 1298 9.08 4.59 -21.95
CA GLU B 1298 9.03 3.75 -23.14
C GLU B 1298 8.16 2.53 -22.85
N ILE B 1299 7.22 2.28 -23.75
CA ILE B 1299 6.34 1.12 -23.66
C ILE B 1299 6.81 0.13 -24.73
N VAL B 1300 7.55 -0.89 -24.31
CA VAL B 1300 8.05 -1.91 -25.22
C VAL B 1300 7.32 -3.22 -24.95
N LYS B 1301 7.27 -4.07 -25.96
CA LYS B 1301 6.59 -5.36 -25.88
C LYS B 1301 7.65 -6.46 -25.84
N CYS B 1302 7.53 -7.36 -24.86
CA CYS B 1302 8.47 -8.44 -24.67
C CYS B 1302 7.73 -9.76 -24.56
N SER B 1303 8.40 -10.83 -24.97
CA SER B 1303 7.85 -12.17 -24.83
C SER B 1303 8.00 -12.64 -23.39
N VAL B 1304 7.25 -13.69 -23.05
CA VAL B 1304 7.23 -14.23 -21.70
C VAL B 1304 8.63 -14.64 -21.22
N SER B 1305 9.51 -15.02 -22.14
CA SER B 1305 10.87 -15.41 -21.76
C SER B 1305 11.63 -14.32 -21.04
N SER B 1306 11.27 -13.05 -21.25
CA SER B 1306 11.95 -11.93 -20.61
C SER B 1306 11.13 -11.31 -19.49
N LEU B 1307 10.35 -12.13 -18.77
CA LEU B 1307 9.45 -11.61 -17.76
C LEU B 1307 10.11 -11.46 -16.40
N GLY B 1308 11.05 -12.35 -16.04
CA GLY B 1308 11.65 -12.32 -14.72
C GLY B 1308 12.65 -11.20 -14.49
N PHE B 1309 13.04 -10.49 -15.55
CA PHE B 1309 14.01 -9.41 -15.41
C PHE B 1309 13.42 -8.19 -14.72
N ASN B 1310 12.09 -8.12 -14.62
CA ASN B 1310 11.41 -6.95 -14.07
C ASN B 1310 10.69 -7.21 -12.76
N VAL B 1311 9.89 -8.28 -12.70
CA VAL B 1311 9.12 -8.55 -11.50
C VAL B 1311 10.00 -9.13 -10.40
N HIS B 1312 9.62 -8.98 -9.13
CA HIS B 1312 10.45 -9.47 -7.98
C HIS B 1312 9.80 -10.69 -7.33
N ASP C 8 5.28 -61.69 -21.14
CA ASP C 8 6.49 -60.88 -21.24
C ASP C 8 7.61 -61.67 -21.92
N ASP C 9 8.37 -60.99 -22.76
CA ASP C 9 9.48 -61.61 -23.49
C ASP C 9 10.50 -60.53 -23.83
N GLU C 10 11.44 -60.87 -24.70
CA GLU C 10 12.48 -59.93 -25.11
C GLU C 10 11.94 -58.75 -25.91
N ASN C 11 10.70 -58.84 -26.40
CA ASN C 11 10.12 -57.79 -27.23
C ASN C 11 9.07 -56.96 -26.52
N THR C 12 8.77 -57.25 -25.25
CA THR C 12 7.75 -56.50 -24.53
C THR C 12 8.35 -55.19 -24.02
N PHE C 13 7.75 -54.08 -24.39
CA PHE C 13 8.23 -52.75 -24.02
C PHE C 13 7.43 -52.25 -22.82
N LYS C 14 7.75 -52.78 -21.63
CA LYS C 14 7.01 -52.39 -20.40
C LYS C 14 7.37 -50.96 -20.06
N ILE C 15 6.45 -50.02 -20.13
CA ILE C 15 6.62 -48.59 -19.88
C ILE C 15 5.65 -48.18 -18.78
N LEU C 16 6.18 -47.74 -17.65
CA LEU C 16 5.34 -47.32 -16.53
C LEU C 16 4.92 -45.88 -16.76
N VAL C 17 3.77 -45.70 -17.42
CA VAL C 17 3.31 -44.37 -17.78
C VAL C 17 2.68 -43.70 -16.57
N ALA C 18 3.18 -42.51 -16.24
CA ALA C 18 2.64 -41.69 -15.17
C ALA C 18 2.50 -40.28 -15.70
N THR C 19 1.64 -39.49 -15.05
CA THR C 19 1.33 -38.17 -15.56
C THR C 19 0.85 -37.28 -14.42
N ASP C 20 1.25 -36.01 -14.47
CA ASP C 20 0.81 -34.99 -13.53
C ASP C 20 1.11 -35.38 -12.08
N ILE C 21 2.34 -35.85 -11.85
CA ILE C 21 2.77 -36.06 -10.48
C ILE C 21 3.26 -34.73 -9.96
N HIS C 22 2.33 -33.90 -9.48
CA HIS C 22 2.72 -32.61 -8.95
C HIS C 22 3.57 -32.81 -7.71
N LEU C 23 4.65 -32.04 -7.62
CA LEU C 23 5.53 -32.12 -6.47
C LEU C 23 5.58 -30.76 -5.79
N GLY C 24 5.47 -30.77 -4.46
CA GLY C 24 5.36 -29.55 -3.72
C GLY C 24 3.98 -28.97 -3.64
N PHE C 25 2.95 -29.72 -4.06
CA PHE C 25 1.58 -29.27 -3.93
C PHE C 25 1.21 -29.26 -2.44
N MET C 26 0.95 -28.08 -1.90
CA MET C 26 0.69 -27.90 -0.47
C MET C 26 1.84 -28.46 0.36
N GLU C 27 3.07 -28.23 -0.09
CA GLU C 27 4.24 -28.64 0.67
C GLU C 27 4.31 -27.89 2.00
N LYS C 28 4.00 -26.60 1.99
CA LYS C 28 3.98 -25.83 3.23
C LYS C 28 2.87 -26.25 4.18
N ASP C 29 1.88 -27.00 3.68
CA ASP C 29 0.80 -27.48 4.54
C ASP C 29 1.32 -28.58 5.46
N ALA C 30 0.99 -28.48 6.75
CA ALA C 30 1.46 -29.46 7.71
C ALA C 30 0.88 -30.84 7.45
N VAL C 31 -0.41 -30.91 7.10
CA VAL C 31 -1.07 -32.20 6.92
C VAL C 31 -1.04 -32.67 5.47
N ARG C 32 -1.01 -31.75 4.50
CA ARG C 32 -0.97 -32.13 3.10
C ARG C 32 0.43 -32.19 2.53
N GLY C 33 1.44 -31.76 3.29
CA GLY C 33 2.81 -31.86 2.84
C GLY C 33 3.35 -33.27 2.96
N ASN C 34 4.47 -33.51 2.28
CA ASN C 34 5.13 -34.80 2.27
C ASN C 34 4.20 -35.92 1.79
N ASP C 35 3.21 -35.56 0.98
CA ASP C 35 2.28 -36.52 0.40
C ASP C 35 2.54 -36.79 -1.07
N THR C 36 2.84 -35.74 -1.85
CA THR C 36 3.20 -35.93 -3.24
C THR C 36 4.53 -36.68 -3.37
N PHE C 37 5.48 -36.42 -2.47
CA PHE C 37 6.73 -37.15 -2.46
C PHE C 37 6.50 -38.63 -2.17
N VAL C 38 5.57 -38.94 -1.27
CA VAL C 38 5.26 -40.34 -0.99
C VAL C 38 4.65 -41.01 -2.21
N THR C 39 3.78 -40.30 -2.94
CA THR C 39 3.20 -40.86 -4.15
C THR C 39 4.26 -41.10 -5.21
N LEU C 40 5.19 -40.16 -5.37
CA LEU C 40 6.29 -40.37 -6.32
C LEU C 40 7.16 -41.54 -5.90
N ASP C 41 7.38 -41.70 -4.60
CA ASP C 41 8.13 -42.84 -4.09
C ASP C 41 7.42 -44.15 -4.43
N GLU C 42 6.10 -44.18 -4.28
CA GLU C 42 5.33 -45.37 -4.64
C GLU C 42 5.39 -45.65 -6.13
N ILE C 43 5.33 -44.59 -6.95
CA ILE C 43 5.44 -44.75 -8.40
C ILE C 43 6.79 -45.36 -8.77
N LEU C 44 7.86 -44.82 -8.17
CA LEU C 44 9.20 -45.35 -8.45
C LEU C 44 9.33 -46.78 -7.96
N ARG C 45 8.75 -47.10 -6.81
CA ARG C 45 8.79 -48.47 -6.31
C ARG C 45 8.06 -49.41 -7.26
N LEU C 46 6.91 -48.99 -7.78
CA LEU C 46 6.19 -49.80 -8.75
C LEU C 46 7.03 -50.03 -10.00
N ALA C 47 7.68 -48.98 -10.50
CA ALA C 47 8.51 -49.12 -11.69
C ALA C 47 9.69 -50.06 -11.44
N GLN C 48 10.31 -49.96 -10.26
CA GLN C 48 11.45 -50.81 -9.94
C GLN C 48 11.03 -52.27 -9.78
N GLU C 49 9.91 -52.50 -9.07
CA GLU C 49 9.45 -53.88 -8.85
C GLU C 49 9.00 -54.52 -10.15
N ASN C 50 8.34 -53.77 -11.01
CA ASN C 50 7.85 -54.33 -12.27
C ASN C 50 8.93 -54.45 -13.32
N GLU C 51 10.14 -53.95 -13.05
CA GLU C 51 11.27 -54.02 -13.98
C GLU C 51 10.90 -53.42 -15.33
N VAL C 52 10.29 -52.24 -15.30
CA VAL C 52 9.91 -51.57 -16.54
C VAL C 52 11.15 -51.05 -17.24
N ASP C 53 11.06 -50.93 -18.56
CA ASP C 53 12.18 -50.43 -19.34
C ASP C 53 12.48 -48.98 -19.01
N PHE C 54 11.44 -48.14 -18.98
CA PHE C 54 11.60 -46.74 -18.65
C PHE C 54 10.25 -46.19 -18.21
N ILE C 55 10.29 -44.99 -17.64
CA ILE C 55 9.10 -44.31 -17.13
C ILE C 55 8.76 -43.17 -18.10
N LEU C 56 7.50 -43.11 -18.51
CA LEU C 56 7.02 -42.07 -19.41
C LEU C 56 6.16 -41.10 -18.61
N LEU C 57 6.72 -39.95 -18.29
CA LEU C 57 6.00 -38.92 -17.55
C LEU C 57 5.31 -37.98 -18.52
N GLY C 58 4.05 -37.68 -18.26
CA GLY C 58 3.24 -36.81 -19.08
C GLY C 58 3.36 -35.34 -18.78
N GLY C 59 4.23 -34.96 -17.86
CA GLY C 59 4.44 -33.55 -17.51
C GLY C 59 3.90 -33.24 -16.13
N ASP C 60 4.05 -31.96 -15.77
CA ASP C 60 3.63 -31.45 -14.47
C ASP C 60 4.27 -32.24 -13.33
N LEU C 61 5.54 -32.60 -13.52
CA LEU C 61 6.28 -33.29 -12.47
C LEU C 61 6.52 -32.40 -11.26
N PHE C 62 6.45 -31.08 -11.44
CA PHE C 62 6.61 -30.13 -10.35
C PHE C 62 5.44 -29.16 -10.37
N HIS C 63 4.79 -28.99 -9.21
CA HIS C 63 3.66 -28.07 -9.14
C HIS C 63 4.11 -26.64 -9.38
N GLU C 64 5.15 -26.20 -8.68
CA GLU C 64 5.68 -24.86 -8.86
C GLU C 64 6.53 -24.79 -10.12
N ASN C 65 6.45 -23.66 -10.83
CA ASN C 65 7.30 -23.48 -12.00
C ASN C 65 8.77 -23.52 -11.61
N LYS C 66 9.13 -22.86 -10.50
CA LYS C 66 10.47 -22.93 -9.93
C LYS C 66 10.37 -23.72 -8.65
N PRO C 67 10.62 -25.04 -8.68
CA PRO C 67 10.43 -25.86 -7.48
C PRO C 67 11.34 -25.42 -6.35
N SER C 68 10.82 -25.52 -5.13
CA SER C 68 11.58 -25.14 -3.95
C SER C 68 12.74 -26.12 -3.74
N ARG C 69 13.58 -25.81 -2.75
CA ARG C 69 14.71 -26.68 -2.45
C ARG C 69 14.25 -28.04 -1.97
N LYS C 70 13.20 -28.08 -1.13
CA LYS C 70 12.76 -29.34 -0.55
C LYS C 70 12.25 -30.29 -1.63
N THR C 71 11.40 -29.79 -2.53
CA THR C 71 10.81 -30.65 -3.53
C THR C 71 11.85 -31.14 -4.53
N LEU C 72 12.73 -30.24 -4.98
CA LEU C 72 13.79 -30.64 -5.90
C LEU C 72 14.73 -31.65 -5.25
N HIS C 73 15.09 -31.42 -3.99
CA HIS C 73 15.97 -32.34 -3.29
C HIS C 73 15.33 -33.71 -3.12
N THR C 74 14.05 -33.74 -2.74
CA THR C 74 13.37 -35.02 -2.56
C THR C 74 13.24 -35.76 -3.89
N CYS C 75 12.91 -35.04 -4.96
CA CYS C 75 12.81 -35.68 -6.27
C CYS C 75 14.16 -36.24 -6.70
N LEU C 76 15.24 -35.48 -6.50
CA LEU C 76 16.56 -35.96 -6.87
C LEU C 76 16.99 -37.15 -6.03
N GLU C 77 16.66 -37.15 -4.74
CA GLU C 77 16.99 -38.30 -3.89
C GLU C 77 16.24 -39.54 -4.34
N LEU C 78 14.95 -39.40 -4.65
CA LEU C 78 14.18 -40.55 -5.12
C LEU C 78 14.70 -41.06 -6.45
N LEU C 79 15.08 -40.15 -7.35
CA LEU C 79 15.62 -40.55 -8.65
C LEU C 79 16.96 -41.27 -8.47
N ARG C 80 17.82 -40.76 -7.58
CA ARG C 80 19.10 -41.42 -7.34
C ARG C 80 18.90 -42.78 -6.69
N LYS C 81 17.87 -42.93 -5.85
CA LYS C 81 17.64 -44.21 -5.19
C LYS C 81 17.09 -45.25 -6.14
N TYR C 82 16.16 -44.87 -7.02
CA TYR C 82 15.47 -45.84 -7.85
C TYR C 82 15.96 -45.86 -9.30
N CYS C 83 15.97 -44.72 -9.97
CA CYS C 83 16.34 -44.67 -11.39
C CYS C 83 17.78 -45.12 -11.62
N MET C 84 18.68 -44.88 -10.68
CA MET C 84 20.07 -45.29 -10.81
C MET C 84 20.24 -46.73 -10.36
N GLY C 85 21.04 -47.48 -11.09
CA GLY C 85 21.31 -48.87 -10.74
C GLY C 85 22.29 -49.48 -11.71
N ASP C 86 22.68 -50.72 -11.40
CA ASP C 86 23.63 -51.46 -12.22
C ASP C 86 22.95 -52.29 -13.31
N ARG C 87 21.62 -52.33 -13.33
CA ARG C 87 20.90 -53.15 -14.33
C ARG C 87 21.20 -52.53 -15.67
N PRO C 88 21.48 -53.30 -16.73
CA PRO C 88 21.66 -52.72 -18.06
C PRO C 88 20.34 -52.38 -18.72
N VAL C 89 20.41 -51.53 -19.74
CA VAL C 89 19.25 -51.12 -20.51
C VAL C 89 19.11 -52.04 -21.71
N GLN C 90 17.91 -52.58 -21.89
CA GLN C 90 17.64 -53.59 -22.92
C GLN C 90 17.12 -53.01 -24.22
N PHE C 91 17.03 -51.69 -24.34
CA PHE C 91 16.58 -51.05 -25.57
C PHE C 91 17.58 -49.98 -25.99
N GLU C 92 17.61 -49.69 -27.28
CA GLU C 92 18.53 -48.71 -27.85
C GLU C 92 17.75 -47.58 -28.51
N ILE C 93 18.45 -46.48 -28.76
CA ILE C 93 17.88 -45.31 -29.40
C ILE C 93 18.45 -45.21 -30.81
N LEU C 94 17.58 -45.25 -31.81
CA LEU C 94 17.99 -45.15 -33.20
C LEU C 94 17.94 -43.72 -33.74
N SER C 95 17.23 -42.83 -33.07
CA SER C 95 17.17 -41.44 -33.50
C SER C 95 18.43 -40.70 -33.05
N ASP C 96 18.75 -39.63 -33.76
CA ASP C 96 19.90 -38.80 -33.42
C ASP C 96 19.60 -38.00 -32.16
N GLN C 97 20.31 -38.30 -31.07
CA GLN C 97 20.07 -37.63 -29.80
C GLN C 97 20.53 -36.18 -29.79
N SER C 98 21.27 -35.74 -30.81
CA SER C 98 21.70 -34.35 -30.90
C SER C 98 20.56 -33.42 -31.29
N VAL C 99 19.40 -33.95 -31.65
CA VAL C 99 18.25 -33.14 -32.03
C VAL C 99 17.13 -33.23 -31.00
N ASN C 100 16.79 -34.45 -30.57
CA ASN C 100 15.73 -34.61 -29.58
C ASN C 100 16.10 -33.95 -28.26
N PHE C 101 17.34 -34.15 -27.81
CA PHE C 101 17.85 -33.52 -26.59
C PHE C 101 18.94 -32.51 -26.90
N GLY C 102 18.87 -31.86 -28.06
CA GLY C 102 19.89 -30.93 -28.49
C GLY C 102 19.91 -29.62 -27.74
N PHE C 103 18.86 -29.33 -26.95
CA PHE C 103 18.86 -28.10 -26.17
C PHE C 103 19.97 -28.11 -25.13
N SER C 104 20.19 -29.23 -24.48
CA SER C 104 21.24 -29.33 -23.47
C SER C 104 22.61 -29.39 -24.12
N LYS C 105 23.63 -28.95 -23.36
CA LYS C 105 25.01 -29.03 -23.82
C LYS C 105 25.53 -30.47 -23.83
N PHE C 106 24.77 -31.41 -23.26
CA PHE C 106 25.05 -32.83 -23.36
C PHE C 106 23.90 -33.49 -24.10
N PRO C 107 23.87 -33.43 -25.43
CA PRO C 107 22.72 -33.93 -26.20
C PRO C 107 22.76 -35.43 -26.45
N TRP C 108 22.74 -36.20 -25.36
CA TRP C 108 22.64 -37.64 -25.44
C TRP C 108 21.78 -38.13 -24.27
N VAL C 109 21.25 -39.33 -24.42
CA VAL C 109 20.40 -39.90 -23.38
C VAL C 109 21.25 -40.20 -22.15
N ASN C 110 20.61 -40.21 -20.98
CA ASN C 110 21.35 -40.29 -19.72
C ASN C 110 22.13 -41.59 -19.59
N TYR C 111 21.54 -42.72 -19.99
CA TYR C 111 22.29 -43.97 -19.89
C TYR C 111 23.30 -44.11 -21.02
N GLN C 112 23.18 -43.34 -22.10
CA GLN C 112 24.21 -43.32 -23.13
C GLN C 112 25.48 -42.64 -22.65
N ASP C 113 25.41 -41.88 -21.56
CA ASP C 113 26.57 -41.19 -21.01
C ASP C 113 27.38 -42.16 -20.16
N GLY C 114 28.70 -42.14 -20.34
CA GLY C 114 29.57 -43.03 -19.58
C GLY C 114 29.82 -42.62 -18.14
N ASN C 115 29.45 -41.40 -17.77
CA ASN C 115 29.66 -40.92 -16.40
C ASN C 115 28.52 -41.26 -15.46
N LEU C 116 27.41 -41.80 -15.96
CA LEU C 116 26.27 -42.16 -15.14
C LEU C 116 25.87 -43.59 -15.45
N ASN C 117 25.54 -44.36 -14.40
CA ASN C 117 25.07 -45.73 -14.56
C ASN C 117 23.57 -45.76 -14.30
N ILE C 118 22.81 -45.48 -15.36
CA ILE C 118 21.35 -45.42 -15.27
C ILE C 118 20.78 -46.80 -15.57
N SER C 119 19.94 -47.30 -14.66
CA SER C 119 19.29 -48.59 -14.87
C SER C 119 17.96 -48.43 -15.59
N ILE C 120 17.07 -47.62 -15.03
CA ILE C 120 15.75 -47.37 -15.59
C ILE C 120 15.63 -45.89 -15.91
N PRO C 121 15.75 -45.51 -17.18
CA PRO C 121 15.63 -44.10 -17.55
C PRO C 121 14.21 -43.59 -17.38
N VAL C 122 14.06 -42.27 -17.47
CA VAL C 122 12.77 -41.60 -17.32
C VAL C 122 12.64 -40.59 -18.45
N PHE C 123 11.88 -40.95 -19.48
CA PHE C 123 11.52 -40.01 -20.55
C PHE C 123 10.33 -39.19 -20.09
N SER C 124 10.38 -37.88 -20.32
CA SER C 124 9.33 -37.01 -19.82
C SER C 124 9.19 -35.78 -20.71
N ILE C 125 8.01 -35.18 -20.65
CA ILE C 125 7.74 -33.90 -21.30
C ILE C 125 7.43 -32.89 -20.20
N HIS C 126 7.33 -31.62 -20.56
CA HIS C 126 7.09 -30.55 -19.61
C HIS C 126 5.64 -30.11 -19.68
N GLY C 127 5.01 -29.97 -18.52
CA GLY C 127 3.63 -29.53 -18.43
C GLY C 127 3.51 -28.03 -18.40
N ASN C 128 2.28 -27.56 -18.21
CA ASN C 128 2.02 -26.14 -18.15
C ASN C 128 2.48 -25.51 -16.85
N HIS C 129 2.61 -26.31 -15.78
CA HIS C 129 3.10 -25.76 -14.52
C HIS C 129 4.61 -25.53 -14.57
N ASP C 130 5.36 -26.44 -15.20
CA ASP C 130 6.80 -26.31 -15.34
C ASP C 130 7.15 -26.31 -16.83
N ASP C 131 7.07 -25.14 -17.45
CA ASP C 131 7.46 -24.98 -18.84
C ASP C 131 8.65 -24.05 -18.92
N PRO C 132 9.44 -24.12 -19.99
CA PRO C 132 10.63 -23.26 -20.10
C PRO C 132 10.28 -21.78 -20.06
N THR C 133 10.73 -21.10 -19.00
CA THR C 133 10.60 -19.67 -18.87
C THR C 133 11.93 -19.10 -18.41
N GLY C 134 12.27 -17.92 -18.95
CA GLY C 134 13.54 -17.29 -18.68
C GLY C 134 14.27 -16.94 -19.97
N ALA C 135 15.37 -16.21 -19.79
CA ALA C 135 16.15 -15.78 -20.94
C ALA C 135 16.72 -16.97 -21.70
N ASP C 136 17.19 -17.98 -20.97
CA ASP C 136 17.74 -19.18 -21.58
C ASP C 136 16.70 -20.30 -21.73
N ALA C 137 15.44 -20.04 -21.34
CA ALA C 137 14.34 -20.98 -21.51
C ALA C 137 14.62 -22.30 -20.79
N LEU C 138 14.73 -22.21 -19.47
CA LEU C 138 15.00 -23.36 -18.62
C LEU C 138 13.73 -23.84 -17.94
N CYS C 139 13.69 -25.13 -17.65
CA CYS C 139 12.61 -25.75 -16.88
C CYS C 139 13.22 -26.65 -15.82
N ALA C 140 12.38 -27.07 -14.87
CA ALA C 140 12.86 -27.95 -13.80
C ALA C 140 13.32 -29.29 -14.37
N LEU C 141 12.61 -29.81 -15.37
CA LEU C 141 13.05 -31.03 -16.04
C LEU C 141 14.41 -30.84 -16.70
N ASP C 142 14.70 -29.61 -17.14
CA ASP C 142 16.03 -29.34 -17.67
C ASP C 142 17.08 -29.42 -16.57
N ILE C 143 16.76 -28.99 -15.35
CA ILE C 143 17.67 -29.16 -14.24
C ILE C 143 17.90 -30.64 -13.96
N LEU C 144 16.83 -31.43 -13.98
CA LEU C 144 16.98 -32.87 -13.79
C LEU C 144 17.84 -33.50 -14.88
N SER C 145 17.63 -33.09 -16.13
CA SER C 145 18.41 -33.64 -17.24
C SER C 145 19.87 -33.25 -17.13
N CYS C 146 20.14 -32.00 -16.72
CA CYS C 146 21.52 -31.57 -16.51
C CYS C 146 22.17 -32.38 -15.40
N ALA C 147 21.41 -32.67 -14.34
CA ALA C 147 21.91 -33.56 -13.29
C ALA C 147 22.06 -35.00 -13.77
N GLY C 148 21.45 -35.35 -14.90
CA GLY C 148 21.59 -36.68 -15.47
C GLY C 148 20.64 -37.70 -14.90
N PHE C 149 19.37 -37.33 -14.77
CA PHE C 149 18.38 -38.25 -14.20
C PHE C 149 17.17 -38.45 -15.09
N VAL C 150 16.69 -37.40 -15.77
CA VAL C 150 15.48 -37.46 -16.56
C VAL C 150 15.81 -37.00 -17.98
N ASN C 151 15.39 -37.79 -18.97
CA ASN C 151 15.58 -37.43 -20.37
C ASN C 151 14.41 -36.55 -20.80
N HIS C 152 14.60 -35.24 -20.79
CA HIS C 152 13.52 -34.33 -21.24
C HIS C 152 13.48 -34.34 -22.74
N PHE C 153 12.37 -34.79 -23.28
CA PHE C 153 12.14 -34.87 -24.72
C PHE C 153 10.81 -34.20 -25.06
N GLY C 154 10.65 -33.88 -26.34
CA GLY C 154 9.42 -33.31 -26.83
C GLY C 154 9.26 -31.83 -26.64
N ARG C 155 10.24 -31.20 -26.06
CA ARG C 155 10.21 -29.74 -25.95
C ARG C 155 10.03 -29.09 -27.31
N SER C 156 9.19 -28.09 -27.43
CA SER C 156 9.10 -27.31 -28.67
C SER C 156 10.21 -26.28 -28.72
N MET C 157 10.87 -26.19 -29.87
CA MET C 157 12.01 -25.31 -30.04
C MET C 157 11.71 -24.13 -30.96
N SER C 158 10.43 -23.87 -31.23
CA SER C 158 10.07 -22.77 -32.12
C SER C 158 8.70 -22.23 -31.71
N VAL C 159 8.50 -20.94 -31.97
CA VAL C 159 7.24 -20.27 -31.67
C VAL C 159 6.36 -20.13 -32.91
N GLU C 160 6.86 -20.54 -34.08
CA GLU C 160 6.12 -20.43 -35.33
C GLU C 160 5.66 -21.79 -35.84
N LYS C 161 6.58 -22.75 -36.00
CA LYS C 161 6.25 -24.08 -36.49
C LYS C 161 6.76 -25.12 -35.50
N ILE C 162 5.93 -26.12 -35.21
CA ILE C 162 6.28 -27.18 -34.29
C ILE C 162 6.52 -28.43 -35.13
N ASP C 163 7.78 -28.81 -35.29
CA ASP C 163 8.17 -30.06 -35.92
C ASP C 163 8.50 -31.06 -34.82
N ILE C 164 7.60 -32.03 -34.61
CA ILE C 164 7.74 -32.99 -33.53
C ILE C 164 8.66 -34.12 -34.02
N SER C 165 9.94 -34.01 -33.73
CA SER C 165 10.89 -35.06 -34.08
C SER C 165 10.83 -36.17 -33.04
N PRO C 166 10.56 -37.40 -33.43
CA PRO C 166 10.42 -38.49 -32.44
C PRO C 166 11.76 -38.99 -31.96
N VAL C 167 11.72 -39.66 -30.81
CA VAL C 167 12.84 -40.45 -30.31
C VAL C 167 12.48 -41.91 -30.52
N LEU C 168 13.35 -42.64 -31.21
CA LEU C 168 13.07 -44.00 -31.65
C LEU C 168 13.65 -45.01 -30.67
N LEU C 169 12.85 -45.99 -30.28
CA LEU C 169 13.25 -47.02 -29.34
C LEU C 169 13.06 -48.39 -29.98
N GLN C 170 14.01 -49.30 -29.72
CA GLN C 170 13.96 -50.63 -30.29
C GLN C 170 14.30 -51.64 -29.22
N LYS C 171 13.39 -52.58 -28.97
CA LYS C 171 13.64 -53.71 -28.07
C LYS C 171 13.24 -54.99 -28.82
N GLY C 172 14.23 -55.75 -29.25
CA GLY C 172 13.94 -56.93 -30.06
C GLY C 172 13.32 -56.53 -31.38
N SER C 173 12.17 -57.13 -31.68
CA SER C 173 11.45 -56.83 -32.91
C SER C 173 10.43 -55.71 -32.74
N THR C 174 10.31 -55.15 -31.55
CA THR C 174 9.33 -54.11 -31.25
C THR C 174 9.97 -52.74 -31.40
N LYS C 175 9.31 -51.86 -32.15
CA LYS C 175 9.81 -50.53 -32.43
C LYS C 175 8.80 -49.50 -31.94
N ILE C 176 9.30 -48.43 -31.33
CA ILE C 176 8.47 -47.36 -30.81
C ILE C 176 8.98 -46.04 -31.37
N ALA C 177 8.07 -45.23 -31.91
CA ALA C 177 8.36 -43.87 -32.33
C ALA C 177 7.73 -42.94 -31.31
N LEU C 178 8.49 -42.59 -30.27
CA LEU C 178 7.97 -41.82 -29.16
C LEU C 178 7.95 -40.34 -29.54
N TYR C 179 6.77 -39.78 -29.66
CA TYR C 179 6.56 -38.37 -29.97
C TYR C 179 6.26 -37.61 -28.69
N GLY C 180 6.87 -36.45 -28.55
CA GLY C 180 6.65 -35.61 -27.38
C GLY C 180 6.22 -34.21 -27.76
N LEU C 181 5.28 -33.67 -27.00
CA LEU C 181 4.81 -32.30 -27.20
C LEU C 181 4.58 -31.70 -25.81
N GLY C 182 5.50 -30.84 -25.39
CA GLY C 182 5.32 -30.14 -24.13
C GLY C 182 4.11 -29.24 -24.16
N SER C 183 3.60 -28.92 -22.96
CA SER C 183 2.42 -28.09 -22.87
C SER C 183 2.69 -26.71 -23.43
N ILE C 184 1.74 -26.22 -24.23
CA ILE C 184 1.85 -24.95 -24.94
C ILE C 184 0.59 -24.16 -24.62
N PRO C 185 0.65 -22.81 -24.58
CA PRO C 185 -0.59 -22.02 -24.46
C PRO C 185 -1.67 -22.53 -25.39
N ASP C 186 -2.82 -22.87 -24.83
CA ASP C 186 -3.80 -23.67 -25.56
C ASP C 186 -4.33 -22.93 -26.79
N GLU C 187 -4.56 -21.62 -26.67
CA GLU C 187 -5.01 -20.86 -27.84
C GLU C 187 -3.98 -20.90 -28.95
N ARG C 188 -2.70 -20.80 -28.61
CA ARG C 188 -1.64 -20.85 -29.61
C ARG C 188 -1.61 -22.20 -30.31
N LEU C 189 -1.68 -23.29 -29.54
CA LEU C 189 -1.64 -24.62 -30.15
C LEU C 189 -2.87 -24.86 -31.01
N TYR C 190 -4.03 -24.38 -30.58
CA TYR C 190 -5.22 -24.52 -31.41
C TYR C 190 -5.08 -23.75 -32.71
N ARG C 191 -4.55 -22.52 -32.64
CA ARG C 191 -4.39 -21.73 -33.85
C ARG C 191 -3.34 -22.33 -34.77
N MET C 192 -2.35 -23.05 -34.23
CA MET C 192 -1.41 -23.76 -35.09
C MET C 192 -2.05 -25.00 -35.71
N PHE C 193 -2.89 -25.70 -34.95
CA PHE C 193 -3.55 -26.89 -35.47
C PHE C 193 -4.50 -26.53 -36.61
N VAL C 194 -5.26 -25.45 -36.45
CA VAL C 194 -6.20 -25.06 -37.51
C VAL C 194 -5.45 -24.52 -38.73
N ASN C 195 -4.27 -23.93 -38.53
CA ASN C 195 -3.49 -23.35 -39.61
C ASN C 195 -2.46 -24.33 -40.18
N LYS C 196 -2.46 -25.59 -39.72
CA LYS C 196 -1.56 -26.62 -40.23
C LYS C 196 -0.09 -26.20 -40.10
N LYS C 197 0.27 -25.63 -38.96
CA LYS C 197 1.64 -25.23 -38.68
C LYS C 197 2.38 -26.26 -37.82
N VAL C 198 1.79 -27.42 -37.57
CA VAL C 198 2.42 -28.47 -36.79
C VAL C 198 2.50 -29.73 -37.63
N THR C 199 3.71 -30.28 -37.74
CA THR C 199 3.97 -31.46 -38.54
C THR C 199 4.76 -32.47 -37.71
N MET C 200 4.30 -33.72 -37.70
CA MET C 200 4.97 -34.79 -36.97
C MET C 200 5.87 -35.54 -37.93
N LEU C 201 7.19 -35.36 -37.78
CA LEU C 201 8.15 -36.06 -38.61
C LEU C 201 8.12 -37.55 -38.29
N ARG C 202 8.24 -38.38 -39.33
CA ARG C 202 8.20 -39.82 -39.14
C ARG C 202 9.49 -40.46 -39.63
N PRO C 203 9.91 -41.56 -39.03
CA PRO C 203 11.10 -42.26 -39.51
C PRO C 203 10.85 -42.86 -40.89
N LYS C 204 11.80 -42.63 -41.80
CA LYS C 204 11.62 -43.07 -43.18
C LYS C 204 11.78 -44.58 -43.33
N GLU C 205 12.72 -45.18 -42.60
CA GLU C 205 12.96 -46.61 -42.70
C GLU C 205 11.87 -47.37 -41.94
N ASP C 206 11.33 -48.40 -42.58
CA ASP C 206 10.28 -49.24 -42.00
C ASP C 206 9.13 -48.39 -41.47
N GLU C 207 8.50 -47.67 -42.39
CA GLU C 207 7.57 -46.60 -42.01
C GLU C 207 6.40 -47.13 -41.20
N ASN C 208 5.82 -48.26 -41.61
CA ASN C 208 4.57 -48.74 -41.03
C ASN C 208 4.75 -49.72 -39.88
N SER C 209 5.99 -50.02 -39.49
CA SER C 209 6.24 -50.97 -38.41
C SER C 209 6.57 -50.28 -37.09
N TRP C 210 6.49 -48.96 -37.04
CA TRP C 210 6.76 -48.21 -35.81
C TRP C 210 5.48 -48.07 -35.02
N PHE C 211 5.52 -48.46 -33.75
CA PHE C 211 4.38 -48.22 -32.86
C PHE C 211 4.38 -46.75 -32.44
N ASN C 212 3.70 -45.91 -33.21
CA ASN C 212 3.73 -44.48 -32.97
C ASN C 212 3.01 -44.15 -31.66
N LEU C 213 3.75 -43.59 -30.72
CA LEU C 213 3.23 -43.17 -29.43
C LEU C 213 3.36 -41.65 -29.33
N PHE C 214 2.31 -41.01 -28.83
CA PHE C 214 2.29 -39.55 -28.70
C PHE C 214 1.99 -39.19 -27.24
N VAL C 215 2.78 -38.27 -26.70
CA VAL C 215 2.58 -37.75 -25.35
C VAL C 215 2.28 -36.27 -25.47
N ILE C 216 1.14 -35.84 -24.95
CA ILE C 216 0.66 -34.48 -25.11
C ILE C 216 0.13 -33.99 -23.77
N HIS C 217 0.40 -32.74 -23.44
CA HIS C 217 -0.07 -32.11 -22.21
C HIS C 217 -0.93 -30.90 -22.60
N GLN C 218 -2.22 -31.15 -22.86
CA GLN C 218 -3.13 -30.12 -23.32
C GLN C 218 -4.52 -30.40 -22.75
N ASN C 219 -5.35 -29.36 -22.71
CA ASN C 219 -6.71 -29.53 -22.27
C ASN C 219 -7.47 -30.43 -23.25
N ARG C 220 -8.31 -31.31 -22.71
CA ARG C 220 -9.07 -32.27 -23.50
C ARG C 220 -10.56 -31.99 -23.51
N SER C 221 -11.13 -31.58 -22.39
CA SER C 221 -12.56 -31.35 -22.29
C SER C 221 -12.92 -29.95 -22.79
N LYS C 222 -14.18 -29.57 -22.60
CA LYS C 222 -14.68 -28.27 -23.02
C LYS C 222 -14.29 -27.23 -21.97
N HIS C 223 -13.16 -26.56 -22.22
CA HIS C 223 -12.69 -25.49 -21.33
C HIS C 223 -12.94 -24.11 -21.92
N GLY C 224 -12.51 -23.88 -23.16
CA GLY C 224 -12.74 -22.61 -23.83
C GLY C 224 -12.94 -22.82 -25.32
N SER C 225 -13.24 -21.71 -26.00
CA SER C 225 -13.39 -21.77 -27.45
C SER C 225 -12.08 -22.16 -28.12
N THR C 226 -10.97 -21.59 -27.65
CA THR C 226 -9.64 -21.94 -28.13
C THR C 226 -8.78 -22.57 -27.05
N ASN C 227 -9.27 -22.66 -25.82
CA ASN C 227 -8.50 -23.21 -24.70
C ASN C 227 -8.76 -24.71 -24.54
N PHE C 228 -8.62 -25.47 -25.62
CA PHE C 228 -8.73 -26.92 -25.60
C PHE C 228 -8.28 -27.47 -26.94
N ILE C 229 -7.71 -28.67 -26.91
CA ILE C 229 -7.26 -29.35 -28.12
C ILE C 229 -8.19 -30.51 -28.42
N PRO C 230 -9.07 -30.39 -29.42
CA PRO C 230 -9.89 -31.53 -29.81
C PRO C 230 -9.03 -32.64 -30.39
N GLU C 231 -9.48 -33.87 -30.20
CA GLU C 231 -8.76 -35.02 -30.72
C GLU C 231 -8.74 -35.05 -32.25
N GLN C 232 -9.64 -34.31 -32.89
CA GLN C 232 -9.74 -34.35 -34.35
C GLN C 232 -8.50 -33.79 -35.04
N PHE C 233 -7.75 -32.91 -34.39
CA PHE C 233 -6.61 -32.27 -35.01
C PHE C 233 -5.32 -33.07 -34.91
N LEU C 234 -5.30 -34.15 -34.14
CA LEU C 234 -4.13 -35.00 -34.06
C LEU C 234 -4.02 -35.87 -35.31
N ASP C 235 -2.79 -36.16 -35.72
CA ASP C 235 -2.56 -36.89 -36.95
C ASP C 235 -3.07 -38.33 -36.83
N ASP C 236 -3.46 -38.89 -37.98
CA ASP C 236 -4.08 -40.21 -38.00
C ASP C 236 -3.10 -41.34 -37.80
N PHE C 237 -1.81 -41.12 -38.05
CA PHE C 237 -0.83 -42.19 -38.00
C PHE C 237 -0.44 -42.59 -36.58
N ILE C 238 -0.90 -41.86 -35.57
CA ILE C 238 -0.59 -42.22 -34.19
C ILE C 238 -1.34 -43.49 -33.81
N ASP C 239 -0.76 -44.25 -32.88
CA ASP C 239 -1.38 -45.46 -32.36
C ASP C 239 -1.95 -45.28 -30.96
N LEU C 240 -1.26 -44.54 -30.06
CA LEU C 240 -1.80 -44.17 -28.71
C LEU C 240 -1.45 -42.71 -28.44
N VAL C 241 -2.13 -42.04 -27.53
CA VAL C 241 -1.85 -40.61 -27.22
C VAL C 241 -2.02 -40.39 -25.72
N ILE C 242 -0.98 -40.53 -24.90
CA ILE C 242 -1.13 -40.22 -23.45
C ILE C 242 -1.54 -38.76 -23.37
N TRP C 243 -2.37 -38.32 -22.41
CA TRP C 243 -2.87 -36.92 -22.50
C TRP C 243 -2.49 -35.95 -21.36
N GLY C 244 -2.29 -36.36 -20.15
CA GLY C 244 -1.71 -35.43 -19.18
C GLY C 244 -2.38 -34.21 -18.55
N HIS C 245 -2.96 -33.27 -19.27
CA HIS C 245 -3.40 -32.03 -18.58
C HIS C 245 -4.68 -32.25 -17.83
N GLU C 246 -5.22 -33.42 -18.02
CA GLU C 246 -6.52 -33.63 -17.41
C GLU C 246 -6.23 -34.50 -16.20
N HIS C 247 -6.68 -34.07 -15.04
CA HIS C 247 -6.32 -34.79 -13.79
C HIS C 247 -7.35 -35.87 -13.46
N GLU C 248 -8.42 -35.96 -14.21
CA GLU C 248 -9.31 -37.11 -14.03
C GLU C 248 -8.63 -38.38 -14.52
N CYS C 249 -8.76 -39.45 -13.74
CA CYS C 249 -8.10 -40.71 -14.06
C CYS C 249 -8.93 -41.48 -15.07
N LYS C 250 -8.40 -41.62 -16.28
CA LYS C 250 -9.02 -42.37 -17.37
C LYS C 250 -8.00 -43.31 -18.00
N ILE C 251 -7.31 -44.07 -17.14
CA ILE C 251 -6.22 -44.96 -17.57
C ILE C 251 -6.66 -45.94 -18.64
N ALA C 252 -7.95 -46.26 -18.71
CA ALA C 252 -8.42 -47.21 -19.71
C ALA C 252 -8.36 -46.57 -21.08
N PRO C 253 -7.63 -47.15 -22.04
CA PRO C 253 -7.61 -46.56 -23.39
C PRO C 253 -9.00 -46.56 -24.02
N THR C 254 -9.31 -45.49 -24.73
CA THR C 254 -10.61 -45.30 -25.34
C THR C 254 -10.50 -45.30 -26.85
N LYS C 255 -11.49 -45.88 -27.50
CA LYS C 255 -11.52 -45.98 -28.96
C LYS C 255 -12.12 -44.71 -29.56
N ASN C 256 -11.45 -44.19 -30.59
CA ASN C 256 -11.92 -43.03 -31.33
C ASN C 256 -12.58 -43.53 -32.61
N GLU C 257 -13.89 -43.37 -32.71
CA GLU C 257 -14.64 -43.87 -33.86
C GLU C 257 -14.33 -43.11 -35.15
N GLN C 258 -13.67 -41.95 -35.05
CA GLN C 258 -13.39 -41.13 -36.23
C GLN C 258 -11.99 -41.37 -36.80
N GLN C 259 -11.01 -41.69 -35.97
CA GLN C 259 -9.63 -41.79 -36.42
C GLN C 259 -8.93 -43.08 -36.05
N LEU C 260 -9.49 -43.90 -35.14
CA LEU C 260 -8.97 -45.23 -34.83
C LEU C 260 -7.55 -45.16 -34.26
N PHE C 261 -7.36 -44.29 -33.27
CA PHE C 261 -6.14 -44.29 -32.46
C PHE C 261 -6.52 -44.21 -31.00
N TYR C 262 -5.85 -45.02 -30.18
CA TYR C 262 -6.18 -45.12 -28.77
C TYR C 262 -5.76 -43.88 -28.01
N ILE C 263 -6.48 -43.60 -26.92
CA ILE C 263 -6.21 -42.44 -26.08
C ILE C 263 -6.20 -42.88 -24.62
N SER C 264 -5.11 -42.57 -23.92
CA SER C 264 -4.98 -42.87 -22.50
C SER C 264 -4.82 -41.57 -21.73
N GLN C 265 -5.49 -41.49 -20.58
CA GLN C 265 -5.47 -40.30 -19.73
C GLN C 265 -5.08 -40.74 -18.33
N PRO C 266 -3.78 -40.81 -18.03
CA PRO C 266 -3.36 -41.31 -16.72
C PRO C 266 -3.91 -40.51 -15.55
N GLY C 267 -4.07 -39.20 -15.70
CA GLY C 267 -4.59 -38.39 -14.61
C GLY C 267 -3.57 -38.14 -13.53
N SER C 268 -3.77 -37.09 -12.74
CA SER C 268 -2.80 -36.73 -11.73
C SER C 268 -2.73 -37.77 -10.63
N SER C 269 -1.55 -37.90 -10.04
CA SER C 269 -1.40 -38.75 -8.87
C SER C 269 -2.06 -38.12 -7.64
N VAL C 270 -1.85 -36.82 -7.44
CA VAL C 270 -2.38 -36.12 -6.28
C VAL C 270 -3.60 -35.31 -6.70
N VAL C 271 -4.48 -35.04 -5.73
CA VAL C 271 -5.71 -34.29 -5.97
C VAL C 271 -5.36 -32.81 -5.85
N THR C 272 -5.00 -32.20 -6.98
CA THR C 272 -4.61 -30.79 -6.97
C THR C 272 -5.83 -29.88 -6.84
N SER C 273 -6.93 -30.21 -7.49
CA SER C 273 -8.13 -29.39 -7.48
C SER C 273 -9.29 -30.17 -6.88
N LEU C 274 -10.24 -29.43 -6.29
CA LEU C 274 -11.40 -30.02 -5.64
C LEU C 274 -12.59 -30.17 -6.59
N SER C 275 -12.33 -30.30 -7.89
CA SER C 275 -13.39 -30.52 -8.85
C SER C 275 -13.97 -31.93 -8.69
N PRO C 276 -15.22 -32.15 -9.13
CA PRO C 276 -15.78 -33.50 -9.07
C PRO C 276 -15.28 -34.39 -10.19
N GLY C 277 -13.97 -34.35 -10.43
CA GLY C 277 -13.33 -35.23 -11.40
C GLY C 277 -12.18 -35.96 -10.78
N GLU C 278 -11.70 -35.45 -9.65
CA GLU C 278 -10.62 -36.10 -8.91
C GLU C 278 -11.13 -37.10 -7.88
N ALA C 279 -12.44 -37.26 -7.75
CA ALA C 279 -12.98 -38.23 -6.80
C ALA C 279 -12.67 -39.66 -7.23
N VAL C 280 -12.49 -39.89 -8.53
CA VAL C 280 -12.16 -41.23 -9.02
C VAL C 280 -10.76 -41.59 -8.54
N LYS C 281 -10.59 -42.87 -8.16
CA LYS C 281 -9.31 -43.32 -7.64
C LYS C 281 -8.22 -43.15 -8.70
N LYS C 282 -7.02 -42.79 -8.26
CA LYS C 282 -5.90 -42.53 -9.15
C LYS C 282 -5.10 -43.80 -9.36
N HIS C 283 -4.86 -44.15 -10.62
CA HIS C 283 -4.05 -45.32 -10.98
C HIS C 283 -2.99 -44.88 -11.96
N VAL C 284 -1.84 -45.55 -11.92
CA VAL C 284 -0.79 -45.35 -12.91
C VAL C 284 -0.78 -46.54 -13.85
N GLY C 285 -0.45 -46.28 -15.12
CA GLY C 285 -0.49 -47.32 -16.11
C GLY C 285 0.78 -48.17 -16.14
N LEU C 286 0.67 -49.32 -16.79
CA LEU C 286 1.80 -50.22 -17.05
C LEU C 286 1.65 -50.70 -18.49
N LEU C 287 2.23 -49.93 -19.41
CA LEU C 287 2.08 -50.21 -20.83
C LEU C 287 2.94 -51.40 -21.23
N ARG C 288 2.34 -52.35 -21.95
CA ARG C 288 3.05 -53.49 -22.52
C ARG C 288 2.86 -53.45 -24.03
N ILE C 289 3.96 -53.38 -24.77
CA ILE C 289 3.90 -53.22 -26.22
C ILE C 289 4.68 -54.36 -26.85
N LYS C 290 4.02 -55.11 -27.72
CA LYS C 290 4.64 -56.18 -28.50
C LYS C 290 4.32 -55.95 -29.96
N GLY C 291 5.35 -55.67 -30.76
CA GLY C 291 5.16 -55.36 -32.16
C GLY C 291 4.36 -54.09 -32.34
N ARG C 292 3.10 -54.23 -32.78
CA ARG C 292 2.19 -53.10 -32.94
C ARG C 292 0.95 -53.25 -32.07
N LYS C 293 1.04 -54.04 -31.01
CA LYS C 293 -0.09 -54.32 -30.13
C LYS C 293 0.19 -53.73 -28.75
N MET C 294 -0.95 -53.02 -28.27
CA MET C 294 -0.81 -52.31 -26.99
C MET C 294 -1.71 -52.96 -25.96
N ASN C 295 -1.12 -53.20 -24.70
CA ASN C 295 -1.95 -53.68 -23.60
C ASN C 295 -1.59 -52.87 -22.35
N MET C 296 -2.59 -52.23 -21.77
CA MET C 296 -2.39 -51.37 -20.61
C MET C 296 -3.01 -52.02 -19.38
N HIS C 297 -2.20 -52.19 -18.33
CA HIS C 297 -2.65 -52.73 -17.06
C HIS C 297 -2.47 -51.67 -15.99
N LYS C 298 -3.56 -51.29 -15.35
CA LYS C 298 -3.53 -50.22 -14.35
C LYS C 298 -3.13 -50.77 -12.99
N ILE C 299 -2.44 -49.94 -12.22
CA ILE C 299 -2.02 -50.26 -10.87
C ILE C 299 -2.54 -49.16 -9.96
N PRO C 300 -3.36 -49.47 -8.96
CA PRO C 300 -3.87 -48.42 -8.08
C PRO C 300 -2.77 -47.81 -7.22
N LEU C 301 -2.96 -46.55 -6.86
CA LEU C 301 -2.08 -45.84 -5.95
C LEU C 301 -2.69 -45.89 -4.56
N HIS C 302 -1.97 -46.48 -3.61
CA HIS C 302 -2.46 -46.66 -2.26
C HIS C 302 -1.93 -45.61 -1.29
N THR C 303 -1.23 -44.59 -1.79
CA THR C 303 -0.62 -43.59 -0.94
C THR C 303 -1.22 -42.20 -1.14
N VAL C 304 -2.41 -42.12 -1.75
CA VAL C 304 -3.07 -40.86 -2.01
C VAL C 304 -4.38 -40.82 -1.24
N ARG C 305 -4.60 -39.75 -0.49
CA ARG C 305 -5.80 -39.65 0.33
C ARG C 305 -7.03 -39.58 -0.55
N GLN C 306 -8.09 -40.26 -0.13
CA GLN C 306 -9.32 -40.28 -0.91
C GLN C 306 -9.97 -38.91 -0.92
N PHE C 307 -10.54 -38.54 -2.06
CA PHE C 307 -11.25 -37.28 -2.23
C PHE C 307 -12.72 -37.60 -2.46
N PHE C 308 -13.56 -37.19 -1.52
CA PHE C 308 -15.00 -37.40 -1.59
C PHE C 308 -15.69 -36.05 -1.63
N MET C 309 -16.54 -35.85 -2.64
CA MET C 309 -17.32 -34.62 -2.73
C MET C 309 -18.70 -34.95 -3.25
N GLU C 310 -19.68 -34.18 -2.76
CA GLU C 310 -21.07 -34.33 -3.17
C GLU C 310 -21.64 -32.95 -3.49
N ASP C 311 -22.62 -32.92 -4.39
CA ASP C 311 -23.26 -31.68 -4.79
C ASP C 311 -24.70 -31.69 -4.28
N ILE C 312 -25.05 -30.66 -3.51
CA ILE C 312 -26.39 -30.48 -2.98
C ILE C 312 -26.99 -29.24 -3.61
N VAL C 313 -28.17 -29.39 -4.20
CA VAL C 313 -28.93 -28.26 -4.73
C VAL C 313 -30.15 -28.10 -3.84
N LEU C 314 -30.11 -27.08 -2.97
CA LEU C 314 -31.22 -26.86 -2.05
C LEU C 314 -32.51 -26.54 -2.77
N ALA C 315 -32.43 -25.83 -3.90
CA ALA C 315 -33.63 -25.53 -4.68
C ALA C 315 -34.21 -26.79 -5.31
N ASN C 316 -33.42 -27.86 -5.41
CA ASN C 316 -33.87 -29.12 -5.99
C ASN C 316 -34.47 -30.07 -4.96
N HIS C 317 -34.56 -29.65 -3.70
CA HIS C 317 -35.12 -30.47 -2.61
C HIS C 317 -36.24 -29.70 -1.93
N PRO C 318 -37.41 -29.57 -2.59
CA PRO C 318 -38.55 -28.86 -1.99
C PRO C 318 -39.38 -29.72 -1.04
N ASP C 319 -38.69 -30.43 -0.15
CA ASP C 319 -39.36 -31.31 0.80
C ASP C 319 -38.99 -31.05 2.25
N ILE C 320 -37.74 -30.67 2.54
CA ILE C 320 -37.33 -30.36 3.89
C ILE C 320 -36.71 -28.97 3.92
N PHE C 321 -36.53 -28.38 2.75
CA PHE C 321 -35.97 -27.04 2.60
C PHE C 321 -37.03 -26.14 1.99
N ASN C 322 -37.89 -25.60 2.83
CA ASN C 322 -38.88 -24.63 2.37
C ASN C 322 -38.20 -23.28 2.16
N PRO C 323 -38.49 -22.58 1.06
CA PRO C 323 -37.81 -21.29 0.83
C PRO C 323 -37.97 -20.28 1.94
N ASP C 324 -39.14 -20.19 2.58
CA ASP C 324 -39.30 -19.20 3.65
C ASP C 324 -38.73 -19.71 4.97
N ASN C 325 -39.38 -20.72 5.55
CA ASN C 325 -38.85 -21.61 6.60
C ASN C 325 -37.94 -20.88 7.59
N PRO C 326 -38.50 -20.08 8.51
CA PRO C 326 -37.66 -19.26 9.40
C PRO C 326 -36.57 -20.04 10.14
N LYS C 327 -36.76 -21.35 10.30
CA LYS C 327 -35.77 -22.21 10.94
C LYS C 327 -35.12 -23.17 9.94
N VAL C 328 -34.84 -22.69 8.73
CA VAL C 328 -34.22 -23.54 7.72
C VAL C 328 -32.70 -23.59 7.82
N THR C 329 -32.08 -22.62 8.49
CA THR C 329 -30.64 -22.64 8.64
C THR C 329 -30.19 -23.89 9.39
N GLN C 330 -30.89 -24.22 10.47
CA GLN C 330 -30.58 -25.43 11.22
C GLN C 330 -30.81 -26.67 10.36
N ALA C 331 -31.86 -26.65 9.54
CA ALA C 331 -32.15 -27.82 8.70
C ALA C 331 -31.04 -28.06 7.68
N ILE C 332 -30.60 -27.01 7.00
CA ILE C 332 -29.55 -27.16 6.00
C ILE C 332 -28.23 -27.52 6.68
N GLN C 333 -27.95 -26.91 7.84
CA GLN C 333 -26.73 -27.24 8.56
C GLN C 333 -26.72 -28.70 8.98
N SER C 334 -27.85 -29.21 9.47
CA SER C 334 -27.94 -30.61 9.86
C SER C 334 -27.80 -31.54 8.65
N PHE C 335 -28.42 -31.18 7.53
CA PHE C 335 -28.31 -32.00 6.33
C PHE C 335 -26.86 -32.09 5.86
N CYS C 336 -26.18 -30.96 5.84
CA CYS C 336 -24.77 -30.96 5.46
C CYS C 336 -23.91 -31.71 6.48
N LEU C 337 -24.27 -31.62 7.76
CA LEU C 337 -23.56 -32.37 8.78
C LEU C 337 -23.66 -33.87 8.53
N GLU C 338 -24.88 -34.35 8.24
CA GLU C 338 -25.04 -35.77 7.95
C GLU C 338 -24.31 -36.16 6.67
N LYS C 339 -24.32 -35.28 5.66
CA LYS C 339 -23.58 -35.57 4.44
C LYS C 339 -22.08 -35.74 4.71
N ILE C 340 -21.51 -34.80 5.47
CA ILE C 340 -20.08 -34.87 5.77
C ILE C 340 -19.77 -36.10 6.62
N GLU C 341 -20.63 -36.40 7.59
CA GLU C 341 -20.41 -37.57 8.43
C GLU C 341 -20.47 -38.86 7.62
N GLU C 342 -21.42 -38.95 6.68
CA GLU C 342 -21.52 -40.12 5.83
C GLU C 342 -20.28 -40.26 4.95
N MET C 343 -19.79 -39.13 4.41
CA MET C 343 -18.56 -39.19 3.62
C MET C 343 -17.38 -39.66 4.46
N LEU C 344 -17.28 -39.18 5.70
CA LEU C 344 -16.19 -39.60 6.58
C LEU C 344 -16.29 -41.08 6.92
N GLU C 345 -17.50 -41.57 7.17
CA GLU C 345 -17.67 -43.00 7.43
C GLU C 345 -17.30 -43.83 6.20
N ASN C 346 -17.67 -43.37 5.01
CA ASN C 346 -17.29 -44.09 3.80
C ASN C 346 -15.77 -44.12 3.64
N ALA C 347 -15.11 -42.99 3.92
CA ALA C 347 -13.65 -42.95 3.85
C ALA C 347 -13.03 -43.90 4.86
N GLU C 348 -13.59 -43.97 6.07
CA GLU C 348 -13.07 -44.89 7.08
C GLU C 348 -13.25 -46.34 6.65
N ARG C 349 -14.41 -46.68 6.10
CA ARG C 349 -14.68 -48.06 5.71
C ARG C 349 -13.91 -48.50 4.47
N GLU C 350 -13.57 -47.57 3.57
CA GLU C 350 -12.73 -47.95 2.44
C GLU C 350 -11.26 -48.01 2.80
N ARG C 351 -10.83 -47.30 3.85
CA ARG C 351 -9.43 -47.30 4.26
C ARG C 351 -8.96 -48.64 4.80
N LEU C 352 -9.88 -49.55 5.13
CA LEU C 352 -9.47 -50.86 5.62
C LEU C 352 -8.73 -51.64 4.54
N GLY C 353 -7.68 -52.34 4.94
CA GLY C 353 -6.84 -53.07 4.02
C GLY C 353 -5.77 -52.24 3.35
N ASN C 354 -5.72 -50.93 3.61
CA ASN C 354 -4.73 -50.03 3.05
C ASN C 354 -4.02 -49.32 4.19
N SER C 355 -2.78 -49.73 4.45
CA SER C 355 -1.98 -49.16 5.54
C SER C 355 -1.19 -47.94 5.10
N HIS C 356 -1.20 -47.60 3.81
CA HIS C 356 -0.42 -46.47 3.31
C HIS C 356 -1.23 -45.23 3.01
N GLN C 357 -2.57 -45.33 2.94
CA GLN C 357 -3.39 -44.14 2.61
C GLN C 357 -3.51 -43.29 3.85
N PRO C 358 -3.14 -42.01 3.82
CA PRO C 358 -3.16 -41.14 4.99
C PRO C 358 -4.54 -41.10 5.63
N GLU C 359 -4.56 -40.99 6.95
CA GLU C 359 -5.79 -41.08 7.73
C GLU C 359 -6.48 -39.73 7.88
N LYS C 360 -6.68 -39.05 6.75
CA LYS C 360 -7.39 -37.77 6.74
C LYS C 360 -7.96 -37.52 5.34
N PRO C 361 -9.21 -37.90 5.10
CA PRO C 361 -9.76 -37.75 3.74
C PRO C 361 -9.98 -36.30 3.36
N LEU C 362 -9.95 -36.06 2.05
CA LEU C 362 -10.31 -34.77 1.48
C LEU C 362 -11.82 -34.76 1.26
N VAL C 363 -12.51 -33.85 1.94
CA VAL C 363 -13.97 -33.80 1.90
C VAL C 363 -14.39 -32.44 1.37
N ARG C 364 -15.27 -32.45 0.37
CA ARG C 364 -15.80 -31.24 -0.24
C ARG C 364 -17.31 -31.36 -0.36
N LEU C 365 -18.00 -30.22 -0.25
CA LEU C 365 -19.46 -30.22 -0.30
C LEU C 365 -19.91 -28.92 -0.95
N ARG C 366 -20.23 -28.97 -2.24
CA ARG C 366 -20.74 -27.82 -2.96
C ARG C 366 -22.24 -27.71 -2.76
N VAL C 367 -22.70 -26.53 -2.36
CA VAL C 367 -24.10 -26.28 -2.05
C VAL C 367 -24.60 -25.14 -2.94
N ASP C 368 -25.74 -25.36 -3.59
CA ASP C 368 -26.34 -24.39 -4.51
C ASP C 368 -27.67 -23.94 -3.93
N TYR C 369 -27.70 -22.76 -3.31
CA TYR C 369 -28.92 -22.21 -2.75
C TYR C 369 -29.61 -21.27 -3.73
N SER C 370 -29.88 -21.76 -4.94
CA SER C 370 -30.49 -20.92 -5.96
C SER C 370 -31.93 -20.53 -5.63
N GLY C 371 -32.57 -21.23 -4.70
CA GLY C 371 -33.97 -21.00 -4.39
C GLY C 371 -34.25 -19.85 -3.45
N GLY C 372 -33.22 -19.11 -3.02
CA GLY C 372 -33.39 -18.03 -2.08
C GLY C 372 -32.96 -18.34 -0.66
N PHE C 373 -32.38 -19.51 -0.42
CA PHE C 373 -31.87 -19.83 0.90
C PHE C 373 -30.61 -19.01 1.19
N GLU C 374 -30.23 -18.99 2.47
CA GLU C 374 -29.02 -18.28 2.84
C GLU C 374 -27.98 -19.24 3.41
N PRO C 375 -26.72 -19.09 3.04
CA PRO C 375 -25.67 -19.96 3.59
C PRO C 375 -25.51 -19.77 5.08
N PHE C 376 -25.02 -20.83 5.69
CA PHE C 376 -24.80 -20.80 7.15
C PHE C 376 -23.36 -20.40 7.37
N SER C 377 -22.87 -20.60 8.58
CA SER C 377 -21.46 -20.29 8.82
C SER C 377 -20.61 -21.47 8.40
N VAL C 378 -19.77 -21.29 7.40
CA VAL C 378 -18.80 -22.32 6.99
C VAL C 378 -17.72 -22.29 8.04
N LEU C 379 -17.58 -21.14 8.69
CA LEU C 379 -16.48 -20.96 9.66
C LEU C 379 -16.79 -21.59 11.03
N ARG C 380 -18.02 -22.00 11.29
CA ARG C 380 -18.38 -22.66 12.58
C ARG C 380 -18.87 -24.09 12.28
N PHE C 381 -18.90 -24.47 11.01
CA PHE C 381 -19.33 -25.83 10.62
C PHE C 381 -18.09 -26.55 10.15
N SER C 382 -16.94 -25.91 10.24
CA SER C 382 -15.68 -26.59 9.93
C SER C 382 -14.96 -26.87 11.25
N GLN C 383 -15.14 -26.02 12.27
CA GLN C 383 -14.57 -26.31 13.58
C GLN C 383 -14.94 -27.70 14.07
N LYS C 384 -16.04 -28.27 13.58
CA LYS C 384 -16.39 -29.63 13.94
C LYS C 384 -15.40 -30.63 13.35
N PHE C 385 -14.90 -30.36 12.14
CA PHE C 385 -14.00 -31.24 11.42
C PHE C 385 -12.64 -30.61 11.22
N VAL C 386 -12.10 -29.95 12.24
CA VAL C 386 -10.76 -29.39 12.13
C VAL C 386 -9.72 -30.50 12.04
N ASP C 387 -9.85 -31.53 12.88
CA ASP C 387 -8.88 -32.61 12.96
C ASP C 387 -9.36 -33.89 12.29
N ARG C 388 -10.45 -33.84 11.53
CA ARG C 388 -11.00 -35.03 10.89
C ARG C 388 -10.93 -35.00 9.37
N VAL C 389 -10.55 -33.87 8.77
CA VAL C 389 -10.39 -33.77 7.33
C VAL C 389 -9.02 -33.16 7.05
N ALA C 390 -8.51 -33.43 5.85
CA ALA C 390 -7.21 -32.90 5.44
C ALA C 390 -7.30 -31.47 4.91
N ASN C 391 -8.52 -30.96 4.69
CA ASN C 391 -8.73 -29.60 4.19
C ASN C 391 -9.71 -28.92 5.13
N PRO C 392 -9.25 -28.45 6.28
CA PRO C 392 -10.17 -27.87 7.26
C PRO C 392 -10.89 -26.63 6.77
N LYS C 393 -10.37 -25.93 5.77
CA LYS C 393 -10.98 -24.70 5.31
C LYS C 393 -11.99 -24.93 4.20
N ASP C 394 -11.62 -25.70 3.18
CA ASP C 394 -12.48 -25.90 2.01
C ASP C 394 -13.39 -27.10 2.18
N ILE C 395 -14.10 -27.16 3.30
CA ILE C 395 -15.04 -28.26 3.52
C ILE C 395 -16.36 -27.98 2.80
N ILE C 396 -16.85 -26.75 2.89
CA ILE C 396 -18.14 -26.36 2.34
C ILE C 396 -17.92 -25.20 1.38
N HIS C 397 -18.49 -25.32 0.18
CA HIS C 397 -18.47 -24.25 -0.81
C HIS C 397 -19.90 -23.82 -1.09
N PHE C 398 -20.15 -22.52 -1.03
CA PHE C 398 -21.48 -21.96 -1.26
C PHE C 398 -21.46 -21.14 -2.54
N PHE C 399 -22.38 -21.47 -3.46
CA PHE C 399 -22.49 -20.76 -4.71
C PHE C 399 -23.95 -20.77 -5.16
N ARG C 400 -24.31 -19.82 -6.02
CA ARG C 400 -25.67 -19.72 -6.52
C ARG C 400 -25.62 -19.46 -8.03
N HIS C 401 -26.70 -19.85 -8.70
CA HIS C 401 -26.81 -19.68 -10.14
C HIS C 401 -27.92 -18.69 -10.49
N LEU C 427 -36.60 -1.95 -10.49
CA LEU C 427 -36.59 -0.99 -9.40
C LEU C 427 -35.96 0.31 -9.89
N ARG C 428 -36.74 1.39 -9.77
CA ARG C 428 -36.28 2.71 -10.26
C ARG C 428 -36.45 3.74 -9.14
N VAL C 429 -35.47 4.62 -8.92
CA VAL C 429 -35.51 5.57 -7.81
C VAL C 429 -36.70 6.51 -7.95
N GLU C 430 -37.16 6.77 -9.16
CA GLU C 430 -38.29 7.67 -9.37
C GLU C 430 -39.55 7.14 -8.68
N ASP C 431 -39.84 5.85 -8.88
CA ASP C 431 -41.03 5.26 -8.25
C ASP C 431 -40.90 5.26 -6.73
N LEU C 432 -39.71 4.93 -6.22
CA LEU C 432 -39.53 4.89 -4.77
C LEU C 432 -39.70 6.27 -4.15
N VAL C 433 -39.12 7.30 -4.76
CA VAL C 433 -39.26 8.64 -4.21
C VAL C 433 -40.69 9.14 -4.35
N LYS C 434 -41.37 8.79 -5.45
CA LYS C 434 -42.78 9.16 -5.59
C LYS C 434 -43.62 8.53 -4.50
N GLN C 435 -43.41 7.24 -4.23
CA GLN C 435 -44.19 6.57 -3.20
C GLN C 435 -43.85 7.10 -1.81
N TYR C 436 -42.58 7.46 -1.58
CA TYR C 436 -42.21 8.02 -0.28
C TYR C 436 -42.83 9.39 -0.07
N PHE C 437 -42.84 10.24 -1.10
CA PHE C 437 -43.52 11.52 -0.98
C PHE C 437 -45.02 11.33 -0.80
N GLN C 438 -45.61 10.34 -1.48
CA GLN C 438 -47.03 10.07 -1.30
C GLN C 438 -47.35 9.66 0.12
N THR C 439 -46.52 8.80 0.72
CA THR C 439 -46.71 8.43 2.11
C THR C 439 -46.51 9.62 3.04
N ALA C 440 -45.52 10.47 2.74
CA ALA C 440 -45.24 11.60 3.61
C ALA C 440 -46.39 12.60 3.61
N GLU C 441 -46.89 12.95 2.44
CA GLU C 441 -47.96 13.99 2.37
C GLU C 441 -49.20 13.51 3.14
N LYS C 442 -49.46 12.19 3.20
CA LYS C 442 -50.64 11.67 3.87
C LYS C 442 -50.37 11.26 5.32
N ASN C 443 -49.11 11.20 5.73
CA ASN C 443 -48.76 10.85 7.10
C ASN C 443 -48.50 12.05 7.99
N VAL C 444 -48.05 13.16 7.43
CA VAL C 444 -47.76 14.36 8.20
C VAL C 444 -48.63 15.51 7.67
N GLN C 445 -48.63 16.61 8.40
CA GLN C 445 -49.40 17.79 8.04
C GLN C 445 -48.48 18.85 7.44
N LEU C 446 -48.83 19.34 6.26
CA LEU C 446 -48.09 20.40 5.60
C LEU C 446 -48.64 21.75 6.03
N SER C 447 -47.73 22.65 6.40
CA SER C 447 -48.16 23.97 6.87
C SER C 447 -48.57 24.86 5.70
N LEU C 448 -47.66 25.10 4.77
CA LEU C 448 -47.86 26.04 3.68
C LEU C 448 -47.78 25.41 2.30
N LEU C 449 -46.78 24.56 2.05
CA LEU C 449 -46.61 23.97 0.73
C LEU C 449 -47.82 23.10 0.39
N THR C 450 -48.25 23.19 -0.86
CA THR C 450 -49.43 22.47 -1.30
C THR C 450 -49.16 20.97 -1.35
N GLU C 451 -50.24 20.20 -1.24
CA GLU C 451 -50.15 18.75 -1.32
C GLU C 451 -49.63 18.34 -2.68
N ARG C 452 -48.60 17.48 -2.76
CA ARG C 452 -48.06 16.97 -4.06
C ARG C 452 -47.45 18.10 -4.90
N GLY C 453 -46.67 18.97 -4.27
CA GLY C 453 -46.11 20.12 -4.99
C GLY C 453 -44.60 20.11 -5.06
N MET C 454 -43.91 19.65 -4.01
CA MET C 454 -42.43 19.52 -4.11
C MET C 454 -42.11 18.33 -5.00
N GLY C 455 -42.70 17.20 -4.69
CA GLY C 455 -42.39 15.99 -5.47
C GLY C 455 -42.41 16.22 -6.96
N GLU C 456 -43.09 17.24 -7.46
CA GLU C 456 -43.20 17.39 -8.94
C GLU C 456 -42.18 18.43 -9.31
N ALA C 457 -41.70 19.13 -8.31
CA ALA C 457 -40.57 20.03 -8.49
C ALA C 457 -39.25 19.27 -8.47
N VAL C 458 -39.12 18.27 -7.60
CA VAL C 458 -37.90 17.47 -7.58
C VAL C 458 -37.77 16.67 -8.87
N GLN C 459 -38.88 16.15 -9.38
CA GLN C 459 -38.84 15.44 -10.65
C GLN C 459 -38.45 16.37 -11.79
N GLU C 460 -38.92 17.61 -11.76
CA GLU C 460 -38.50 18.61 -12.74
C GLU C 460 -37.00 18.89 -12.61
N PHE C 461 -36.51 18.96 -11.38
CA PHE C 461 -35.08 19.21 -11.16
C PHE C 461 -34.22 18.08 -11.72
N VAL C 462 -34.62 16.84 -11.47
CA VAL C 462 -33.75 15.71 -11.85
C VAL C 462 -34.00 15.21 -13.27
N ASP C 463 -35.12 15.60 -13.89
CA ASP C 463 -35.43 15.13 -15.24
C ASP C 463 -35.39 16.22 -16.30
N LYS C 464 -35.80 17.44 -15.96
CA LYS C 464 -35.85 18.52 -16.96
C LYS C 464 -34.61 19.40 -16.87
N GLU C 465 -33.68 19.09 -15.98
CA GLU C 465 -32.39 19.77 -15.83
C GLU C 465 -32.53 21.18 -15.27
N GLU C 466 -33.74 21.61 -14.94
CA GLU C 466 -33.95 22.95 -14.39
C GLU C 466 -33.35 22.99 -12.99
N LYS C 467 -32.27 23.75 -12.83
CA LYS C 467 -31.53 23.78 -11.58
C LYS C 467 -32.14 24.71 -10.53
N ASP C 468 -33.20 25.44 -10.89
CA ASP C 468 -33.85 26.36 -9.96
C ASP C 468 -35.33 26.03 -9.78
N ALA C 469 -35.70 24.75 -9.95
CA ALA C 469 -37.09 24.36 -9.81
C ALA C 469 -37.56 24.49 -8.36
N ILE C 470 -36.75 24.02 -7.41
CA ILE C 470 -37.14 24.08 -6.00
C ILE C 470 -37.25 25.53 -5.55
N GLU C 471 -36.26 26.36 -5.90
CA GLU C 471 -36.30 27.76 -5.54
C GLU C 471 -37.50 28.46 -6.15
N GLU C 472 -37.78 28.19 -7.43
CA GLU C 472 -38.89 28.85 -8.10
C GLU C 472 -40.22 28.45 -7.46
N LEU C 473 -40.41 27.16 -7.18
CA LEU C 473 -41.66 26.71 -6.56
C LEU C 473 -41.81 27.32 -5.17
N VAL C 474 -40.74 27.32 -4.37
CA VAL C 474 -40.82 27.87 -3.02
C VAL C 474 -41.15 29.36 -3.06
N LYS C 475 -40.49 30.11 -3.95
CA LYS C 475 -40.75 31.54 -4.07
C LYS C 475 -42.16 31.80 -4.56
N TYR C 476 -42.65 30.99 -5.51
CA TYR C 476 -44.00 31.17 -6.01
C TYR C 476 -45.03 30.97 -4.90
N GLN C 477 -44.88 29.90 -4.12
CA GLN C 477 -45.82 29.65 -3.04
C GLN C 477 -45.73 30.73 -1.97
N LEU C 478 -44.49 31.17 -1.66
CA LEU C 478 -44.30 32.25 -0.71
C LEU C 478 -45.02 33.52 -1.14
N GLU C 479 -44.83 33.91 -2.40
CA GLU C 479 -45.44 35.13 -2.91
C GLU C 479 -46.96 35.00 -2.93
N LYS C 480 -47.48 33.85 -3.34
CA LYS C 480 -48.93 33.66 -3.37
C LYS C 480 -49.53 33.78 -1.97
N THR C 481 -48.90 33.13 -0.99
CA THR C 481 -49.42 33.21 0.37
C THR C 481 -49.33 34.64 0.91
N GLN C 482 -48.23 35.34 0.62
CA GLN C 482 -48.08 36.71 1.09
C GLN C 482 -49.14 37.62 0.46
N ARG C 483 -49.40 37.45 -0.84
CA ARG C 483 -50.40 38.27 -1.50
C ARG C 483 -51.80 38.00 -0.95
N PHE C 484 -52.14 36.72 -0.74
CA PHE C 484 -53.44 36.40 -0.16
C PHE C 484 -53.58 36.99 1.23
N LEU C 485 -52.53 36.88 2.04
CA LEU C 485 -52.58 37.40 3.41
C LEU C 485 -52.70 38.91 3.43
N LYS C 486 -52.01 39.59 2.52
CA LYS C 486 -52.17 41.03 2.38
C LYS C 486 -53.58 41.39 1.95
N GLU C 487 -54.14 40.62 1.01
CA GLU C 487 -55.48 40.93 0.50
C GLU C 487 -56.53 40.80 1.59
N ARG C 488 -56.43 39.76 2.42
CA ARG C 488 -57.48 39.53 3.42
C ARG C 488 -57.31 40.44 4.65
N HIS C 489 -56.19 41.16 4.75
CA HIS C 489 -55.94 42.10 5.85
C HIS C 489 -55.90 41.38 7.21
N ILE C 490 -55.05 40.36 7.30
CA ILE C 490 -54.86 39.67 8.57
C ILE C 490 -54.14 40.56 9.57
N ASP C 491 -54.43 40.34 10.85
CA ASP C 491 -53.74 41.05 11.91
C ASP C 491 -52.35 40.45 12.12
N ALA C 492 -51.52 41.18 12.85
CA ALA C 492 -50.15 40.74 13.14
C ALA C 492 -50.12 39.84 14.38
N LEU C 493 -50.90 38.76 14.30
CA LEU C 493 -50.98 37.77 15.37
C LEU C 493 -50.52 36.42 14.85
N GLU C 494 -49.69 35.74 15.63
CA GLU C 494 -49.11 34.47 15.18
C GLU C 494 -50.20 33.41 15.01
N ASP C 495 -51.09 33.27 15.98
CA ASP C 495 -52.16 32.29 15.87
C ASP C 495 -53.09 32.62 14.70
N LYS C 496 -53.43 33.90 14.54
CA LYS C 496 -54.33 34.29 13.47
C LYS C 496 -53.72 34.02 12.10
N ILE C 497 -52.45 34.36 11.91
CA ILE C 497 -51.80 34.14 10.62
C ILE C 497 -51.64 32.65 10.35
N ASP C 498 -51.34 31.87 11.39
CA ASP C 498 -51.23 30.42 11.22
C ASP C 498 -52.56 29.82 10.79
N GLU C 499 -53.65 30.22 11.46
CA GLU C 499 -54.97 29.73 11.07
C GLU C 499 -55.33 30.16 9.66
N GLU C 500 -54.99 31.41 9.30
CA GLU C 500 -55.32 31.89 7.97
C GLU C 500 -54.58 31.11 6.89
N VAL C 501 -53.28 30.86 7.08
CA VAL C 501 -52.54 30.12 6.06
C VAL C 501 -53.01 28.67 6.00
N ARG C 502 -53.34 28.08 7.16
CA ARG C 502 -53.86 26.71 7.15
C ARG C 502 -55.17 26.62 6.38
N ARG C 503 -56.09 27.56 6.62
CA ARG C 503 -57.36 27.52 5.92
C ARG C 503 -57.18 27.81 4.44
N PHE C 504 -56.27 28.73 4.08
CA PHE C 504 -55.98 29.00 2.68
C PHE C 504 -55.48 27.75 1.98
N ARG C 505 -54.55 27.03 2.62
CA ARG C 505 -54.02 25.81 2.03
C ARG C 505 -55.10 24.73 1.91
N GLU C 506 -55.97 24.63 2.92
CA GLU C 506 -57.00 23.59 2.92
C GLU C 506 -58.19 23.93 2.03
N THR C 507 -58.32 25.17 1.58
CA THR C 507 -59.43 25.53 0.69
C THR C 507 -59.03 25.76 -0.75
N ARG C 508 -57.81 26.25 -1.01
CA ARG C 508 -57.42 26.58 -2.38
C ARG C 508 -56.84 25.41 -3.15
N GLN C 509 -56.58 24.28 -2.48
CA GLN C 509 -56.03 23.12 -3.19
C GLN C 509 -57.08 22.41 -4.03
N LYS C 510 -58.37 22.63 -3.74
CA LYS C 510 -59.43 21.95 -4.46
C LYS C 510 -59.43 22.33 -5.94
N ASN C 511 -59.23 23.61 -6.24
CA ASN C 511 -59.22 24.08 -7.62
C ASN C 511 -58.09 25.08 -7.86
N LEU D 7 56.67 -28.80 -7.83
CA LEU D 7 56.94 -30.23 -7.99
C LEU D 7 55.77 -31.06 -7.47
N ASP D 8 55.34 -32.04 -8.27
CA ASP D 8 54.22 -32.90 -7.92
C ASP D 8 54.66 -34.36 -8.01
N ASP D 9 54.19 -35.17 -7.08
CA ASP D 9 54.47 -36.60 -7.07
C ASP D 9 53.28 -37.31 -6.42
N GLU D 10 53.47 -38.58 -6.08
CA GLU D 10 52.41 -39.35 -5.42
C GLU D 10 52.12 -38.90 -4.01
N ASN D 11 52.97 -38.05 -3.42
CA ASN D 11 52.80 -37.56 -2.06
C ASN D 11 52.65 -36.04 -2.03
N THR D 12 51.85 -35.50 -2.96
CA THR D 12 51.64 -34.06 -3.04
C THR D 12 50.18 -33.79 -3.38
N PHE D 13 49.43 -33.32 -2.39
CA PHE D 13 48.02 -33.00 -2.56
C PHE D 13 47.88 -31.68 -3.31
N LYS D 14 47.40 -31.74 -4.55
CA LYS D 14 47.19 -30.55 -5.38
C LYS D 14 45.73 -30.15 -5.21
N ILE D 15 45.48 -29.22 -4.30
CA ILE D 15 44.13 -28.77 -3.98
C ILE D 15 43.94 -27.37 -4.55
N LEU D 16 42.88 -27.18 -5.34
CA LEU D 16 42.56 -25.86 -5.86
C LEU D 16 41.62 -25.16 -4.89
N VAL D 17 42.09 -24.05 -4.33
CA VAL D 17 41.36 -23.37 -3.26
C VAL D 17 40.63 -22.17 -3.88
N ALA D 18 39.30 -22.24 -3.85
CA ALA D 18 38.45 -21.15 -4.30
C ALA D 18 37.46 -20.81 -3.20
N THR D 19 36.98 -19.58 -3.19
CA THR D 19 36.12 -19.12 -2.10
C THR D 19 35.26 -17.97 -2.60
N ASP D 20 33.99 -17.97 -2.21
CA ASP D 20 33.06 -16.88 -2.50
C ASP D 20 32.92 -16.68 -4.02
N ILE D 21 32.55 -17.76 -4.70
CA ILE D 21 32.34 -17.66 -6.14
C ILE D 21 31.12 -16.79 -6.44
N HIS D 22 30.09 -16.88 -5.61
CA HIS D 22 28.90 -16.04 -5.70
C HIS D 22 28.23 -16.15 -7.07
N LEU D 23 27.77 -17.37 -7.37
CA LEU D 23 27.07 -17.61 -8.63
C LEU D 23 25.73 -16.89 -8.63
N GLY D 24 25.31 -16.44 -9.81
CA GLY D 24 24.04 -15.77 -9.95
C GLY D 24 24.03 -14.34 -9.46
N PHE D 25 25.20 -13.73 -9.28
CA PHE D 25 25.27 -12.33 -8.87
C PHE D 25 24.92 -11.45 -10.05
N MET D 26 23.86 -10.65 -9.91
CA MET D 26 23.39 -9.75 -10.96
C MET D 26 23.16 -10.49 -12.27
N GLU D 27 22.53 -11.67 -12.17
CA GLU D 27 22.28 -12.48 -13.34
C GLU D 27 21.30 -11.83 -14.31
N LYS D 28 20.48 -10.90 -13.84
CA LYS D 28 19.52 -10.21 -14.69
C LYS D 28 20.06 -8.92 -15.28
N ASP D 29 21.29 -8.53 -14.94
CA ASP D 29 21.92 -7.37 -15.53
C ASP D 29 22.52 -7.76 -16.87
N ALA D 30 22.31 -6.90 -17.89
CA ALA D 30 22.81 -7.22 -19.22
C ALA D 30 24.34 -7.25 -19.25
N VAL D 31 24.98 -6.28 -18.60
CA VAL D 31 26.44 -6.19 -18.66
C VAL D 31 27.09 -7.32 -17.86
N ARG D 32 26.59 -7.57 -16.65
CA ARG D 32 27.24 -8.47 -15.71
C ARG D 32 26.39 -9.70 -15.39
N GLY D 33 25.60 -10.17 -16.35
CA GLY D 33 24.78 -11.34 -16.13
C GLY D 33 25.60 -12.62 -16.06
N ASN D 34 26.19 -13.01 -17.19
CA ASN D 34 26.99 -14.22 -17.26
C ASN D 34 28.41 -14.02 -16.76
N ASP D 35 28.67 -12.94 -16.03
CA ASP D 35 30.02 -12.65 -15.56
C ASP D 35 30.51 -13.71 -14.60
N THR D 36 29.63 -14.18 -13.70
CA THR D 36 30.07 -15.14 -12.69
C THR D 36 30.20 -16.55 -13.27
N PHE D 37 29.45 -16.92 -14.28
CA PHE D 37 29.62 -18.29 -14.76
C PHE D 37 30.78 -18.34 -15.76
N VAL D 38 31.57 -17.29 -15.89
CA VAL D 38 32.74 -17.27 -16.75
C VAL D 38 33.91 -17.49 -15.82
N THR D 39 33.88 -16.78 -14.69
CA THR D 39 34.89 -16.97 -13.65
C THR D 39 34.80 -18.37 -13.05
N LEU D 40 33.60 -18.90 -12.82
CA LEU D 40 33.50 -20.27 -12.34
C LEU D 40 34.04 -21.25 -13.38
N ASP D 41 33.74 -21.00 -14.65
CA ASP D 41 34.28 -21.85 -15.71
C ASP D 41 35.80 -21.80 -15.74
N GLU D 42 36.38 -20.60 -15.53
CA GLU D 42 37.83 -20.49 -15.49
C GLU D 42 38.40 -21.20 -14.27
N ILE D 43 37.72 -21.14 -13.14
CA ILE D 43 38.18 -21.87 -11.95
C ILE D 43 38.22 -23.37 -12.24
N LEU D 44 37.14 -23.89 -12.83
CA LEU D 44 37.07 -25.32 -13.11
C LEU D 44 38.09 -25.72 -14.18
N ARG D 45 38.30 -24.87 -15.17
CA ARG D 45 39.31 -25.13 -16.19
C ARG D 45 40.71 -25.14 -15.60
N LEU D 46 40.98 -24.22 -14.66
CA LEU D 46 42.25 -24.21 -13.97
C LEU D 46 42.44 -25.49 -13.18
N ALA D 47 41.38 -25.96 -12.51
CA ALA D 47 41.46 -27.22 -11.78
C ALA D 47 41.74 -28.39 -12.71
N GLN D 48 41.07 -28.44 -13.86
CA GLN D 48 41.23 -29.56 -14.77
C GLN D 48 42.60 -29.57 -15.42
N GLU D 49 43.07 -28.40 -15.87
CA GLU D 49 44.35 -28.33 -16.57
C GLU D 49 45.55 -28.43 -15.63
N ASN D 50 45.34 -28.22 -14.34
CA ASN D 50 46.39 -28.43 -13.34
C ASN D 50 46.41 -29.85 -12.81
N GLU D 51 45.47 -30.70 -13.24
CA GLU D 51 45.37 -32.08 -12.76
C GLU D 51 45.30 -32.13 -11.22
N VAL D 52 44.49 -31.23 -10.65
CA VAL D 52 44.38 -31.16 -9.20
C VAL D 52 43.67 -32.40 -8.67
N ASP D 53 43.96 -32.74 -7.41
CA ASP D 53 43.30 -33.86 -6.77
C ASP D 53 41.82 -33.55 -6.52
N PHE D 54 41.53 -32.39 -5.95
CA PHE D 54 40.16 -31.98 -5.70
C PHE D 54 40.12 -30.47 -5.52
N ILE D 55 38.92 -29.92 -5.61
CA ILE D 55 38.67 -28.49 -5.46
C ILE D 55 38.06 -28.24 -4.09
N LEU D 56 38.69 -27.36 -3.32
CA LEU D 56 38.20 -27.00 -2.00
C LEU D 56 37.57 -25.62 -2.06
N LEU D 57 36.33 -25.51 -1.62
CA LEU D 57 35.57 -24.27 -1.68
C LEU D 57 35.33 -23.76 -0.27
N GLY D 58 35.47 -22.44 -0.09
CA GLY D 58 35.31 -21.83 1.20
C GLY D 58 33.92 -21.29 1.45
N GLY D 59 32.94 -21.76 0.67
CA GLY D 59 31.57 -21.33 0.86
C GLY D 59 31.18 -20.20 -0.06
N ASP D 60 29.93 -19.78 0.10
CA ASP D 60 29.33 -18.71 -0.72
C ASP D 60 29.41 -19.03 -2.20
N LEU D 61 29.22 -20.31 -2.54
CA LEU D 61 29.23 -20.70 -3.95
C LEU D 61 28.07 -20.07 -4.70
N PHE D 62 26.94 -19.85 -4.03
CA PHE D 62 25.76 -19.24 -4.64
C PHE D 62 25.47 -17.92 -3.96
N HIS D 63 25.26 -16.87 -4.75
CA HIS D 63 24.95 -15.57 -4.18
C HIS D 63 23.56 -15.57 -3.55
N GLU D 64 22.57 -16.10 -4.25
CA GLU D 64 21.21 -16.16 -3.73
C GLU D 64 21.04 -17.40 -2.86
N ASN D 65 20.26 -17.25 -1.78
CA ASN D 65 20.00 -18.40 -0.92
C ASN D 65 19.27 -19.50 -1.67
N LYS D 66 18.24 -19.13 -2.44
CA LYS D 66 17.54 -20.06 -3.33
C LYS D 66 17.96 -19.71 -4.76
N PRO D 67 18.97 -20.38 -5.30
CA PRO D 67 19.44 -20.03 -6.65
C PRO D 67 18.35 -20.23 -7.69
N SER D 68 18.31 -19.33 -8.66
CA SER D 68 17.33 -19.42 -9.74
C SER D 68 17.65 -20.63 -10.63
N ARG D 69 16.76 -20.87 -11.59
CA ARG D 69 16.95 -22.00 -12.49
C ARG D 69 18.18 -21.83 -13.36
N LYS D 70 18.45 -20.60 -13.82
CA LYS D 70 19.56 -20.38 -14.74
C LYS D 70 20.90 -20.61 -14.05
N THR D 71 21.11 -20.02 -12.88
CA THR D 71 22.38 -20.16 -12.19
C THR D 71 22.63 -21.60 -11.76
N LEU D 72 21.61 -22.26 -11.22
CA LEU D 72 21.75 -23.66 -10.82
C LEU D 72 22.02 -24.55 -12.03
N HIS D 73 21.33 -24.29 -13.14
CA HIS D 73 21.53 -25.09 -14.34
C HIS D 73 22.93 -24.90 -14.91
N THR D 74 23.43 -23.66 -14.91
CA THR D 74 24.79 -23.43 -15.41
C THR D 74 25.83 -24.04 -14.49
N CYS D 75 25.62 -23.98 -13.18
CA CYS D 75 26.53 -24.64 -12.25
C CYS D 75 26.54 -26.14 -12.48
N LEU D 76 25.37 -26.75 -12.67
CA LEU D 76 25.30 -28.17 -12.95
C LEU D 76 25.99 -28.50 -14.26
N GLU D 77 25.81 -27.66 -15.28
CA GLU D 77 26.45 -27.88 -16.57
C GLU D 77 27.97 -27.87 -16.43
N LEU D 78 28.51 -26.85 -15.76
CA LEU D 78 29.96 -26.74 -15.62
C LEU D 78 30.52 -27.88 -14.77
N LEU D 79 29.82 -28.23 -13.68
CA LEU D 79 30.29 -29.33 -12.83
C LEU D 79 30.26 -30.66 -13.58
N ARG D 80 29.21 -30.91 -14.37
CA ARG D 80 29.17 -32.14 -15.16
C ARG D 80 30.25 -32.15 -16.23
N LYS D 81 30.52 -30.99 -16.84
CA LYS D 81 31.52 -30.93 -17.91
C LYS D 81 32.93 -31.15 -17.38
N TYR D 82 33.25 -30.57 -16.23
CA TYR D 82 34.62 -30.55 -15.73
C TYR D 82 34.86 -31.52 -14.59
N CYS D 83 34.04 -31.48 -13.54
CA CYS D 83 34.19 -32.35 -12.38
C CYS D 83 33.98 -33.83 -12.70
N MET D 84 33.24 -34.15 -13.77
CA MET D 84 32.96 -35.53 -14.14
C MET D 84 33.90 -35.96 -15.26
N GLY D 85 34.43 -37.18 -15.13
CA GLY D 85 35.32 -37.70 -16.14
C GLY D 85 35.72 -39.13 -15.80
N ASP D 86 36.46 -39.73 -16.72
CA ASP D 86 36.94 -41.10 -16.56
C ASP D 86 38.25 -41.18 -15.81
N ARG D 87 38.85 -40.05 -15.45
CA ARG D 87 40.10 -40.07 -14.72
C ARG D 87 39.88 -40.59 -13.31
N PRO D 88 40.63 -41.60 -12.87
CA PRO D 88 40.44 -42.13 -11.52
C PRO D 88 40.91 -41.15 -10.47
N VAL D 89 40.31 -41.24 -9.29
CA VAL D 89 40.76 -40.44 -8.15
C VAL D 89 41.97 -41.11 -7.52
N GLN D 90 42.82 -40.30 -6.88
CA GLN D 90 44.09 -40.78 -6.38
C GLN D 90 44.21 -40.75 -4.86
N PHE D 91 43.15 -40.36 -4.16
CA PHE D 91 43.17 -40.34 -2.70
C PHE D 91 41.93 -41.05 -2.18
N GLU D 92 42.03 -41.53 -0.94
CA GLU D 92 40.97 -42.29 -0.30
C GLU D 92 40.58 -41.64 1.01
N ILE D 93 39.31 -41.81 1.39
CA ILE D 93 38.76 -41.24 2.61
C ILE D 93 38.83 -42.33 3.68
N LEU D 94 39.80 -42.23 4.58
CA LEU D 94 39.92 -43.18 5.68
C LEU D 94 39.17 -42.68 6.93
N SER D 95 37.92 -42.31 6.73
CA SER D 95 37.05 -41.84 7.80
C SER D 95 35.63 -42.27 7.50
N ASP D 96 34.84 -42.44 8.56
CA ASP D 96 33.43 -42.81 8.38
C ASP D 96 32.68 -41.64 7.76
N GLN D 97 32.11 -41.88 6.59
CA GLN D 97 31.47 -40.80 5.84
C GLN D 97 30.06 -40.51 6.30
N SER D 98 29.55 -41.27 7.28
CA SER D 98 28.19 -41.06 7.78
C SER D 98 28.07 -39.88 8.74
N VAL D 99 29.18 -39.29 9.15
CA VAL D 99 29.17 -38.18 10.10
C VAL D 99 29.51 -36.85 9.44
N ASN D 100 30.63 -36.80 8.70
CA ASN D 100 31.01 -35.55 8.05
C ASN D 100 30.11 -35.26 6.85
N PHE D 101 29.84 -36.28 6.02
CA PHE D 101 28.87 -36.15 4.95
C PHE D 101 27.49 -36.64 5.38
N GLY D 102 27.02 -36.12 6.51
CA GLY D 102 25.73 -36.46 7.04
C GLY D 102 24.62 -35.60 6.46
N PHE D 103 23.46 -35.64 7.11
CA PHE D 103 22.27 -34.90 6.70
C PHE D 103 21.85 -35.25 5.29
N SER D 104 22.26 -36.41 4.79
CA SER D 104 21.92 -36.86 3.44
C SER D 104 21.64 -38.35 3.47
N LYS D 105 20.81 -38.80 2.54
CA LYS D 105 20.46 -40.21 2.45
C LYS D 105 21.52 -41.03 1.72
N PHE D 106 22.56 -40.39 1.19
CA PHE D 106 23.68 -41.06 0.54
C PHE D 106 24.96 -40.54 1.19
N PRO D 107 25.29 -41.02 2.38
CA PRO D 107 26.44 -40.45 3.10
C PRO D 107 27.78 -40.67 2.41
N TRP D 108 27.90 -41.64 1.51
CA TRP D 108 29.17 -41.90 0.86
C TRP D 108 29.57 -40.72 -0.03
N VAL D 109 30.88 -40.57 -0.23
CA VAL D 109 31.38 -39.50 -1.08
C VAL D 109 30.91 -39.72 -2.52
N ASN D 110 30.91 -38.63 -3.29
CA ASN D 110 30.33 -38.67 -4.64
C ASN D 110 31.08 -39.64 -5.55
N TYR D 111 32.41 -39.71 -5.42
CA TYR D 111 33.15 -40.61 -6.29
C TYR D 111 33.16 -42.05 -5.80
N GLN D 112 32.73 -42.31 -4.57
CA GLN D 112 32.60 -43.67 -4.09
C GLN D 112 31.30 -44.33 -4.52
N ASP D 113 30.37 -43.57 -5.09
CA ASP D 113 29.16 -44.16 -5.63
C ASP D 113 29.49 -44.99 -6.87
N GLY D 114 28.90 -46.18 -6.96
CA GLY D 114 29.15 -47.04 -8.10
C GLY D 114 28.53 -46.55 -9.39
N ASN D 115 27.56 -45.65 -9.30
CA ASN D 115 26.87 -45.11 -10.47
C ASN D 115 27.40 -43.74 -10.88
N LEU D 116 28.52 -43.30 -10.31
CA LEU D 116 29.07 -41.98 -10.58
C LEU D 116 30.52 -42.11 -11.00
N ASN D 117 30.91 -41.33 -12.00
CA ASN D 117 32.28 -41.30 -12.52
C ASN D 117 32.82 -39.88 -12.31
N ILE D 118 33.39 -39.65 -11.14
CA ILE D 118 33.86 -38.31 -10.74
C ILE D 118 35.37 -38.27 -10.93
N SER D 119 35.85 -37.25 -11.66
CA SER D 119 37.28 -37.12 -11.92
C SER D 119 37.97 -36.21 -10.91
N ILE D 120 37.41 -35.04 -10.65
CA ILE D 120 37.96 -34.12 -9.64
C ILE D 120 36.87 -33.78 -8.63
N PRO D 121 36.88 -34.40 -7.45
CA PRO D 121 35.85 -34.10 -6.45
C PRO D 121 35.96 -32.68 -5.96
N VAL D 122 34.86 -32.18 -5.42
CA VAL D 122 34.80 -30.83 -4.86
C VAL D 122 34.31 -30.94 -3.43
N PHE D 123 35.12 -30.46 -2.49
CA PHE D 123 34.77 -30.42 -1.09
C PHE D 123 34.45 -28.96 -0.73
N SER D 124 33.18 -28.70 -0.45
CA SER D 124 32.71 -27.33 -0.25
C SER D 124 31.93 -27.22 1.03
N ILE D 125 32.10 -26.09 1.71
CA ILE D 125 31.29 -25.74 2.86
C ILE D 125 30.21 -24.76 2.40
N HIS D 126 29.23 -24.52 3.26
CA HIS D 126 28.13 -23.61 2.94
C HIS D 126 28.42 -22.23 3.51
N GLY D 127 28.24 -21.20 2.69
CA GLY D 127 28.43 -19.83 3.13
C GLY D 127 27.18 -19.25 3.76
N ASN D 128 27.28 -17.97 4.11
CA ASN D 128 26.15 -17.27 4.69
C ASN D 128 25.09 -16.93 3.65
N HIS D 129 25.49 -16.73 2.40
CA HIS D 129 24.52 -16.43 1.35
C HIS D 129 23.64 -17.64 1.04
N ASP D 130 24.22 -18.83 1.04
CA ASP D 130 23.50 -20.07 0.77
C ASP D 130 23.43 -20.97 2.00
N ASP D 131 23.23 -20.37 3.16
CA ASP D 131 23.13 -21.14 4.39
C ASP D 131 21.85 -21.99 4.38
N PRO D 132 21.87 -23.14 5.07
CA PRO D 132 20.70 -24.01 5.04
C PRO D 132 19.51 -23.39 5.77
N THR D 133 18.39 -23.27 5.06
CA THR D 133 17.14 -22.83 5.64
C THR D 133 16.04 -23.80 5.21
N GLY D 134 15.01 -23.90 6.04
CA GLY D 134 13.91 -24.81 5.80
C GLY D 134 13.78 -25.85 6.91
N ALA D 135 12.64 -26.54 6.89
CA ALA D 135 12.37 -27.52 7.92
C ALA D 135 13.39 -28.65 7.92
N ASP D 136 13.79 -29.09 6.73
CA ASP D 136 14.80 -30.13 6.60
C ASP D 136 16.22 -29.59 6.60
N ALA D 137 16.39 -28.26 6.66
CA ALA D 137 17.69 -27.61 6.71
C ALA D 137 18.55 -28.00 5.51
N LEU D 138 18.07 -27.64 4.33
CA LEU D 138 18.77 -27.89 3.08
C LEU D 138 19.29 -26.58 2.50
N CYS D 139 20.37 -26.69 1.73
CA CYS D 139 20.97 -25.57 1.03
C CYS D 139 21.23 -25.99 -0.41
N ALA D 140 21.64 -25.03 -1.24
CA ALA D 140 21.96 -25.36 -2.63
C ALA D 140 23.11 -26.35 -2.71
N LEU D 141 24.02 -26.31 -1.73
CA LEU D 141 25.06 -27.31 -1.65
C LEU D 141 24.48 -28.71 -1.50
N ASP D 142 23.35 -28.82 -0.80
CA ASP D 142 22.69 -30.12 -0.68
C ASP D 142 22.14 -30.59 -2.02
N ILE D 143 21.61 -29.68 -2.84
CA ILE D 143 21.18 -30.07 -4.18
C ILE D 143 22.37 -30.54 -5.01
N LEU D 144 23.48 -29.81 -4.95
CA LEU D 144 24.67 -30.23 -5.69
C LEU D 144 25.20 -31.57 -5.20
N SER D 145 25.09 -31.84 -3.90
CA SER D 145 25.55 -33.12 -3.38
C SER D 145 24.62 -34.25 -3.79
N CYS D 146 23.31 -34.02 -3.77
CA CYS D 146 22.36 -35.05 -4.18
C CYS D 146 22.50 -35.37 -5.66
N ALA D 147 22.72 -34.34 -6.50
CA ALA D 147 22.98 -34.60 -7.90
C ALA D 147 24.27 -35.38 -8.11
N GLY D 148 25.19 -35.34 -7.14
CA GLY D 148 26.40 -36.12 -7.20
C GLY D 148 27.58 -35.39 -7.80
N PHE D 149 27.72 -34.11 -7.48
CA PHE D 149 28.80 -33.30 -8.03
C PHE D 149 29.73 -32.74 -6.96
N VAL D 150 29.19 -32.24 -5.85
CA VAL D 150 29.97 -31.56 -4.84
C VAL D 150 29.70 -32.21 -3.49
N ASN D 151 30.76 -32.53 -2.75
CA ASN D 151 30.64 -33.12 -1.43
C ASN D 151 30.51 -32.01 -0.40
N HIS D 152 29.30 -31.72 0.02
CA HIS D 152 29.07 -30.70 1.04
C HIS D 152 29.45 -31.27 2.40
N PHE D 153 30.48 -30.69 3.02
CA PHE D 153 30.97 -31.13 4.31
C PHE D 153 31.00 -29.95 5.27
N GLY D 154 31.26 -30.25 6.53
CA GLY D 154 31.43 -29.22 7.54
C GLY D 154 30.20 -28.38 7.81
N ARG D 155 29.06 -29.01 7.97
CA ARG D 155 27.83 -28.31 8.33
C ARG D 155 27.49 -28.57 9.79
N SER D 156 27.10 -27.50 10.49
CA SER D 156 26.80 -27.60 11.91
C SER D 156 25.60 -28.48 12.17
N MET D 157 25.65 -29.21 13.29
CA MET D 157 24.60 -30.17 13.63
C MET D 157 23.50 -29.52 14.46
N SER D 158 23.84 -28.98 15.63
CA SER D 158 22.85 -28.43 16.53
C SER D 158 23.33 -27.09 17.07
N VAL D 159 22.36 -26.27 17.48
CA VAL D 159 22.67 -24.94 18.02
C VAL D 159 23.24 -24.98 19.43
N GLU D 160 23.13 -26.12 20.12
CA GLU D 160 23.69 -26.23 21.46
C GLU D 160 25.21 -26.16 21.44
N LYS D 161 25.83 -27.03 20.62
CA LYS D 161 27.30 -27.05 20.49
C LYS D 161 27.70 -27.62 19.15
N ILE D 162 28.81 -27.19 18.57
CA ILE D 162 29.30 -27.63 17.27
C ILE D 162 30.54 -28.49 17.48
N ASP D 163 30.58 -29.66 16.88
CA ASP D 163 31.76 -30.56 16.96
C ASP D 163 32.24 -30.84 15.56
N ILE D 164 33.28 -30.17 15.12
CA ILE D 164 33.79 -30.25 13.75
C ILE D 164 34.43 -31.61 13.52
N SER D 165 33.69 -32.51 12.90
CA SER D 165 34.24 -33.82 12.56
C SER D 165 35.18 -33.67 11.37
N PRO D 166 36.39 -34.22 11.44
CA PRO D 166 37.34 -34.04 10.34
C PRO D 166 36.99 -34.92 9.15
N VAL D 167 37.58 -34.56 8.01
CA VAL D 167 37.48 -35.34 6.79
C VAL D 167 38.89 -35.86 6.50
N LEU D 168 39.16 -37.10 6.88
CA LEU D 168 40.50 -37.67 6.76
C LEU D 168 40.68 -38.26 5.36
N LEU D 169 41.52 -37.63 4.56
CA LEU D 169 41.90 -38.15 3.26
C LEU D 169 43.41 -38.11 3.13
N GLN D 170 43.96 -39.06 2.36
CA GLN D 170 45.40 -39.12 2.19
C GLN D 170 45.72 -39.63 0.78
N LYS D 171 46.90 -39.24 0.29
CA LYS D 171 47.41 -39.72 -0.99
C LYS D 171 48.84 -40.19 -0.75
N GLY D 172 49.00 -41.49 -0.51
CA GLY D 172 50.31 -42.04 -0.21
C GLY D 172 50.77 -41.73 1.20
N SER D 173 51.87 -41.01 1.32
CA SER D 173 52.44 -40.68 2.62
C SER D 173 51.94 -39.34 3.16
N THR D 174 51.09 -38.64 2.43
CA THR D 174 50.61 -37.32 2.81
C THR D 174 49.20 -37.45 3.39
N LYS D 175 49.08 -37.21 4.69
CA LYS D 175 47.81 -37.27 5.40
C LYS D 175 47.34 -35.85 5.72
N ILE D 176 46.11 -35.53 5.33
CA ILE D 176 45.54 -34.21 5.58
C ILE D 176 44.15 -34.39 6.17
N ALA D 177 43.90 -33.74 7.30
CA ALA D 177 42.60 -33.75 7.94
C ALA D 177 41.86 -32.46 7.59
N LEU D 178 40.73 -32.60 6.91
CA LEU D 178 40.01 -31.46 6.34
C LEU D 178 38.87 -31.07 7.29
N TYR D 179 39.20 -30.23 8.27
CA TYR D 179 38.18 -29.65 9.13
C TYR D 179 37.37 -28.61 8.36
N GLY D 180 36.08 -28.52 8.65
CA GLY D 180 35.23 -27.58 7.97
C GLY D 180 34.10 -27.06 8.84
N LEU D 181 33.82 -25.76 8.72
CA LEU D 181 32.77 -25.12 9.49
C LEU D 181 31.93 -24.25 8.58
N GLY D 182 30.61 -24.38 8.66
CA GLY D 182 29.71 -23.57 7.89
C GLY D 182 29.64 -22.15 8.43
N SER D 183 28.90 -21.31 7.70
CA SER D 183 28.75 -19.91 8.08
C SER D 183 27.57 -19.79 9.05
N ILE D 184 27.84 -20.19 10.30
CA ILE D 184 26.90 -19.99 11.40
C ILE D 184 26.88 -18.50 11.69
N PRO D 185 25.73 -17.93 12.12
CA PRO D 185 25.72 -16.50 12.47
C PRO D 185 26.82 -16.16 13.46
N ASP D 186 27.48 -15.05 13.17
CA ASP D 186 28.73 -14.71 13.89
C ASP D 186 28.46 -14.37 15.34
N GLU D 187 27.21 -14.17 15.68
CA GLU D 187 27.06 -13.92 17.13
C GLU D 187 27.20 -15.29 17.80
N ARG D 188 26.46 -16.28 17.31
CA ARG D 188 26.49 -17.60 17.94
C ARG D 188 27.95 -18.05 17.99
N LEU D 189 28.73 -17.77 16.99
CA LEU D 189 30.11 -18.33 17.05
C LEU D 189 30.91 -17.59 18.11
N TYR D 190 30.63 -16.33 18.39
CA TYR D 190 31.42 -15.72 19.49
C TYR D 190 30.98 -16.35 20.81
N ARG D 191 29.68 -16.39 21.07
CA ARG D 191 29.20 -17.10 22.27
C ARG D 191 29.81 -18.49 22.31
N MET D 192 29.70 -19.23 21.22
CA MET D 192 30.15 -20.64 21.27
C MET D 192 31.67 -20.74 21.37
N PHE D 193 32.40 -19.66 21.27
CA PHE D 193 33.84 -19.72 21.50
C PHE D 193 34.20 -19.30 22.93
N VAL D 194 33.59 -18.22 23.43
CA VAL D 194 33.87 -17.81 24.80
C VAL D 194 33.34 -18.82 25.79
N ASN D 195 32.24 -19.49 25.48
CA ASN D 195 31.69 -20.54 26.31
C ASN D 195 32.43 -21.86 26.14
N LYS D 196 33.39 -21.93 25.22
CA LYS D 196 34.16 -23.14 24.94
C LYS D 196 33.27 -24.30 24.52
N LYS D 197 32.11 -23.99 23.96
CA LYS D 197 31.19 -24.99 23.42
C LYS D 197 31.52 -25.34 21.98
N VAL D 198 32.80 -25.67 21.75
CA VAL D 198 33.29 -26.00 20.41
C VAL D 198 34.43 -26.99 20.57
N THR D 199 34.47 -27.99 19.69
CA THR D 199 35.54 -28.97 19.70
C THR D 199 35.71 -29.52 18.29
N MET D 200 37.07 -29.72 18.01
CA MET D 200 37.49 -30.31 16.73
C MET D 200 37.98 -31.74 16.98
N LEU D 201 37.11 -32.78 16.64
CA LEU D 201 37.52 -34.15 16.95
C LEU D 201 38.78 -34.51 16.18
N ARG D 202 39.85 -34.79 16.92
CA ARG D 202 41.09 -35.20 16.30
C ARG D 202 40.97 -36.63 15.76
N PRO D 203 41.84 -37.01 14.83
CA PRO D 203 41.80 -38.39 14.33
C PRO D 203 42.03 -39.39 15.44
N LYS D 204 41.37 -40.55 15.30
CA LYS D 204 41.37 -41.56 16.36
C LYS D 204 42.76 -42.11 16.66
N GLU D 205 43.69 -42.03 15.70
CA GLU D 205 45.03 -42.55 15.92
C GLU D 205 46.02 -41.75 15.08
N ASP D 206 47.27 -41.74 15.54
CA ASP D 206 48.38 -41.11 14.83
C ASP D 206 48.07 -39.66 14.50
N GLU D 207 47.79 -38.88 15.54
CA GLU D 207 47.42 -37.48 15.40
C GLU D 207 48.63 -36.58 15.16
N ASN D 208 49.80 -37.15 14.89
CA ASN D 208 50.99 -36.35 14.62
C ASN D 208 51.12 -36.03 13.13
N SER D 209 50.82 -36.98 12.25
CA SER D 209 50.95 -36.78 10.81
C SER D 209 49.58 -36.44 10.24
N TRP D 210 49.18 -35.19 10.43
CA TRP D 210 47.94 -34.67 9.87
C TRP D 210 48.12 -33.18 9.63
N PHE D 211 47.86 -32.73 8.41
CA PHE D 211 48.05 -31.32 8.09
C PHE D 211 47.03 -30.43 8.79
N ASN D 212 45.86 -30.96 9.13
CA ASN D 212 44.84 -30.23 9.89
C ASN D 212 44.43 -28.94 9.17
N LEU D 213 44.02 -29.10 7.91
CA LEU D 213 43.54 -27.98 7.11
C LEU D 213 42.11 -27.65 7.51
N PHE D 214 41.89 -26.44 7.99
CA PHE D 214 40.61 -26.00 8.52
C PHE D 214 40.02 -24.94 7.61
N VAL D 215 38.79 -25.16 7.15
CA VAL D 215 38.10 -24.25 6.26
C VAL D 215 36.95 -23.60 7.02
N ILE D 216 36.95 -22.27 7.05
CA ILE D 216 35.94 -21.51 7.78
C ILE D 216 35.46 -20.37 6.90
N HIS D 217 34.17 -20.04 7.03
CA HIS D 217 33.56 -18.95 6.26
C HIS D 217 32.87 -18.03 7.26
N GLN D 218 33.63 -17.09 7.83
CA GLN D 218 33.11 -16.16 8.83
C GLN D 218 33.76 -14.80 8.60
N ASN D 219 33.32 -13.81 9.37
CA ASN D 219 33.93 -12.49 9.31
C ASN D 219 35.35 -12.53 9.89
N ARG D 220 36.06 -11.43 9.74
CA ARG D 220 37.43 -11.32 10.22
C ARG D 220 37.60 -9.95 10.87
N SER D 221 38.85 -9.57 11.09
CA SER D 221 39.17 -8.33 11.79
C SER D 221 38.50 -7.14 11.12
N LYS D 222 37.60 -6.50 11.86
CA LYS D 222 36.86 -5.35 11.36
C LYS D 222 36.33 -4.56 12.55
N HIS D 223 35.67 -3.44 12.26
CA HIS D 223 35.10 -2.60 13.31
C HIS D 223 33.95 -3.28 14.05
N GLY D 224 33.41 -4.36 13.51
CA GLY D 224 32.38 -5.12 14.18
C GLY D 224 32.97 -6.09 15.19
N SER D 225 33.41 -5.57 16.33
CA SER D 225 34.08 -6.40 17.33
C SER D 225 33.15 -7.48 17.88
N THR D 226 31.86 -7.18 18.00
CA THR D 226 30.93 -8.18 18.52
C THR D 226 30.61 -9.26 17.50
N ASN D 227 30.71 -8.94 16.21
CA ASN D 227 30.27 -9.81 15.14
C ASN D 227 31.43 -10.32 14.28
N PHE D 228 32.54 -10.70 14.91
CA PHE D 228 33.67 -11.25 14.18
C PHE D 228 34.44 -12.20 15.08
N ILE D 229 35.17 -13.12 14.44
CA ILE D 229 36.02 -14.07 15.16
C ILE D 229 37.45 -13.56 15.07
N PRO D 230 38.07 -13.19 16.19
CA PRO D 230 39.43 -12.64 16.13
C PRO D 230 40.46 -13.72 15.82
N GLU D 231 41.65 -13.25 15.46
CA GLU D 231 42.77 -14.16 15.21
C GLU D 231 43.17 -14.85 16.50
N GLN D 232 43.81 -16.01 16.36
CA GLN D 232 43.93 -16.99 17.46
C GLN D 232 42.49 -17.27 17.90
N PHE D 233 42.24 -17.46 19.19
CA PHE D 233 40.88 -17.58 19.71
C PHE D 233 40.18 -18.73 18.99
N LEU D 234 40.99 -19.73 18.61
CA LEU D 234 40.62 -20.80 17.70
C LEU D 234 41.37 -22.06 18.11
N ASP D 235 41.46 -23.01 17.19
CA ASP D 235 42.22 -24.23 17.41
C ASP D 235 43.71 -23.92 17.20
N ASP D 236 44.55 -24.36 18.13
CA ASP D 236 45.97 -24.03 18.10
C ASP D 236 46.80 -24.95 17.22
N PHE D 237 46.35 -26.18 16.95
CA PHE D 237 47.17 -27.12 16.19
C PHE D 237 46.84 -27.12 14.70
N ILE D 238 46.03 -26.17 14.23
CA ILE D 238 45.83 -26.03 12.80
C ILE D 238 47.15 -25.66 12.14
N ASP D 239 47.27 -26.01 10.85
CA ASP D 239 48.41 -25.57 10.05
C ASP D 239 48.01 -24.65 8.90
N LEU D 240 46.72 -24.58 8.54
CA LEU D 240 46.20 -23.60 7.53
C LEU D 240 44.71 -23.36 7.73
N VAL D 241 44.27 -22.15 8.05
CA VAL D 241 42.81 -21.87 8.15
C VAL D 241 42.33 -21.09 6.94
N ILE D 242 41.93 -21.72 5.83
CA ILE D 242 41.35 -20.99 4.67
C ILE D 242 40.23 -20.12 5.23
N TRP D 243 40.06 -18.87 4.81
CA TRP D 243 39.00 -18.08 5.49
C TRP D 243 38.22 -17.31 4.46
N GLY D 244 36.97 -17.64 4.27
CA GLY D 244 36.20 -16.98 3.22
C GLY D 244 35.40 -15.84 3.82
N HIS D 245 34.38 -15.38 3.12
CA HIS D 245 33.58 -14.22 3.54
C HIS D 245 34.46 -13.02 3.62
N GLU D 246 35.54 -13.05 2.91
CA GLU D 246 36.35 -11.82 2.90
C GLU D 246 36.68 -11.61 1.45
N HIS D 247 35.92 -10.76 0.78
CA HIS D 247 36.11 -10.62 -0.66
C HIS D 247 37.44 -9.98 -1.03
N GLU D 248 38.13 -9.34 -0.09
CA GLU D 248 39.49 -8.86 -0.36
C GLU D 248 40.43 -10.05 -0.44
N CYS D 249 41.27 -10.06 -1.46
CA CYS D 249 42.13 -11.21 -1.73
C CYS D 249 43.43 -11.07 -0.94
N LYS D 250 43.56 -11.88 0.10
CA LYS D 250 44.82 -12.03 0.83
C LYS D 250 45.28 -13.48 0.74
N ILE D 251 45.24 -14.04 -0.46
CA ILE D 251 45.45 -15.47 -0.66
C ILE D 251 46.82 -15.93 -0.23
N ALA D 252 47.78 -15.03 -0.10
CA ALA D 252 49.11 -15.40 0.35
C ALA D 252 49.03 -15.82 1.82
N PRO D 253 49.43 -17.05 2.17
CA PRO D 253 49.35 -17.49 3.56
C PRO D 253 50.44 -16.85 4.40
N THR D 254 50.04 -15.95 5.30
CA THR D 254 50.96 -15.19 6.13
C THR D 254 50.72 -15.49 7.59
N LYS D 255 51.76 -15.89 8.30
CA LYS D 255 51.67 -16.09 9.74
C LYS D 255 51.65 -14.75 10.47
N ASN D 256 51.05 -14.76 11.65
CA ASN D 256 50.95 -13.57 12.49
C ASN D 256 52.07 -13.59 13.52
N GLU D 257 52.01 -12.65 14.47
CA GLU D 257 53.11 -12.49 15.41
C GLU D 257 53.32 -13.75 16.25
N GLN D 258 52.23 -14.30 16.82
CA GLN D 258 52.30 -15.57 17.55
C GLN D 258 50.96 -16.28 17.35
N GLN D 259 50.89 -17.12 16.32
CA GLN D 259 49.74 -18.01 16.16
C GLN D 259 50.11 -19.43 15.72
N LEU D 260 51.26 -19.64 15.10
CA LEU D 260 51.75 -20.94 14.66
C LEU D 260 50.86 -21.63 13.64
N PHE D 261 49.89 -20.92 13.06
CA PHE D 261 49.10 -21.48 11.97
C PHE D 261 48.89 -20.42 10.90
N TYR D 262 49.11 -20.81 9.64
CA TYR D 262 48.93 -19.90 8.53
C TYR D 262 47.46 -19.62 8.29
N ILE D 263 47.14 -18.38 7.92
CA ILE D 263 45.78 -17.97 7.60
C ILE D 263 45.76 -17.53 6.14
N SER D 264 44.88 -18.14 5.36
CA SER D 264 44.71 -17.83 3.95
C SER D 264 43.35 -17.19 3.72
N GLN D 265 43.32 -16.18 2.85
CA GLN D 265 42.10 -15.46 2.52
C GLN D 265 41.98 -15.42 1.00
N PRO D 266 41.46 -16.48 0.39
CA PRO D 266 41.41 -16.52 -1.09
C PRO D 266 40.65 -15.37 -1.70
N GLY D 267 39.62 -14.86 -1.03
CA GLY D 267 38.83 -13.79 -1.57
C GLY D 267 37.86 -14.29 -2.63
N SER D 268 36.91 -13.43 -2.97
CA SER D 268 35.88 -13.81 -3.92
C SER D 268 36.43 -13.86 -5.33
N SER D 269 35.62 -14.39 -6.24
CA SER D 269 35.93 -14.40 -7.66
C SER D 269 35.07 -13.42 -8.44
N VAL D 270 34.36 -12.53 -7.74
CA VAL D 270 33.51 -11.53 -8.37
C VAL D 270 33.34 -10.37 -7.40
N VAL D 271 33.35 -9.14 -7.92
CA VAL D 271 33.21 -7.96 -7.09
C VAL D 271 31.74 -7.76 -6.75
N THR D 272 31.32 -8.27 -5.59
CA THR D 272 29.91 -8.19 -5.20
C THR D 272 29.56 -6.82 -4.62
N SER D 273 30.41 -6.29 -3.75
CA SER D 273 30.22 -4.96 -3.20
C SER D 273 31.31 -4.02 -3.71
N LEU D 274 31.01 -2.73 -3.67
CA LEU D 274 31.88 -1.70 -4.22
C LEU D 274 32.75 -1.07 -3.14
N SER D 275 33.16 -1.87 -2.16
CA SER D 275 34.06 -1.41 -1.12
C SER D 275 35.49 -1.35 -1.64
N PRO D 276 36.33 -0.49 -1.05
CA PRO D 276 37.73 -0.39 -1.53
C PRO D 276 38.53 -1.66 -1.33
N GLY D 277 38.08 -2.56 -0.44
CA GLY D 277 38.83 -3.79 -0.22
C GLY D 277 38.88 -4.68 -1.44
N GLU D 278 37.81 -4.70 -2.23
CA GLU D 278 37.72 -5.57 -3.39
C GLU D 278 38.43 -5.00 -4.62
N ALA D 279 39.02 -3.82 -4.52
CA ALA D 279 39.77 -3.28 -5.64
C ALA D 279 41.00 -4.09 -5.98
N VAL D 280 41.47 -4.93 -5.06
CA VAL D 280 42.66 -5.74 -5.33
C VAL D 280 42.33 -6.84 -6.33
N LYS D 281 43.36 -7.36 -6.97
CA LYS D 281 43.19 -8.42 -7.96
C LYS D 281 42.76 -9.72 -7.28
N LYS D 282 41.89 -10.46 -7.96
CA LYS D 282 41.42 -11.74 -7.46
C LYS D 282 42.32 -12.87 -7.94
N HIS D 283 42.54 -13.86 -7.09
CA HIS D 283 43.45 -14.96 -7.39
C HIS D 283 42.81 -16.28 -6.97
N VAL D 284 43.50 -17.37 -7.28
CA VAL D 284 43.05 -18.73 -6.98
C VAL D 284 44.17 -19.43 -6.20
N GLY D 285 43.77 -20.40 -5.38
CA GLY D 285 44.68 -21.00 -4.43
C GLY D 285 45.80 -21.86 -5.01
N LEU D 286 45.45 -23.01 -5.57
CA LEU D 286 46.42 -24.03 -5.98
C LEU D 286 47.34 -24.36 -4.81
N LEU D 287 46.74 -24.85 -3.74
CA LEU D 287 47.50 -25.34 -2.59
C LEU D 287 48.27 -26.59 -2.96
N ARG D 288 49.45 -26.76 -2.38
CA ARG D 288 50.22 -28.01 -2.58
C ARG D 288 50.71 -28.41 -1.20
N ILE D 289 50.41 -29.61 -0.80
CA ILE D 289 50.75 -30.14 0.52
C ILE D 289 51.52 -31.43 0.33
N LYS D 290 52.69 -31.53 0.97
CA LYS D 290 53.53 -32.73 0.90
C LYS D 290 53.85 -33.15 2.34
N GLY D 291 52.98 -33.98 2.90
CA GLY D 291 53.15 -34.47 4.25
C GLY D 291 52.74 -33.45 5.30
N ARG D 292 53.57 -32.44 5.50
CA ARG D 292 53.25 -31.33 6.38
C ARG D 292 53.70 -29.98 5.83
N LYS D 293 54.26 -29.95 4.62
CA LYS D 293 54.72 -28.71 4.02
C LYS D 293 53.61 -28.06 3.23
N MET D 294 53.51 -26.74 3.31
CA MET D 294 52.49 -25.97 2.62
C MET D 294 53.12 -25.05 1.60
N ASN D 295 52.55 -25.01 0.40
CA ASN D 295 53.04 -24.13 -0.66
C ASN D 295 51.86 -23.78 -1.55
N MET D 296 51.39 -22.54 -1.45
CA MET D 296 50.23 -22.08 -2.21
C MET D 296 50.70 -21.11 -3.29
N HIS D 297 50.34 -21.41 -4.53
CA HIS D 297 50.76 -20.64 -5.70
C HIS D 297 49.54 -19.93 -6.27
N LYS D 298 49.44 -18.63 -6.01
CA LYS D 298 48.30 -17.86 -6.49
C LYS D 298 48.29 -17.82 -8.02
N ILE D 299 47.08 -17.83 -8.59
CA ILE D 299 46.91 -17.73 -10.03
C ILE D 299 45.94 -16.59 -10.34
N PRO D 300 46.32 -15.66 -11.21
CA PRO D 300 45.40 -14.55 -11.53
C PRO D 300 44.14 -15.04 -12.22
N LEU D 301 43.05 -14.31 -11.99
CA LEU D 301 41.76 -14.58 -12.60
C LEU D 301 41.53 -13.54 -13.68
N HIS D 302 41.75 -13.92 -14.94
CA HIS D 302 41.64 -12.97 -16.03
C HIS D 302 40.18 -12.59 -16.31
N THR D 303 39.24 -13.50 -16.05
CA THR D 303 37.85 -13.23 -16.36
C THR D 303 37.17 -12.32 -15.33
N VAL D 304 37.83 -12.04 -14.20
CA VAL D 304 37.23 -11.17 -13.19
C VAL D 304 37.23 -9.73 -13.69
N ARG D 305 36.06 -9.09 -13.62
CA ARG D 305 35.95 -7.70 -14.05
C ARG D 305 36.83 -6.81 -13.18
N GLN D 306 37.46 -5.83 -13.82
CA GLN D 306 38.31 -4.90 -13.09
C GLN D 306 37.48 -3.98 -12.20
N PHE D 307 38.03 -3.65 -11.04
CA PHE D 307 37.40 -2.71 -10.12
C PHE D 307 38.41 -1.63 -9.74
N PHE D 308 38.00 -0.37 -9.88
CA PHE D 308 38.85 0.77 -9.56
C PHE D 308 38.10 1.67 -8.60
N MET D 309 38.67 1.86 -7.41
CA MET D 309 38.07 2.72 -6.39
C MET D 309 39.09 3.76 -5.96
N GLU D 310 38.66 5.02 -5.92
CA GLU D 310 39.48 6.11 -5.41
C GLU D 310 38.69 6.86 -4.35
N ASP D 311 39.31 7.12 -3.21
CA ASP D 311 38.69 7.86 -2.13
C ASP D 311 39.25 9.28 -2.12
N ILE D 312 38.38 10.26 -2.32
CA ILE D 312 38.76 11.67 -2.27
C ILE D 312 37.89 12.37 -1.24
N VAL D 313 38.47 13.31 -0.51
CA VAL D 313 37.75 14.15 0.43
C VAL D 313 37.99 15.60 0.05
N LEU D 314 36.94 16.41 0.13
CA LEU D 314 37.02 17.79 -0.32
C LEU D 314 37.62 18.73 0.72
N ALA D 315 37.72 18.29 1.98
CA ALA D 315 38.32 19.14 3.01
C ALA D 315 39.83 19.18 2.91
N ASN D 316 40.45 18.09 2.43
CA ASN D 316 41.91 18.01 2.38
C ASN D 316 42.50 18.58 1.10
N HIS D 317 41.67 19.13 0.20
CA HIS D 317 42.13 19.76 -1.03
C HIS D 317 41.61 21.20 -1.06
N PRO D 318 42.17 22.08 -0.23
CA PRO D 318 41.67 23.45 -0.17
C PRO D 318 42.22 24.37 -1.25
N ASP D 319 43.26 23.95 -1.97
CA ASP D 319 43.82 24.81 -3.01
C ASP D 319 42.82 25.01 -4.15
N ILE D 320 42.13 23.94 -4.56
CA ILE D 320 41.18 24.01 -5.65
C ILE D 320 39.74 24.07 -5.14
N PHE D 321 39.41 23.26 -4.13
CA PHE D 321 38.06 23.24 -3.56
C PHE D 321 37.98 24.28 -2.47
N ASN D 322 37.67 25.50 -2.86
CA ASN D 322 37.55 26.61 -1.91
C ASN D 322 36.13 26.66 -1.36
N PRO D 323 35.92 26.46 -0.07
CA PRO D 323 34.57 26.65 0.49
C PRO D 323 34.13 28.09 0.34
N ASP D 324 32.81 28.27 0.23
CA ASP D 324 32.19 29.58 0.03
C ASP D 324 32.68 30.22 -1.27
N ASN D 325 32.49 29.47 -2.36
CA ASN D 325 32.88 29.89 -3.69
C ASN D 325 31.69 29.82 -4.63
N PRO D 326 31.53 30.80 -5.53
CA PRO D 326 30.35 30.80 -6.42
C PRO D 326 30.28 29.57 -7.31
N LYS D 327 31.40 29.03 -7.77
CA LYS D 327 31.42 27.93 -8.72
C LYS D 327 32.33 26.81 -8.24
N VAL D 328 32.31 26.52 -6.94
CA VAL D 328 33.09 25.39 -6.44
C VAL D 328 32.51 24.07 -6.92
N THR D 329 31.20 24.02 -7.18
CA THR D 329 30.59 22.78 -7.65
C THR D 329 31.11 22.40 -9.03
N GLN D 330 31.30 23.38 -9.90
CA GLN D 330 31.87 23.09 -11.22
C GLN D 330 33.30 22.56 -11.10
N ALA D 331 34.08 23.13 -10.19
CA ALA D 331 35.44 22.63 -9.97
C ALA D 331 35.42 21.20 -9.45
N ILE D 332 34.53 20.90 -8.52
CA ILE D 332 34.42 19.53 -8.00
C ILE D 332 34.01 18.56 -9.10
N GLN D 333 33.04 18.96 -9.92
CA GLN D 333 32.62 18.10 -11.02
C GLN D 333 33.75 17.87 -12.02
N SER D 334 34.52 18.92 -12.32
CA SER D 334 35.65 18.76 -13.24
C SER D 334 36.70 17.83 -12.66
N PHE D 335 37.01 17.98 -11.36
CA PHE D 335 37.99 17.11 -10.73
C PHE D 335 37.53 15.66 -10.74
N CYS D 336 36.25 15.43 -10.43
CA CYS D 336 35.72 14.06 -10.45
C CYS D 336 35.73 13.49 -11.86
N LEU D 337 35.42 14.31 -12.85
CA LEU D 337 35.45 13.85 -14.24
C LEU D 337 36.87 13.47 -14.64
N GLU D 338 37.86 14.27 -14.26
CA GLU D 338 39.24 13.93 -14.56
C GLU D 338 39.67 12.65 -13.86
N LYS D 339 39.25 12.47 -12.61
CA LYS D 339 39.56 11.23 -11.89
C LYS D 339 38.95 10.02 -12.59
N ILE D 340 37.68 10.14 -13.01
CA ILE D 340 37.01 9.05 -13.71
C ILE D 340 37.72 8.75 -15.02
N GLU D 341 38.12 9.79 -15.75
CA GLU D 341 38.79 9.58 -17.03
C GLU D 341 40.14 8.91 -16.83
N GLU D 342 40.90 9.33 -15.81
CA GLU D 342 42.20 8.72 -15.57
C GLU D 342 42.06 7.27 -15.15
N MET D 343 41.04 6.95 -14.35
CA MET D 343 40.84 5.57 -13.93
C MET D 343 40.33 4.69 -15.07
N LEU D 344 39.48 5.25 -15.94
CA LEU D 344 39.06 4.51 -17.13
C LEU D 344 40.23 4.27 -18.08
N GLU D 345 41.10 5.26 -18.26
CA GLU D 345 42.28 5.08 -19.10
C GLU D 345 43.22 4.06 -18.49
N ASN D 346 43.36 4.06 -17.16
CA ASN D 346 44.15 3.03 -16.49
C ASN D 346 43.57 1.64 -16.75
N ALA D 347 42.24 1.52 -16.70
CA ALA D 347 41.60 0.26 -17.01
C ALA D 347 41.89 -0.16 -18.46
N GLU D 348 41.84 0.79 -19.38
CA GLU D 348 42.12 0.48 -20.78
C GLU D 348 43.55 0.01 -20.96
N ARG D 349 44.50 0.68 -20.31
CA ARG D 349 45.90 0.27 -20.42
C ARG D 349 46.12 -1.12 -19.82
N GLU D 350 45.51 -1.39 -18.66
CA GLU D 350 45.68 -2.69 -18.04
C GLU D 350 44.98 -3.79 -18.82
N ARG D 351 44.01 -3.45 -19.66
CA ARG D 351 43.26 -4.47 -20.40
C ARG D 351 44.12 -5.14 -21.46
N LEU D 352 44.95 -4.38 -22.17
CA LEU D 352 45.67 -4.93 -23.32
C LEU D 352 46.72 -5.97 -22.93
N GLY D 353 47.05 -6.07 -21.64
CA GLY D 353 47.95 -7.13 -21.20
C GLY D 353 47.37 -8.52 -21.31
N ASN D 354 46.06 -8.64 -21.46
CA ASN D 354 45.39 -9.92 -21.65
C ASN D 354 44.22 -9.71 -22.61
N SER D 355 43.39 -10.74 -22.78
CA SER D 355 42.28 -10.64 -23.70
C SER D 355 41.00 -11.28 -23.16
N HIS D 356 40.90 -11.49 -21.85
CA HIS D 356 39.75 -12.16 -21.26
C HIS D 356 38.90 -11.25 -20.38
N GLN D 357 39.46 -10.15 -19.90
CA GLN D 357 38.71 -9.25 -19.03
C GLN D 357 37.53 -8.66 -19.79
N PRO D 358 36.37 -8.53 -19.15
CA PRO D 358 35.25 -7.83 -19.80
C PRO D 358 35.61 -6.38 -20.06
N GLU D 359 35.08 -5.85 -21.17
CA GLU D 359 35.50 -4.54 -21.65
C GLU D 359 35.14 -3.43 -20.65
N LYS D 360 33.93 -3.48 -20.10
CA LYS D 360 33.48 -2.40 -19.23
C LYS D 360 33.98 -2.63 -17.82
N PRO D 361 34.79 -1.74 -17.26
CA PRO D 361 35.28 -1.92 -15.89
C PRO D 361 34.32 -1.33 -14.87
N LEU D 362 34.47 -1.80 -13.63
CA LEU D 362 33.72 -1.27 -12.50
C LEU D 362 34.51 -0.11 -11.92
N VAL D 363 34.03 1.11 -12.12
CA VAL D 363 34.74 2.30 -11.66
C VAL D 363 33.81 3.09 -10.75
N ARG D 364 34.34 3.56 -9.62
CA ARG D 364 33.56 4.31 -8.65
C ARG D 364 34.50 5.03 -7.71
N LEU D 365 34.19 6.29 -7.40
CA LEU D 365 34.92 7.05 -6.40
C LEU D 365 33.94 7.62 -5.38
N ARG D 366 34.42 7.78 -4.16
CA ARG D 366 33.63 8.31 -3.05
C ARG D 366 34.14 9.69 -2.68
N VAL D 367 33.22 10.64 -2.54
CA VAL D 367 33.54 12.01 -2.19
C VAL D 367 33.01 12.28 -0.78
N ASP D 368 33.78 13.03 0.01
CA ASP D 368 33.52 13.22 1.43
C ASP D 368 33.44 14.71 1.77
N TYR D 369 32.62 15.43 1.02
CA TYR D 369 32.42 16.86 1.29
C TYR D 369 31.89 17.05 2.70
N SER D 370 32.67 17.75 3.52
CA SER D 370 32.31 17.94 4.93
C SER D 370 32.44 19.39 5.35
N GLY D 371 33.28 20.15 4.65
CA GLY D 371 33.45 21.56 4.96
C GLY D 371 32.38 22.46 4.42
N GLY D 372 31.40 21.90 3.72
CA GLY D 372 30.32 22.66 3.13
C GLY D 372 30.45 22.73 1.62
N PHE D 373 29.74 21.86 0.93
CA PHE D 373 29.79 21.78 -0.53
C PHE D 373 28.46 21.26 -1.02
N GLU D 374 28.04 21.74 -2.18
CA GLU D 374 26.85 21.19 -2.84
C GLU D 374 27.29 20.14 -3.83
N PRO D 375 26.95 18.86 -3.62
CA PRO D 375 27.33 17.83 -4.59
C PRO D 375 26.69 18.09 -5.94
N PHE D 376 27.45 17.83 -7.00
CA PHE D 376 26.94 18.01 -8.35
C PHE D 376 25.91 16.94 -8.68
N SER D 377 25.13 17.20 -9.72
CA SER D 377 24.09 16.27 -10.14
C SER D 377 24.73 14.99 -10.64
N VAL D 378 24.69 13.99 -9.76
CA VAL D 378 25.32 12.69 -10.04
C VAL D 378 24.55 11.99 -11.15
N LEU D 379 23.46 12.55 -11.59
CA LEU D 379 22.64 11.85 -12.59
C LEU D 379 23.09 12.40 -13.93
N ARG D 380 23.77 13.54 -13.90
CA ARG D 380 24.29 14.14 -15.15
C ARG D 380 25.78 13.85 -15.25
N PHE D 381 26.44 13.56 -14.14
CA PHE D 381 27.85 13.17 -14.26
C PHE D 381 27.88 11.78 -14.84
N SER D 382 26.91 10.98 -14.46
CA SER D 382 26.97 9.56 -14.86
C SER D 382 26.13 9.24 -16.08
N GLN D 383 25.64 10.23 -16.80
CA GLN D 383 24.93 9.94 -18.07
C GLN D 383 25.99 10.04 -19.14
N LYS D 384 27.10 10.70 -18.82
CA LYS D 384 28.23 10.74 -19.74
C LYS D 384 28.95 9.40 -19.68
N PHE D 385 28.37 8.36 -19.06
CA PHE D 385 29.16 7.14 -18.95
C PHE D 385 28.27 5.91 -19.04
N VAL D 386 27.19 5.99 -19.82
CA VAL D 386 26.27 4.85 -19.92
C VAL D 386 26.97 3.65 -20.54
N ASP D 387 27.75 3.88 -21.60
CA ASP D 387 28.41 2.81 -22.34
C ASP D 387 29.92 2.78 -22.09
N ARG D 388 30.38 3.04 -20.88
CA ARG D 388 31.84 2.89 -20.63
C ARG D 388 32.12 2.40 -19.21
N VAL D 389 31.09 2.16 -18.41
CA VAL D 389 31.31 1.57 -17.09
C VAL D 389 30.27 0.49 -16.86
N ALA D 390 30.69 -0.59 -16.18
CA ALA D 390 29.80 -1.70 -15.91
C ALA D 390 28.75 -1.36 -14.86
N ASN D 391 28.93 -0.27 -14.10
CA ASN D 391 27.98 0.18 -13.09
C ASN D 391 27.61 1.63 -13.39
N PRO D 392 26.71 1.87 -14.33
CA PRO D 392 26.41 3.26 -14.74
C PRO D 392 25.80 4.11 -13.64
N LYS D 393 25.24 3.50 -12.58
CA LYS D 393 24.56 4.25 -11.53
C LYS D 393 25.44 4.52 -10.33
N ASP D 394 26.21 3.53 -9.88
CA ASP D 394 27.05 3.69 -8.70
C ASP D 394 28.46 4.18 -9.07
N ILE D 395 28.52 5.27 -9.81
CA ILE D 395 29.81 5.86 -10.18
C ILE D 395 30.31 6.81 -9.12
N ILE D 396 29.44 7.69 -8.62
CA ILE D 396 29.79 8.69 -7.63
C ILE D 396 29.01 8.40 -6.36
N HIS D 397 29.71 8.39 -5.23
CA HIS D 397 29.09 8.27 -3.91
C HIS D 397 29.39 9.53 -3.11
N PHE D 398 28.36 10.09 -2.49
CA PHE D 398 28.49 11.28 -1.66
C PHE D 398 28.13 10.93 -0.23
N PHE D 399 29.01 11.29 0.70
CA PHE D 399 28.77 11.02 2.11
C PHE D 399 29.47 12.08 2.94
N ARG D 400 29.05 12.20 4.19
CA ARG D 400 29.61 13.17 5.11
C ARG D 400 30.12 12.46 6.36
N HIS D 401 31.16 13.02 6.95
CA HIS D 401 31.74 12.51 8.20
C HIS D 401 32.16 11.04 8.06
N THR D 426 21.43 27.19 20.66
CA THR D 426 21.55 26.85 19.25
C THR D 426 20.39 27.46 18.45
N LEU D 427 19.62 26.58 17.80
CA LEU D 427 18.47 27.00 17.00
C LEU D 427 17.20 27.05 17.87
N ARG D 428 17.22 27.97 18.83
CA ARG D 428 16.09 28.12 19.75
C ARG D 428 14.97 28.92 19.11
N VAL D 429 13.73 28.49 19.36
CA VAL D 429 12.58 29.22 18.85
C VAL D 429 12.42 30.55 19.56
N GLU D 430 12.74 30.59 20.86
CA GLU D 430 12.53 31.81 21.64
C GLU D 430 13.36 32.97 21.09
N ASP D 431 14.64 32.71 20.79
CA ASP D 431 15.49 33.77 20.25
C ASP D 431 14.97 34.25 18.90
N LEU D 432 14.53 33.32 18.05
CA LEU D 432 14.04 33.70 16.73
C LEU D 432 12.78 34.56 16.83
N VAL D 433 11.84 34.15 17.69
CA VAL D 433 10.60 34.91 17.80
C VAL D 433 10.86 36.26 18.44
N LYS D 434 11.77 36.33 19.41
CA LYS D 434 12.11 37.63 19.99
C LYS D 434 12.76 38.55 18.96
N GLN D 435 13.69 38.01 18.16
CA GLN D 435 14.33 38.81 17.13
C GLN D 435 13.31 39.31 16.11
N TYR D 436 12.41 38.43 15.66
CA TYR D 436 11.41 38.86 14.70
C TYR D 436 10.46 39.90 15.30
N PHE D 437 10.07 39.73 16.56
CA PHE D 437 9.19 40.70 17.21
C PHE D 437 9.85 42.07 17.28
N GLN D 438 11.10 42.11 17.76
CA GLN D 438 11.76 43.41 17.91
C GLN D 438 12.03 44.04 16.55
N THR D 439 12.40 43.24 15.54
CA THR D 439 12.63 43.78 14.21
C THR D 439 11.35 44.34 13.61
N ALA D 440 10.23 43.62 13.76
CA ALA D 440 8.95 44.11 13.25
C ALA D 440 8.53 45.40 13.97
N GLU D 441 8.75 45.46 15.29
CA GLU D 441 8.39 46.67 16.03
C GLU D 441 9.25 47.85 15.59
N LYS D 442 10.54 47.62 15.35
CA LYS D 442 11.40 48.71 14.89
C LYS D 442 11.06 49.13 13.46
N ASN D 443 10.63 48.18 12.63
CA ASN D 443 10.33 48.49 11.24
C ASN D 443 9.03 49.27 11.11
N VAL D 444 7.93 48.68 11.54
CA VAL D 444 6.61 49.29 11.45
C VAL D 444 6.14 49.66 12.86
N GLN D 445 5.63 50.87 13.00
CA GLN D 445 5.12 51.33 14.29
C GLN D 445 3.78 50.68 14.58
N LEU D 446 3.48 50.53 15.87
CA LEU D 446 2.21 49.97 16.28
C LEU D 446 1.13 51.06 16.29
N SER D 447 -0.07 50.69 16.72
CA SER D 447 -1.20 51.61 16.80
C SER D 447 -1.66 51.87 18.22
N LEU D 448 -1.96 50.83 18.98
CA LEU D 448 -2.44 50.99 20.34
C LEU D 448 -1.63 50.12 21.30
N LEU D 449 -1.15 48.98 20.83
CA LEU D 449 -0.44 48.05 21.70
C LEU D 449 0.89 48.62 22.13
N THR D 450 1.21 48.46 23.41
CA THR D 450 2.48 48.93 23.94
C THR D 450 3.63 48.13 23.35
N GLU D 451 4.75 48.81 23.15
CA GLU D 451 5.92 48.15 22.58
C GLU D 451 6.50 47.13 23.56
N ARG D 452 6.90 45.98 23.03
CA ARG D 452 7.57 44.88 23.71
C ARG D 452 6.66 44.14 24.69
N GLY D 453 5.42 44.57 24.89
CA GLY D 453 4.54 43.91 25.82
C GLY D 453 4.09 42.53 25.39
N MET D 454 3.66 42.40 24.14
CA MET D 454 3.10 41.13 23.69
C MET D 454 4.17 40.08 23.45
N GLY D 455 5.41 40.48 23.21
CA GLY D 455 6.49 39.50 23.17
C GLY D 455 6.64 38.77 24.49
N GLU D 456 6.69 39.52 25.59
CA GLU D 456 6.71 38.89 26.90
C GLU D 456 5.40 38.18 27.20
N ALA D 457 4.29 38.68 26.66
CA ALA D 457 3.00 38.02 26.87
C ALA D 457 2.99 36.62 26.26
N VAL D 458 3.44 36.49 25.01
CA VAL D 458 3.48 35.19 24.37
C VAL D 458 4.58 34.32 24.99
N GLN D 459 5.67 34.92 25.47
CA GLN D 459 6.66 34.15 26.19
C GLN D 459 6.08 33.54 27.47
N GLU D 460 5.29 34.33 28.21
CA GLU D 460 4.61 33.81 29.39
C GLU D 460 3.59 32.74 29.02
N PHE D 461 2.89 32.93 27.90
CA PHE D 461 1.92 31.95 27.45
C PHE D 461 2.60 30.60 27.16
N VAL D 462 3.75 30.64 26.48
CA VAL D 462 4.42 29.40 26.11
C VAL D 462 5.07 28.75 27.33
N ASP D 463 5.82 29.55 28.11
CA ASP D 463 6.61 28.98 29.20
C ASP D 463 5.73 28.55 30.37
N LYS D 464 4.77 29.40 30.76
CA LYS D 464 3.93 29.12 31.90
C LYS D 464 2.65 28.37 31.52
N GLU D 465 2.49 28.01 30.25
CA GLU D 465 1.40 27.20 29.72
C GLU D 465 0.04 27.52 30.33
N GLU D 466 -0.29 28.80 30.44
CA GLU D 466 -1.59 29.24 30.94
C GLU D 466 -2.39 29.84 29.78
N LYS D 467 -3.71 29.61 29.81
CA LYS D 467 -4.59 30.03 28.73
C LYS D 467 -5.04 31.48 28.96
N ASP D 468 -4.06 32.37 28.91
CA ASP D 468 -4.27 33.79 29.18
C ASP D 468 -3.12 34.57 28.57
N ALA D 469 -3.00 35.84 28.97
CA ALA D 469 -1.87 36.72 28.67
C ALA D 469 -1.86 37.18 27.21
N ILE D 470 -2.77 36.65 26.40
CA ILE D 470 -2.96 37.11 25.02
C ILE D 470 -4.26 37.89 24.89
N GLU D 471 -5.39 37.25 25.21
CA GLU D 471 -6.64 37.99 25.30
C GLU D 471 -6.64 38.89 26.53
N GLU D 472 -5.83 38.53 27.52
CA GLU D 472 -5.72 39.39 28.71
C GLU D 472 -4.84 40.59 28.37
N LEU D 473 -3.70 40.40 27.72
CA LEU D 473 -2.91 41.60 27.34
C LEU D 473 -3.81 42.50 26.48
N VAL D 474 -4.49 41.95 25.46
CA VAL D 474 -5.43 42.74 24.63
C VAL D 474 -6.45 43.43 25.53
N LYS D 475 -7.15 42.69 26.38
CA LYS D 475 -8.16 43.29 27.29
C LYS D 475 -7.57 44.47 28.06
N TYR D 476 -6.47 44.22 28.77
CA TYR D 476 -5.83 45.26 29.61
C TYR D 476 -5.59 46.43 28.76
N GLN D 477 -4.86 46.24 27.70
CA GLN D 477 -4.52 47.42 26.88
C GLN D 477 -5.79 48.06 26.37
N LEU D 478 -6.75 47.30 25.84
CA LEU D 478 -7.94 48.00 25.27
C LEU D 478 -8.57 48.86 26.37
N GLU D 479 -8.79 48.32 27.56
CA GLU D 479 -9.53 49.11 28.58
C GLU D 479 -8.67 50.27 29.08
N LYS D 480 -7.39 50.09 29.23
CA LYS D 480 -6.64 51.30 29.64
C LYS D 480 -6.90 52.38 28.60
N THR D 481 -6.67 52.08 27.34
CA THR D 481 -6.74 53.15 26.33
C THR D 481 -8.16 53.73 26.25
N GLN D 482 -9.18 52.88 26.18
CA GLN D 482 -10.60 53.33 26.12
C GLN D 482 -10.87 54.24 27.32
N ARG D 483 -10.62 53.72 28.52
CA ARG D 483 -10.81 54.55 29.72
C ARG D 483 -10.19 55.92 29.46
N PHE D 484 -8.89 55.98 29.25
CA PHE D 484 -8.25 57.31 29.17
C PHE D 484 -9.03 58.13 28.14
N LEU D 485 -9.18 57.64 26.91
CA LEU D 485 -9.84 58.39 25.81
C LEU D 485 -11.16 58.98 26.28
N LYS D 486 -11.93 58.30 27.12
CA LYS D 486 -13.15 58.97 27.66
C LYS D 486 -12.80 60.07 28.67
N GLU D 487 -12.17 59.76 29.82
CA GLU D 487 -11.93 60.75 30.87
C GLU D 487 -11.41 62.07 30.29
N ARG D 488 -10.71 62.02 29.16
CA ARG D 488 -10.13 63.23 28.60
C ARG D 488 -11.12 64.02 27.74
N HIS D 489 -12.37 63.54 27.62
CA HIS D 489 -13.45 64.28 26.95
C HIS D 489 -13.07 64.59 25.49
N ILE D 490 -13.03 63.54 24.68
CA ILE D 490 -12.61 63.64 23.29
C ILE D 490 -13.83 63.53 22.38
N ASP D 491 -13.97 64.49 21.46
CA ASP D 491 -15.11 64.52 20.56
C ASP D 491 -15.10 63.27 19.67
N ALA D 492 -16.31 62.78 19.38
CA ALA D 492 -16.47 61.54 18.63
C ALA D 492 -16.36 61.83 17.14
N LEU D 493 -15.14 61.70 16.62
CA LEU D 493 -14.88 61.83 15.19
C LEU D 493 -13.83 60.78 14.82
N GLU D 494 -13.27 60.92 13.62
CA GLU D 494 -12.39 59.88 13.08
C GLU D 494 -10.92 60.15 13.39
N ASP D 495 -10.41 61.31 12.98
CA ASP D 495 -8.98 61.57 13.07
C ASP D 495 -8.53 61.84 14.51
N LYS D 496 -9.32 62.62 15.25
CA LYS D 496 -8.86 63.10 16.56
C LYS D 496 -8.66 61.95 17.54
N ILE D 497 -9.52 60.94 17.49
CA ILE D 497 -9.41 59.84 18.44
C ILE D 497 -8.11 59.07 18.22
N ASP D 498 -7.77 58.77 16.96
CA ASP D 498 -6.53 58.05 16.72
C ASP D 498 -5.32 58.93 16.98
N GLU D 499 -5.44 60.24 16.72
CA GLU D 499 -4.34 61.14 17.06
C GLU D 499 -4.04 61.11 18.55
N GLU D 500 -5.09 61.17 19.37
CA GLU D 500 -4.85 61.18 20.81
C GLU D 500 -4.45 59.80 21.32
N VAL D 501 -4.95 58.72 20.72
CA VAL D 501 -4.47 57.40 21.15
C VAL D 501 -2.99 57.25 20.80
N ARG D 502 -2.55 57.82 19.68
CA ARG D 502 -1.13 57.81 19.36
C ARG D 502 -0.34 58.64 20.37
N ARG D 503 -0.87 59.81 20.75
CA ARG D 503 -0.18 60.62 21.76
C ARG D 503 -0.06 59.88 23.08
N PHE D 504 -1.13 59.19 23.49
CA PHE D 504 -1.10 58.42 24.73
C PHE D 504 -0.13 57.25 24.63
N ARG D 505 -0.01 56.66 23.44
CA ARG D 505 0.94 55.57 23.26
C ARG D 505 2.38 56.05 23.38
N GLU D 506 2.68 57.25 22.87
CA GLU D 506 4.04 57.76 22.89
C GLU D 506 4.52 58.11 24.30
N THR D 507 3.61 58.34 25.24
CA THR D 507 4.02 58.67 26.60
C THR D 507 4.55 57.46 27.36
N ARG D 508 4.43 56.26 26.80
CA ARG D 508 5.02 55.09 27.44
C ARG D 508 6.53 55.17 27.49
N GLN D 509 7.15 55.86 26.52
CA GLN D 509 8.58 56.05 26.52
C GLN D 509 8.93 57.54 26.67
#